data_6RW3
#
_entry.id   6RW3
#
_cell.length_a   73.740
_cell.length_b   189.450
_cell.length_c   136.890
_cell.angle_alpha   90.000
_cell.angle_beta   96.430
_cell.angle_gamma   90.000
#
_symmetry.space_group_name_H-M   'P 1 21 1'
#
loop_
_entity.id
_entity.type
_entity.pdbx_description
1 polymer 'Hexose transporter 1'
2 non-polymer alpha-D-glucopyranose
3 non-polymer beta-D-glucopyranose
#
_entity_poly.entity_id   1
_entity_poly.type   'polypeptide(L)'
_entity_poly.pdbx_seq_one_letter_code
;MEKEDSGFFSTSFKYVLSACIASFIFGYQVSVLNTIKNFIVVEFEWCKGEKDRLNCSNNTIQSSFLLASVFIGAVLGCGF
SGYLVQFGRRLSLLIIYNFFFLVSILTSITHHFHTILFARLLSGFGIGLVTVSVPMYISEMTHKDKKGAYGVMHQLFITF
GIFVAVMLGLAMGEGPKADSTEPLTSFAKLWWRLMFLFPSVISLIGILALVVFFKEETPYFLFEKGRIEESKNILKKIYE
TDNVDEPLNAIKEAVEQNESAKKNSLSLLSALKIPSYRYVIILGCLLSGLQQFTGINVLVSNSNELYKEFLDSHLITILS
VVMTAVNFLMTFPAIYIVEKLGRKTLLLWGCVGVLVAYLPTAIANEINRNSNFVKILSIVATFVMIISFAVSYGPVLWIY
LHEMFPSEIKDSAASLASLVNWVCAIIVVFPSDIIIKKSPSILFIVFSVMSILTFFFIFFFIKETKGGEIGTSPYITMEE
RQKHMTKSVVENLYFQ
;
_entity_poly.pdbx_strand_id   A,B,C,D
#
loop_
_chem_comp.id
_chem_comp.type
_chem_comp.name
_chem_comp.formula
BGC D-saccharide, beta linking beta-D-glucopyranose 'C6 H12 O6'
GLC D-saccharide, alpha linking alpha-D-glucopyranose 'C6 H12 O6'
#
# COMPACT_ATOMS: atom_id res chain seq x y z
N PHE A 8 -53.50 -43.78 -7.09
CA PHE A 8 -52.30 -43.24 -6.45
C PHE A 8 -52.41 -43.28 -4.91
N PHE A 9 -51.26 -43.45 -4.24
CA PHE A 9 -51.08 -43.44 -2.79
C PHE A 9 -50.18 -42.25 -2.40
N SER A 10 -50.75 -41.26 -1.68
CA SER A 10 -50.12 -39.99 -1.34
C SER A 10 -48.83 -40.09 -0.53
N THR A 11 -48.43 -41.31 -0.11
CA THR A 11 -47.16 -41.51 0.59
C THR A 11 -45.98 -41.21 -0.38
N SER A 12 -46.17 -41.40 -1.71
CA SER A 12 -45.16 -41.05 -2.70
C SER A 12 -44.94 -39.53 -2.68
N PHE A 13 -46.04 -38.75 -2.71
CA PHE A 13 -46.03 -37.29 -2.66
C PHE A 13 -45.53 -36.76 -1.32
N LYS A 14 -45.85 -37.49 -0.23
CA LYS A 14 -45.48 -37.18 1.14
C LYS A 14 -43.96 -36.99 1.25
N TYR A 15 -43.19 -37.92 0.65
CA TYR A 15 -41.73 -37.84 0.65
C TYR A 15 -41.22 -36.74 -0.27
N VAL A 16 -41.98 -36.37 -1.31
CA VAL A 16 -41.62 -35.29 -2.23
C VAL A 16 -41.73 -33.93 -1.53
N LEU A 17 -42.83 -33.70 -0.82
CA LEU A 17 -43.06 -32.46 -0.09
C LEU A 17 -42.00 -32.20 0.99
N SER A 18 -41.56 -33.27 1.70
CA SER A 18 -40.55 -33.21 2.77
C SER A 18 -39.19 -32.77 2.26
N ALA A 19 -38.87 -33.18 1.04
CA ALA A 19 -37.64 -32.77 0.39
C ALA A 19 -37.81 -31.37 -0.24
N CYS A 20 -39.05 -30.98 -0.58
CA CYS A 20 -39.39 -29.70 -1.18
C CYS A 20 -39.24 -28.52 -0.23
N ILE A 21 -39.11 -28.77 1.08
CA ILE A 21 -38.85 -27.70 2.05
C ILE A 21 -37.51 -27.05 1.72
N ALA A 22 -36.54 -27.86 1.28
CA ALA A 22 -35.25 -27.39 0.87
C ALA A 22 -35.33 -26.57 -0.43
N SER A 23 -36.33 -26.84 -1.30
CA SER A 23 -36.55 -26.06 -2.52
C SER A 23 -37.11 -24.69 -2.17
N PHE A 24 -37.91 -24.62 -1.11
CA PHE A 24 -38.47 -23.36 -0.64
C PHE A 24 -37.38 -22.50 0.03
N ILE A 25 -36.40 -23.13 0.69
CA ILE A 25 -35.28 -22.42 1.31
C ILE A 25 -34.35 -21.84 0.23
N PHE A 26 -34.24 -22.53 -0.92
CA PHE A 26 -33.44 -22.09 -2.05
C PHE A 26 -34.07 -20.81 -2.62
N GLY A 27 -35.33 -20.91 -3.04
CA GLY A 27 -36.05 -19.81 -3.65
C GLY A 27 -36.14 -18.58 -2.80
N TYR A 28 -36.29 -18.76 -1.48
CA TYR A 28 -36.37 -17.64 -0.55
C TYR A 28 -35.00 -17.01 -0.40
N GLN A 29 -33.94 -17.83 -0.29
CA GLN A 29 -32.59 -17.30 -0.17
C GLN A 29 -32.19 -16.50 -1.40
N VAL A 30 -32.66 -16.92 -2.59
CA VAL A 30 -32.35 -16.24 -3.85
C VAL A 30 -32.83 -14.78 -3.89
N SER A 31 -34.04 -14.52 -3.42
CA SER A 31 -34.62 -13.19 -3.51
C SER A 31 -34.91 -12.48 -2.21
N VAL A 32 -34.35 -12.95 -1.08
CA VAL A 32 -34.63 -12.28 0.18
C VAL A 32 -33.85 -10.98 0.23
N LEU A 33 -32.54 -11.03 0.02
CA LEU A 33 -31.70 -9.84 0.00
C LEU A 33 -32.03 -8.92 -1.18
N ASN A 34 -32.44 -9.51 -2.30
CA ASN A 34 -32.76 -8.77 -3.52
C ASN A 34 -33.97 -7.87 -3.38
N THR A 35 -34.79 -8.01 -2.31
CA THR A 35 -35.95 -7.14 -2.08
C THR A 35 -35.63 -6.09 -1.03
N ILE A 36 -35.02 -6.52 0.09
CA ILE A 36 -34.68 -5.58 1.18
C ILE A 36 -33.23 -5.07 1.06
N LYS A 37 -32.68 -5.03 -0.18
CA LYS A 37 -31.31 -4.59 -0.48
C LYS A 37 -31.11 -3.16 -0.07
N ASN A 38 -32.09 -2.30 -0.36
CA ASN A 38 -32.03 -0.89 -0.05
C ASN A 38 -31.95 -0.65 1.45
N PHE A 39 -32.67 -1.45 2.25
CA PHE A 39 -32.66 -1.33 3.71
C PHE A 39 -31.24 -1.50 4.27
N ILE A 40 -30.52 -2.52 3.79
CA ILE A 40 -29.16 -2.84 4.25
C ILE A 40 -28.17 -1.73 3.88
N VAL A 41 -28.44 -1.01 2.78
CA VAL A 41 -27.59 0.09 2.34
C VAL A 41 -27.59 1.19 3.39
N VAL A 42 -28.75 1.43 4.05
CA VAL A 42 -28.95 2.46 5.07
C VAL A 42 -27.91 2.31 6.19
N GLU A 43 -27.70 1.08 6.66
CA GLU A 43 -26.70 0.81 7.70
C GLU A 43 -25.28 0.86 7.12
N PHE A 44 -25.05 0.04 6.06
CA PHE A 44 -23.78 -0.11 5.35
C PHE A 44 -23.16 1.28 4.94
N GLU A 45 -23.71 1.99 3.94
CA GLU A 45 -23.18 3.30 3.56
C GLU A 45 -24.29 4.27 3.16
N CYS A 56 -26.34 4.32 -3.67
CA CYS A 56 -25.68 4.31 -4.97
C CYS A 56 -24.14 4.52 -4.86
N SER A 57 -23.42 4.51 -6.01
CA SER A 57 -21.96 4.68 -6.12
C SER A 57 -21.20 3.35 -5.78
N ASN A 58 -20.36 3.33 -4.73
CA ASN A 58 -19.64 2.15 -4.25
C ASN A 58 -20.61 1.07 -3.79
N ASN A 59 -21.81 1.46 -3.28
CA ASN A 59 -22.83 0.48 -2.87
C ASN A 59 -23.27 -0.31 -4.09
N THR A 60 -23.44 0.34 -5.23
CA THR A 60 -23.83 -0.33 -6.46
C THR A 60 -22.78 -1.41 -6.83
N ILE A 61 -21.50 -1.06 -6.69
CA ILE A 61 -20.39 -1.97 -6.96
C ILE A 61 -20.38 -3.12 -5.96
N GLN A 62 -20.44 -2.81 -4.65
CA GLN A 62 -20.46 -3.81 -3.58
C GLN A 62 -21.64 -4.74 -3.72
N SER A 63 -22.80 -4.20 -4.06
CA SER A 63 -24.00 -4.98 -4.18
C SER A 63 -23.88 -5.99 -5.32
N SER A 64 -23.24 -5.59 -6.43
CA SER A 64 -23.03 -6.50 -7.54
C SER A 64 -22.07 -7.62 -7.12
N PHE A 65 -21.02 -7.29 -6.34
CA PHE A 65 -20.08 -8.29 -5.80
C PHE A 65 -20.81 -9.28 -4.90
N LEU A 66 -21.70 -8.75 -4.09
CA LEU A 66 -22.47 -9.53 -3.15
C LEU A 66 -23.41 -10.49 -3.88
N LEU A 67 -24.04 -10.03 -4.97
CA LEU A 67 -24.91 -10.83 -5.84
C LEU A 67 -24.14 -12.01 -6.43
N ALA A 68 -22.89 -11.76 -6.83
CA ALA A 68 -22.05 -12.75 -7.44
C ALA A 68 -21.68 -13.84 -6.47
N SER A 69 -21.43 -13.51 -5.19
CA SER A 69 -21.04 -14.51 -4.21
C SER A 69 -22.01 -15.70 -4.11
N VAL A 70 -23.29 -15.41 -4.34
CA VAL A 70 -24.30 -16.46 -4.32
C VAL A 70 -24.16 -17.33 -5.56
N PHE A 71 -23.88 -16.74 -6.72
CA PHE A 71 -23.67 -17.47 -7.95
C PHE A 71 -22.36 -18.24 -7.92
N ILE A 72 -21.30 -17.67 -7.35
CA ILE A 72 -20.01 -18.34 -7.20
C ILE A 72 -20.11 -19.44 -6.16
N GLY A 73 -20.88 -19.23 -5.11
CA GLY A 73 -21.10 -20.24 -4.10
C GLY A 73 -21.94 -21.38 -4.61
N ALA A 74 -22.97 -21.07 -5.41
CA ALA A 74 -23.84 -22.10 -5.99
C ALA A 74 -23.11 -22.99 -6.97
N VAL A 75 -22.05 -22.48 -7.59
CA VAL A 75 -21.20 -23.28 -8.44
C VAL A 75 -20.52 -24.32 -7.52
N LEU A 76 -19.92 -23.86 -6.42
CA LEU A 76 -19.25 -24.71 -5.45
C LEU A 76 -20.21 -25.63 -4.69
N GLY A 77 -21.49 -25.28 -4.66
CA GLY A 77 -22.50 -26.10 -4.03
C GLY A 77 -22.90 -27.24 -4.94
N CYS A 78 -23.15 -26.89 -6.20
CA CYS A 78 -23.43 -27.88 -7.22
C CYS A 78 -22.27 -28.85 -7.42
N GLY A 79 -21.06 -28.39 -7.13
CA GLY A 79 -19.87 -29.21 -7.22
C GLY A 79 -19.78 -30.16 -6.05
N PHE A 80 -20.00 -29.66 -4.83
CA PHE A 80 -19.90 -30.48 -3.64
C PHE A 80 -21.01 -31.49 -3.49
N SER A 81 -22.21 -31.16 -4.00
CA SER A 81 -23.36 -32.07 -3.91
C SER A 81 -23.22 -33.36 -4.73
N GLY A 82 -21.99 -33.71 -5.08
CA GLY A 82 -21.62 -34.95 -5.75
C GLY A 82 -20.88 -35.79 -4.72
N TYR A 83 -19.84 -35.20 -4.11
CA TYR A 83 -19.04 -35.84 -3.05
C TYR A 83 -19.98 -36.15 -1.86
N LEU A 84 -20.95 -35.25 -1.61
CA LEU A 84 -21.92 -35.36 -0.53
C LEU A 84 -22.96 -36.43 -0.85
N VAL A 85 -23.61 -36.37 -2.02
CA VAL A 85 -24.63 -37.33 -2.41
C VAL A 85 -24.11 -38.78 -2.46
N GLN A 86 -22.79 -38.95 -2.51
CA GLN A 86 -22.15 -40.27 -2.48
C GLN A 86 -22.42 -41.00 -1.14
N PHE A 87 -22.59 -40.20 -0.07
CA PHE A 87 -22.93 -40.72 1.25
C PHE A 87 -24.47 -40.92 1.45
N GLY A 88 -25.24 -40.61 0.41
CA GLY A 88 -26.69 -40.79 0.37
C GLY A 88 -27.49 -39.51 0.35
N ARG A 89 -28.66 -39.53 -0.29
CA ARG A 89 -29.60 -38.40 -0.31
C ARG A 89 -30.25 -38.20 1.07
N ARG A 90 -30.03 -39.16 2.01
CA ARG A 90 -30.38 -39.17 3.41
C ARG A 90 -29.63 -37.96 4.02
N LEU A 91 -28.30 -38.08 4.16
CA LEU A 91 -27.48 -37.03 4.70
C LEU A 91 -27.47 -35.82 3.82
N SER A 92 -27.48 -35.99 2.50
CA SER A 92 -27.45 -34.87 1.54
C SER A 92 -28.52 -33.82 1.78
N LEU A 93 -29.74 -34.25 2.05
CA LEU A 93 -30.81 -33.31 2.30
C LEU A 93 -30.74 -32.88 3.72
N LEU A 94 -30.64 -33.81 4.66
CA LEU A 94 -30.54 -33.51 6.08
C LEU A 94 -29.52 -32.40 6.44
N ILE A 95 -28.34 -32.46 5.82
CA ILE A 95 -27.22 -31.54 6.02
C ILE A 95 -27.58 -30.14 5.59
N ILE A 96 -28.29 -29.98 4.46
CA ILE A 96 -28.69 -28.67 3.97
C ILE A 96 -29.56 -27.94 4.95
N TYR A 97 -30.46 -28.65 5.61
CA TYR A 97 -31.36 -28.06 6.59
C TYR A 97 -30.61 -27.56 7.81
N ASN A 98 -29.54 -28.26 8.22
CA ASN A 98 -28.74 -27.82 9.37
C ASN A 98 -27.90 -26.65 8.98
N PHE A 99 -27.32 -26.71 7.78
CA PHE A 99 -26.48 -25.68 7.23
C PHE A 99 -27.25 -24.40 7.08
N PHE A 100 -28.35 -24.46 6.33
CA PHE A 100 -29.22 -23.32 6.08
C PHE A 100 -29.82 -22.72 7.35
N PHE A 101 -29.98 -23.51 8.41
CA PHE A 101 -30.47 -22.98 9.69
C PHE A 101 -29.35 -22.13 10.30
N LEU A 102 -28.09 -22.61 10.25
CA LEU A 102 -26.96 -21.89 10.80
C LEU A 102 -26.50 -20.73 9.92
N VAL A 103 -26.73 -20.79 8.60
CA VAL A 103 -26.40 -19.67 7.71
C VAL A 103 -27.40 -18.54 7.97
N SER A 104 -28.68 -18.88 8.10
CA SER A 104 -29.73 -17.93 8.41
C SER A 104 -29.50 -17.22 9.75
N ILE A 105 -28.82 -17.86 10.71
CA ILE A 105 -28.50 -17.22 11.98
C ILE A 105 -27.39 -16.19 11.73
N LEU A 106 -26.40 -16.54 10.88
CA LEU A 106 -25.30 -15.65 10.57
C LEU A 106 -25.75 -14.48 9.71
N THR A 107 -26.56 -14.75 8.66
CA THR A 107 -27.05 -13.69 7.77
C THR A 107 -27.83 -12.64 8.60
N SER A 108 -28.66 -13.12 9.54
CA SER A 108 -29.45 -12.22 10.35
C SER A 108 -28.61 -11.31 11.20
N ILE A 109 -27.44 -11.75 11.70
CA ILE A 109 -26.58 -10.83 12.46
C ILE A 109 -25.77 -10.00 11.45
N THR A 110 -26.29 -8.82 11.21
CA THR A 110 -25.77 -7.96 10.17
C THR A 110 -25.10 -6.74 10.67
N HIS A 111 -23.87 -6.56 10.22
CA HIS A 111 -23.07 -5.38 10.45
C HIS A 111 -21.97 -5.42 9.38
N HIS A 112 -22.07 -4.52 8.40
CA HIS A 112 -21.13 -4.37 7.30
C HIS A 112 -21.32 -5.35 6.16
N PHE A 113 -20.73 -5.01 4.99
CA PHE A 113 -20.77 -5.81 3.77
C PHE A 113 -20.02 -7.11 3.93
N HIS A 114 -18.84 -7.06 4.57
CA HIS A 114 -17.99 -8.25 4.74
C HIS A 114 -18.70 -9.46 5.32
N THR A 115 -19.42 -9.24 6.42
CA THR A 115 -20.17 -10.25 7.13
C THR A 115 -21.24 -10.84 6.24
N ILE A 116 -22.04 -10.00 5.60
CA ILE A 116 -23.17 -10.44 4.79
C ILE A 116 -22.74 -10.99 3.42
N LEU A 117 -21.53 -10.66 2.96
CA LEU A 117 -21.03 -11.20 1.71
C LEU A 117 -20.72 -12.67 1.95
N PHE A 118 -19.99 -12.99 3.03
CA PHE A 118 -19.60 -14.35 3.44
C PHE A 118 -20.80 -15.18 3.82
N ALA A 119 -21.73 -14.56 4.53
CA ALA A 119 -22.95 -15.21 4.92
C ALA A 119 -23.77 -15.55 3.66
N ARG A 120 -23.90 -14.61 2.73
CA ARG A 120 -24.63 -14.86 1.49
C ARG A 120 -23.81 -15.67 0.45
N LEU A 121 -22.57 -16.03 0.78
CA LEU A 121 -21.74 -16.91 -0.05
C LEU A 121 -22.11 -18.34 0.28
N LEU A 122 -22.32 -18.65 1.57
CA LEU A 122 -22.80 -19.92 2.06
C LEU A 122 -24.29 -20.07 1.79
N SER A 123 -25.07 -18.98 1.79
CA SER A 123 -26.46 -19.01 1.31
C SER A 123 -26.50 -19.40 -0.19
N GLY A 124 -25.34 -19.43 -0.84
CA GLY A 124 -25.18 -19.80 -2.23
C GLY A 124 -24.63 -21.22 -2.31
N PHE A 125 -23.69 -21.56 -1.44
CA PHE A 125 -23.16 -22.91 -1.35
C PHE A 125 -24.27 -23.87 -0.96
N GLY A 126 -25.07 -23.47 0.00
CA GLY A 126 -26.23 -24.23 0.42
C GLY A 126 -27.22 -24.38 -0.73
N ILE A 127 -27.53 -23.27 -1.41
CA ILE A 127 -28.44 -23.21 -2.56
C ILE A 127 -27.99 -24.17 -3.65
N GLY A 128 -26.69 -24.25 -3.85
CA GLY A 128 -26.10 -25.12 -4.84
C GLY A 128 -26.45 -26.56 -4.56
N LEU A 129 -26.26 -27.00 -3.31
CA LEU A 129 -26.56 -28.35 -2.84
C LEU A 129 -28.01 -28.71 -3.15
N VAL A 130 -28.94 -27.78 -2.93
CA VAL A 130 -30.35 -27.99 -3.21
C VAL A 130 -30.57 -28.30 -4.69
N THR A 131 -29.94 -27.53 -5.57
CA THR A 131 -30.11 -27.73 -7.00
C THR A 131 -29.68 -29.14 -7.48
N VAL A 132 -28.80 -29.83 -6.75
CA VAL A 132 -28.40 -31.18 -7.14
C VAL A 132 -29.13 -32.20 -6.32
N SER A 133 -29.19 -31.98 -5.01
CA SER A 133 -29.75 -32.91 -4.03
C SER A 133 -31.26 -33.15 -4.09
N VAL A 134 -32.11 -32.11 -4.04
CA VAL A 134 -33.56 -32.30 -4.05
C VAL A 134 -34.10 -32.92 -5.35
N PRO A 135 -33.74 -32.47 -6.56
CA PRO A 135 -34.28 -33.10 -7.77
C PRO A 135 -33.91 -34.58 -7.87
N MET A 136 -32.73 -34.93 -7.33
CA MET A 136 -32.22 -36.30 -7.31
C MET A 136 -33.03 -37.17 -6.37
N TYR A 137 -33.40 -36.63 -5.21
CA TYR A 137 -34.23 -37.30 -4.22
C TYR A 137 -35.60 -37.65 -4.85
N ILE A 138 -36.25 -36.68 -5.50
CA ILE A 138 -37.54 -36.89 -6.12
C ILE A 138 -37.44 -37.93 -7.24
N SER A 139 -36.46 -37.74 -8.13
CA SER A 139 -36.23 -38.63 -9.26
C SER A 139 -35.95 -40.07 -8.82
N GLU A 140 -35.34 -40.24 -7.65
CA GLU A 140 -34.98 -41.55 -7.14
C GLU A 140 -35.99 -42.18 -6.22
N MET A 141 -37.22 -41.62 -6.10
CA MET A 141 -38.21 -42.28 -5.25
C MET A 141 -39.60 -42.36 -5.92
N THR A 142 -39.90 -41.47 -6.89
CA THR A 142 -41.20 -41.53 -7.58
C THR A 142 -41.21 -42.53 -8.73
N HIS A 143 -42.39 -43.06 -9.06
CA HIS A 143 -42.62 -44.02 -10.16
C HIS A 143 -42.21 -43.42 -11.50
N LYS A 144 -41.79 -44.28 -12.44
CA LYS A 144 -41.39 -43.88 -13.80
C LYS A 144 -42.43 -42.97 -14.49
N ASP A 145 -43.72 -43.31 -14.34
CA ASP A 145 -44.83 -42.61 -14.96
C ASP A 145 -45.20 -41.28 -14.30
N LYS A 146 -44.85 -41.12 -13.02
CA LYS A 146 -45.15 -39.90 -12.27
C LYS A 146 -43.90 -39.03 -11.96
N LYS A 147 -42.73 -39.46 -12.43
CA LYS A 147 -41.42 -38.85 -12.21
C LYS A 147 -41.36 -37.35 -12.52
N GLY A 148 -41.96 -36.95 -13.63
CA GLY A 148 -41.94 -35.56 -14.07
C GLY A 148 -42.76 -34.62 -13.23
N ALA A 149 -44.02 -34.99 -12.95
CA ALA A 149 -44.90 -34.12 -12.16
C ALA A 149 -44.35 -33.92 -10.75
N TYR A 150 -43.85 -34.99 -10.15
CA TYR A 150 -43.30 -34.93 -8.81
C TYR A 150 -41.97 -34.17 -8.82
N GLY A 151 -41.20 -34.27 -9.89
CA GLY A 151 -39.99 -33.49 -10.05
C GLY A 151 -40.32 -32.02 -10.21
N VAL A 152 -41.48 -31.70 -10.86
CA VAL A 152 -42.00 -30.35 -11.07
C VAL A 152 -42.22 -29.64 -9.70
N MET A 153 -42.52 -30.42 -8.64
CA MET A 153 -42.71 -29.91 -7.29
C MET A 153 -41.50 -29.12 -6.83
N HIS A 154 -40.28 -29.58 -7.19
CA HIS A 154 -39.02 -28.89 -6.88
C HIS A 154 -39.06 -27.42 -7.31
N GLN A 155 -39.48 -27.16 -8.56
CA GLN A 155 -39.59 -25.78 -9.05
C GLN A 155 -40.79 -25.06 -8.43
N LEU A 156 -41.91 -25.78 -8.22
CA LEU A 156 -43.11 -25.22 -7.62
C LEU A 156 -42.84 -24.57 -6.26
N PHE A 157 -41.83 -25.07 -5.53
CA PHE A 157 -41.44 -24.51 -4.24
C PHE A 157 -40.25 -23.53 -4.35
N ILE A 158 -39.50 -23.57 -5.45
CA ILE A 158 -38.47 -22.57 -5.74
C ILE A 158 -39.20 -21.25 -6.01
N THR A 159 -40.23 -21.30 -6.87
CA THR A 159 -41.05 -20.16 -7.25
C THR A 159 -41.81 -19.62 -6.06
N PHE A 160 -42.35 -20.52 -5.23
CA PHE A 160 -43.06 -20.16 -4.00
C PHE A 160 -42.11 -19.46 -3.02
N GLY A 161 -40.85 -19.88 -2.98
CA GLY A 161 -39.84 -19.27 -2.13
C GLY A 161 -39.57 -17.84 -2.55
N ILE A 162 -39.53 -17.58 -3.84
CA ILE A 162 -39.27 -16.25 -4.38
C ILE A 162 -40.39 -15.27 -4.01
N PHE A 163 -41.66 -15.65 -4.27
CA PHE A 163 -42.83 -14.84 -3.99
C PHE A 163 -43.01 -14.53 -2.50
N VAL A 164 -42.81 -15.55 -1.62
CA VAL A 164 -42.90 -15.41 -0.15
C VAL A 164 -41.99 -14.28 0.33
N ALA A 165 -40.74 -14.27 -0.16
CA ALA A 165 -39.75 -13.25 0.15
C ALA A 165 -40.23 -11.86 -0.23
N VAL A 166 -40.94 -11.74 -1.37
CA VAL A 166 -41.44 -10.45 -1.82
C VAL A 166 -42.59 -9.99 -0.96
N MET A 167 -43.51 -10.90 -0.61
CA MET A 167 -44.66 -10.54 0.22
C MET A 167 -44.29 -10.23 1.66
N LEU A 168 -43.24 -10.90 2.17
CA LEU A 168 -42.71 -10.71 3.51
C LEU A 168 -41.97 -9.38 3.60
N GLY A 169 -41.20 -9.04 2.58
CA GLY A 169 -40.38 -7.83 2.60
C GLY A 169 -41.17 -6.56 2.38
N LEU A 170 -41.94 -6.57 1.31
CA LEU A 170 -42.79 -5.43 0.99
C LEU A 170 -43.87 -5.25 2.06
N ALA A 171 -44.04 -6.21 3.01
CA ALA A 171 -44.91 -6.04 4.16
C ALA A 171 -44.37 -4.86 5.02
N MET A 172 -43.04 -4.67 5.08
CA MET A 172 -42.48 -3.54 5.82
C MET A 172 -42.39 -2.23 4.97
N GLY A 173 -42.38 -2.38 3.64
CA GLY A 173 -42.31 -1.32 2.62
C GLY A 173 -42.53 0.12 3.02
N GLU A 174 -43.70 0.40 3.60
CA GLU A 174 -44.08 1.71 4.11
C GLU A 174 -45.22 1.57 5.12
N THR A 185 -37.03 3.57 9.89
CA THR A 185 -37.97 2.97 10.85
C THR A 185 -37.24 2.04 11.79
N SER A 186 -37.56 2.12 13.08
CA SER A 186 -36.99 1.31 14.15
C SER A 186 -37.58 -0.09 14.15
N PHE A 187 -38.89 -0.20 13.91
CA PHE A 187 -39.53 -1.51 13.81
C PHE A 187 -39.30 -2.17 12.42
N ALA A 188 -38.42 -1.57 11.59
CA ALA A 188 -37.98 -2.09 10.29
C ALA A 188 -36.59 -2.70 10.44
N LYS A 189 -35.69 -2.03 11.18
CA LYS A 189 -34.34 -2.53 11.47
C LYS A 189 -34.38 -3.86 12.23
N LEU A 190 -35.46 -4.12 12.98
CA LEU A 190 -35.69 -5.35 13.72
C LEU A 190 -36.59 -6.31 12.91
N TRP A 191 -36.89 -6.01 11.62
CA TRP A 191 -37.74 -6.79 10.73
C TRP A 191 -36.96 -7.42 9.60
N TRP A 192 -36.22 -6.63 8.80
CA TRP A 192 -35.42 -7.23 7.70
C TRP A 192 -34.34 -8.21 8.24
N ARG A 193 -34.00 -8.07 9.53
CA ARG A 193 -33.12 -8.95 10.29
C ARG A 193 -33.90 -10.27 10.50
N LEU A 194 -35.19 -10.14 10.93
CA LEU A 194 -36.14 -11.25 11.13
C LEU A 194 -36.52 -11.97 9.80
N MET A 195 -36.20 -11.37 8.64
CA MET A 195 -36.47 -11.91 7.32
C MET A 195 -35.38 -12.88 6.93
N PHE A 196 -34.12 -12.52 7.20
CA PHE A 196 -32.97 -13.39 6.96
C PHE A 196 -33.01 -14.61 7.88
N LEU A 197 -33.58 -14.45 9.07
CA LEU A 197 -33.71 -15.50 10.07
C LEU A 197 -34.88 -16.44 9.73
N PHE A 198 -35.85 -16.03 8.91
CA PHE A 198 -37.01 -16.85 8.54
C PHE A 198 -36.66 -18.26 8.00
N PRO A 199 -35.70 -18.41 7.08
CA PRO A 199 -35.39 -19.76 6.60
C PRO A 199 -34.78 -20.66 7.66
N SER A 200 -34.29 -20.12 8.80
CA SER A 200 -33.74 -20.97 9.87
C SER A 200 -34.88 -21.73 10.56
N VAL A 201 -36.05 -21.10 10.66
CA VAL A 201 -37.23 -21.71 11.25
C VAL A 201 -37.78 -22.75 10.27
N ILE A 202 -37.79 -22.44 8.99
CA ILE A 202 -38.20 -23.36 7.93
C ILE A 202 -37.28 -24.59 7.90
N SER A 203 -35.97 -24.37 8.09
CA SER A 203 -34.98 -25.43 8.15
C SER A 203 -35.17 -26.25 9.41
N LEU A 204 -35.51 -25.61 10.52
CA LEU A 204 -35.82 -26.30 11.77
C LEU A 204 -37.08 -27.15 11.64
N ILE A 205 -38.02 -26.74 10.75
CA ILE A 205 -39.24 -27.49 10.45
C ILE A 205 -38.81 -28.69 9.60
N GLY A 206 -38.08 -28.43 8.53
CA GLY A 206 -37.65 -29.46 7.62
C GLY A 206 -36.76 -30.51 8.26
N ILE A 207 -35.91 -30.12 9.21
CA ILE A 207 -35.01 -31.04 9.89
C ILE A 207 -35.78 -31.98 10.81
N LEU A 208 -36.73 -31.43 11.55
CA LEU A 208 -37.57 -32.23 12.43
C LEU A 208 -38.63 -32.99 11.64
N ALA A 209 -38.98 -32.54 10.43
CA ALA A 209 -39.87 -33.22 9.51
C ALA A 209 -39.17 -34.44 8.92
N LEU A 210 -37.83 -34.42 8.84
CA LEU A 210 -37.09 -35.55 8.33
C LEU A 210 -36.59 -36.41 9.50
N VAL A 211 -37.52 -36.71 10.37
CA VAL A 211 -37.50 -37.59 11.53
C VAL A 211 -38.79 -38.49 11.40
N VAL A 212 -39.87 -37.94 10.83
CA VAL A 212 -41.09 -38.60 10.40
C VAL A 212 -40.79 -39.27 8.99
N PHE A 213 -39.88 -38.65 8.16
CA PHE A 213 -39.52 -39.16 6.83
C PHE A 213 -38.13 -39.76 6.70
N PHE A 214 -37.11 -39.05 7.20
CA PHE A 214 -35.74 -39.49 7.05
C PHE A 214 -35.28 -40.53 8.04
N LYS A 215 -35.99 -41.61 8.04
CA LYS A 215 -35.64 -42.88 8.62
C LYS A 215 -35.43 -43.88 7.42
N GLU A 216 -35.64 -43.42 6.14
CA GLU A 216 -35.53 -44.14 4.88
C GLU A 216 -34.87 -43.26 3.81
N GLU A 217 -34.00 -43.87 3.01
CA GLU A 217 -33.32 -43.21 1.90
C GLU A 217 -33.81 -43.85 0.57
N THR A 218 -33.83 -43.10 -0.55
CA THR A 218 -34.29 -43.58 -1.87
C THR A 218 -33.75 -44.95 -2.28
N PRO A 219 -34.61 -45.78 -2.92
CA PRO A 219 -34.21 -47.15 -3.31
C PRO A 219 -32.95 -47.30 -4.15
N TYR A 220 -32.47 -46.22 -4.78
CA TYR A 220 -31.22 -46.28 -5.54
C TYR A 220 -29.98 -46.51 -4.64
N PHE A 221 -30.17 -46.51 -3.31
CA PHE A 221 -29.13 -46.83 -2.34
C PHE A 221 -28.74 -48.33 -2.35
N LEU A 222 -29.37 -49.15 -3.21
CA LEU A 222 -29.07 -50.56 -3.35
C LEU A 222 -27.60 -50.72 -3.79
N PHE A 223 -27.11 -49.82 -4.67
CA PHE A 223 -25.75 -49.87 -5.19
C PHE A 223 -24.70 -49.52 -4.14
N GLU A 224 -25.00 -48.54 -3.26
CA GLU A 224 -24.05 -48.16 -2.21
C GLU A 224 -24.11 -49.18 -1.07
N LYS A 225 -25.31 -49.48 -0.57
CA LYS A 225 -25.47 -50.45 0.50
C LYS A 225 -26.40 -51.56 0.08
N GLY A 226 -25.97 -52.79 0.31
CA GLY A 226 -26.74 -53.98 -0.04
C GLY A 226 -27.92 -54.26 0.88
N ARG A 227 -28.58 -53.20 1.37
CA ARG A 227 -29.77 -53.30 2.21
C ARG A 227 -30.95 -53.47 1.23
N ILE A 228 -31.08 -54.67 0.68
CA ILE A 228 -32.08 -54.99 -0.33
C ILE A 228 -33.48 -55.02 0.27
N GLU A 229 -33.61 -55.57 1.48
CA GLU A 229 -34.89 -55.63 2.18
C GLU A 229 -35.36 -54.22 2.56
N GLU A 230 -34.42 -53.33 2.92
CA GLU A 230 -34.77 -51.94 3.22
C GLU A 230 -35.23 -51.26 1.92
N SER A 231 -34.53 -51.50 0.80
CA SER A 231 -34.84 -50.96 -0.53
C SER A 231 -36.23 -51.39 -1.01
N LYS A 232 -36.61 -52.62 -0.69
CA LYS A 232 -37.92 -53.16 -1.03
C LYS A 232 -38.98 -52.41 -0.23
N ASN A 233 -38.74 -52.24 1.07
CA ASN A 233 -39.64 -51.56 1.98
C ASN A 233 -39.81 -50.07 1.70
N ILE A 234 -39.00 -49.49 0.79
CA ILE A 234 -39.18 -48.11 0.42
C ILE A 234 -40.35 -48.07 -0.55
N LEU A 235 -40.26 -48.79 -1.70
CA LEU A 235 -41.32 -48.84 -2.71
C LEU A 235 -42.60 -49.49 -2.20
N LYS A 236 -42.48 -50.34 -1.17
CA LYS A 236 -43.60 -51.01 -0.50
C LYS A 236 -44.47 -50.02 0.26
N LYS A 237 -43.93 -48.82 0.64
CA LYS A 237 -44.68 -47.79 1.35
C LYS A 237 -45.09 -46.68 0.37
N ILE A 238 -44.22 -46.38 -0.63
CA ILE A 238 -44.45 -45.36 -1.65
C ILE A 238 -45.79 -45.59 -2.36
N TYR A 239 -45.99 -46.77 -2.97
CA TYR A 239 -47.26 -47.07 -3.63
C TYR A 239 -48.14 -48.06 -2.86
N GLU A 240 -47.73 -48.43 -1.63
CA GLU A 240 -48.38 -49.40 -0.72
C GLU A 240 -48.60 -50.77 -1.39
N THR A 241 -47.71 -51.15 -2.30
CA THR A 241 -47.75 -52.43 -3.00
C THR A 241 -46.74 -53.36 -2.35
N ASP A 242 -47.25 -54.44 -1.76
CA ASP A 242 -46.40 -55.42 -1.09
C ASP A 242 -45.56 -56.23 -2.10
N ASN A 243 -46.03 -56.39 -3.34
CA ASN A 243 -45.25 -57.06 -4.37
C ASN A 243 -44.70 -56.02 -5.34
N VAL A 244 -43.49 -55.53 -5.04
CA VAL A 244 -42.83 -54.54 -5.88
C VAL A 244 -41.71 -55.19 -6.69
N ASP A 245 -42.02 -56.35 -7.28
CA ASP A 245 -41.09 -57.09 -8.12
C ASP A 245 -40.73 -56.33 -9.40
N GLU A 246 -41.60 -55.40 -9.85
CA GLU A 246 -41.40 -54.63 -11.08
C GLU A 246 -40.35 -53.50 -10.95
N PRO A 247 -40.49 -52.53 -10.02
CA PRO A 247 -39.49 -51.44 -9.95
C PRO A 247 -38.19 -51.84 -9.28
N LEU A 248 -38.19 -52.87 -8.41
CA LEU A 248 -36.96 -53.31 -7.73
C LEU A 248 -36.07 -54.17 -8.60
N ASN A 249 -36.67 -54.92 -9.53
CA ASN A 249 -35.88 -55.65 -10.51
C ASN A 249 -35.40 -54.71 -11.62
N ALA A 250 -36.09 -53.57 -11.84
CA ALA A 250 -35.69 -52.50 -12.74
C ALA A 250 -34.51 -51.74 -12.11
N ILE A 251 -34.53 -51.54 -10.77
CA ILE A 251 -33.47 -50.92 -9.99
C ILE A 251 -32.27 -51.87 -9.94
N LYS A 252 -32.49 -53.19 -9.83
CA LYS A 252 -31.44 -54.20 -9.83
C LYS A 252 -30.62 -54.15 -11.14
N GLU A 253 -31.30 -53.95 -12.28
CA GLU A 253 -30.66 -53.86 -13.61
C GLU A 253 -29.84 -52.58 -13.76
N ALA A 254 -30.30 -51.49 -13.13
CA ALA A 254 -29.64 -50.19 -13.10
C ALA A 254 -28.44 -50.22 -12.11
N VAL A 255 -28.53 -51.00 -11.02
CA VAL A 255 -27.50 -51.15 -10.00
C VAL A 255 -26.37 -52.06 -10.51
N GLU A 256 -26.72 -53.12 -11.24
CA GLU A 256 -25.72 -54.03 -11.83
C GLU A 256 -24.90 -53.32 -12.91
N GLN A 257 -25.51 -52.34 -13.60
CA GLN A 257 -24.81 -51.51 -14.58
C GLN A 257 -23.77 -50.62 -13.86
N ASN A 258 -24.08 -50.20 -12.62
CA ASN A 258 -23.20 -49.40 -11.78
C ASN A 258 -22.08 -50.27 -11.24
N GLU A 259 -22.43 -51.43 -10.63
CA GLU A 259 -21.52 -52.43 -10.05
C GLU A 259 -20.40 -52.79 -11.01
N SER A 260 -20.73 -52.88 -12.29
CA SER A 260 -19.79 -53.20 -13.35
C SER A 260 -18.86 -52.01 -13.65
N ALA A 261 -19.44 -50.82 -13.88
CA ALA A 261 -18.69 -49.61 -14.18
C ALA A 261 -17.66 -49.24 -13.11
N LYS A 262 -17.91 -49.59 -11.85
CA LYS A 262 -16.97 -49.31 -10.76
C LYS A 262 -15.72 -50.19 -10.89
N LYS A 263 -15.91 -51.45 -11.33
CA LYS A 263 -14.83 -52.38 -11.61
C LYS A 263 -14.09 -51.95 -12.90
N ASN A 264 -14.85 -51.47 -13.89
CA ASN A 264 -14.37 -50.85 -15.14
C ASN A 264 -13.52 -49.59 -14.79
N SER A 265 -13.86 -48.92 -13.65
CA SER A 265 -13.32 -47.71 -13.07
C SER A 265 -13.58 -46.55 -13.98
N LEU A 266 -14.88 -46.31 -14.27
CA LEU A 266 -15.25 -45.17 -15.09
C LEU A 266 -15.12 -43.92 -14.28
N SER A 267 -14.11 -43.14 -14.63
CA SER A 267 -13.69 -41.90 -13.98
C SER A 267 -14.81 -40.84 -13.84
N LEU A 268 -14.50 -39.72 -13.15
CA LEU A 268 -15.37 -38.54 -13.02
C LEU A 268 -15.67 -38.03 -14.43
N LEU A 269 -14.62 -37.96 -15.28
CA LEU A 269 -14.73 -37.60 -16.66
C LEU A 269 -15.12 -38.88 -17.43
N SER A 270 -14.23 -39.41 -18.30
CA SER A 270 -14.42 -40.49 -19.26
C SER A 270 -15.54 -40.19 -20.26
N ALA A 271 -16.31 -39.09 -20.06
CA ALA A 271 -17.37 -38.63 -20.93
C ALA A 271 -16.70 -38.12 -22.22
N LEU A 272 -15.69 -37.25 -22.09
CA LEU A 272 -14.97 -36.71 -23.24
C LEU A 272 -14.12 -37.80 -23.91
N LYS A 273 -13.68 -38.80 -23.15
CA LYS A 273 -12.86 -39.91 -23.63
C LYS A 273 -13.69 -40.87 -24.49
N ILE A 274 -14.92 -41.18 -24.05
CA ILE A 274 -15.85 -42.10 -24.74
C ILE A 274 -16.89 -41.32 -25.56
N PRO A 275 -16.93 -41.48 -26.89
CA PRO A 275 -17.93 -40.73 -27.68
C PRO A 275 -19.37 -41.07 -27.33
N SER A 276 -19.61 -42.30 -26.85
CA SER A 276 -20.92 -42.79 -26.44
C SER A 276 -21.44 -42.06 -25.20
N TYR A 277 -20.51 -41.59 -24.34
CA TYR A 277 -20.79 -40.86 -23.12
C TYR A 277 -20.65 -39.33 -23.28
N ARG A 278 -19.99 -38.87 -24.36
CA ARG A 278 -19.81 -37.44 -24.61
C ARG A 278 -21.13 -36.84 -25.02
N TYR A 279 -21.87 -37.52 -25.92
CA TYR A 279 -23.17 -37.07 -26.41
C TYR A 279 -24.16 -36.81 -25.28
N VAL A 280 -23.99 -37.42 -24.10
CA VAL A 280 -24.94 -37.21 -23.00
C VAL A 280 -24.47 -36.13 -22.04
N ILE A 281 -23.17 -36.12 -21.71
CA ILE A 281 -22.64 -35.14 -20.78
C ILE A 281 -22.64 -33.73 -21.40
N ILE A 282 -22.24 -33.63 -22.67
CA ILE A 282 -22.19 -32.35 -23.36
C ILE A 282 -23.59 -31.83 -23.59
N LEU A 283 -24.53 -32.68 -24.05
CA LEU A 283 -25.91 -32.24 -24.24
C LEU A 283 -26.59 -31.89 -22.93
N GLY A 284 -26.23 -32.62 -21.86
CA GLY A 284 -26.77 -32.37 -20.53
C GLY A 284 -26.31 -31.03 -19.99
N CYS A 285 -25.02 -30.74 -20.15
CA CYS A 285 -24.45 -29.48 -19.70
C CYS A 285 -24.97 -28.33 -20.56
N LEU A 286 -25.14 -28.55 -21.87
CA LEU A 286 -25.62 -27.57 -22.82
C LEU A 286 -27.04 -27.17 -22.52
N LEU A 287 -27.94 -28.13 -22.26
CA LEU A 287 -29.32 -27.80 -21.95
C LEU A 287 -29.41 -27.05 -20.63
N SER A 288 -28.65 -27.47 -19.61
CA SER A 288 -28.65 -26.81 -18.31
C SER A 288 -28.15 -25.38 -18.39
N GLY A 289 -27.14 -25.17 -19.19
CA GLY A 289 -26.56 -23.85 -19.37
C GLY A 289 -27.48 -22.93 -20.15
N LEU A 290 -28.17 -23.48 -21.17
CA LEU A 290 -29.10 -22.74 -22.02
C LEU A 290 -30.34 -22.24 -21.25
N GLN A 291 -30.56 -22.72 -20.02
CA GLN A 291 -31.66 -22.24 -19.22
C GLN A 291 -31.42 -20.79 -18.84
N GLN A 292 -30.18 -20.46 -18.48
CA GLN A 292 -29.83 -19.09 -18.10
C GLN A 292 -29.81 -18.16 -19.30
N PHE A 293 -29.51 -18.67 -20.51
CA PHE A 293 -29.50 -17.89 -21.76
C PHE A 293 -30.92 -17.69 -22.28
N THR A 294 -31.77 -17.29 -21.36
CA THR A 294 -33.18 -16.98 -21.48
C THR A 294 -33.44 -15.63 -20.80
N GLY A 295 -32.71 -15.31 -19.74
CA GLY A 295 -32.84 -14.05 -19.05
C GLY A 295 -33.81 -14.13 -17.89
N ILE A 296 -33.81 -15.26 -17.18
CA ILE A 296 -34.69 -15.42 -16.04
C ILE A 296 -34.11 -14.70 -14.84
N ASN A 297 -32.85 -14.99 -14.49
CA ASN A 297 -32.19 -14.38 -13.33
C ASN A 297 -31.86 -12.89 -13.49
N VAL A 298 -32.08 -12.34 -14.69
CA VAL A 298 -31.94 -10.92 -14.93
C VAL A 298 -33.18 -10.23 -14.29
N LEU A 299 -34.36 -10.90 -14.36
CA LEU A 299 -35.63 -10.47 -13.78
C LEU A 299 -35.79 -10.86 -12.30
N VAL A 300 -34.96 -11.79 -11.81
CA VAL A 300 -34.97 -12.24 -10.43
C VAL A 300 -34.11 -11.30 -9.56
N SER A 301 -32.81 -11.15 -9.90
CA SER A 301 -31.88 -10.33 -9.15
C SER A 301 -32.04 -8.81 -9.37
N ASN A 302 -32.69 -8.37 -10.47
CA ASN A 302 -32.88 -6.95 -10.73
C ASN A 302 -34.34 -6.57 -10.91
N SER A 303 -35.21 -7.19 -10.09
CA SER A 303 -36.64 -6.93 -10.09
C SER A 303 -36.92 -5.48 -9.67
N ASN A 304 -36.30 -5.02 -8.57
CA ASN A 304 -36.48 -3.65 -8.06
C ASN A 304 -35.56 -2.60 -8.75
N GLU A 305 -34.64 -3.06 -9.62
CA GLU A 305 -33.65 -2.22 -10.28
C GLU A 305 -33.94 -1.93 -11.75
N LEU A 306 -34.30 -2.96 -12.53
CA LEU A 306 -34.55 -2.80 -13.97
C LEU A 306 -35.77 -1.96 -14.31
N TYR A 307 -36.77 -1.95 -13.42
CA TYR A 307 -38.00 -1.18 -13.64
C TYR A 307 -37.84 0.31 -13.24
N LYS A 308 -36.76 0.66 -12.50
CA LYS A 308 -36.45 2.03 -12.08
C LYS A 308 -36.12 2.95 -13.28
N GLU A 309 -35.73 2.36 -14.44
CA GLU A 309 -35.41 3.08 -15.67
C GLU A 309 -36.51 4.07 -16.07
N PHE A 310 -37.79 3.69 -15.91
CA PHE A 310 -38.89 4.60 -16.14
C PHE A 310 -39.94 4.53 -15.03
N LEU A 311 -40.38 3.32 -14.66
CA LEU A 311 -41.42 3.15 -13.64
C LEU A 311 -41.01 3.58 -12.22
N ASP A 312 -41.94 4.29 -11.52
CA ASP A 312 -41.78 4.83 -10.16
C ASP A 312 -41.64 3.74 -9.08
N SER A 313 -41.20 4.13 -7.86
CA SER A 313 -41.04 3.21 -6.72
C SER A 313 -42.34 2.54 -6.28
N HIS A 314 -43.46 3.22 -6.47
CA HIS A 314 -44.77 2.68 -6.13
C HIS A 314 -45.17 1.61 -7.15
N LEU A 315 -44.81 1.81 -8.43
CA LEU A 315 -45.09 0.90 -9.54
C LEU A 315 -44.20 -0.32 -9.50
N ILE A 316 -42.90 -0.13 -9.15
CA ILE A 316 -41.91 -1.21 -9.07
C ILE A 316 -42.40 -2.33 -8.14
N THR A 317 -42.84 -1.96 -6.94
CA THR A 317 -43.33 -2.91 -5.93
C THR A 317 -44.55 -3.70 -6.38
N ILE A 318 -45.40 -3.10 -7.22
CA ILE A 318 -46.58 -3.79 -7.73
C ILE A 318 -46.20 -4.76 -8.86
N LEU A 319 -45.52 -4.27 -9.90
CA LEU A 319 -45.10 -5.08 -11.05
C LEU A 319 -44.21 -6.25 -10.68
N SER A 320 -43.57 -6.19 -9.51
CA SER A 320 -42.71 -7.27 -9.04
C SER A 320 -43.51 -8.27 -8.22
N VAL A 321 -44.36 -7.80 -7.27
CA VAL A 321 -45.18 -8.72 -6.47
C VAL A 321 -46.14 -9.51 -7.35
N VAL A 322 -46.61 -8.93 -8.46
CA VAL A 322 -47.48 -9.63 -9.39
C VAL A 322 -46.66 -10.64 -10.19
N MET A 323 -45.47 -10.24 -10.63
CA MET A 323 -44.57 -11.08 -11.40
C MET A 323 -44.21 -12.38 -10.71
N THR A 324 -43.77 -12.33 -9.43
CA THR A 324 -43.40 -13.55 -8.70
C THR A 324 -44.62 -14.40 -8.39
N ALA A 325 -45.81 -13.77 -8.20
CA ALA A 325 -47.05 -14.50 -7.98
C ALA A 325 -47.41 -15.27 -9.24
N VAL A 326 -47.26 -14.63 -10.43
CA VAL A 326 -47.50 -15.22 -11.74
C VAL A 326 -46.51 -16.36 -11.96
N ASN A 327 -45.24 -16.12 -11.64
CA ASN A 327 -44.15 -17.09 -11.75
C ASN A 327 -44.44 -18.34 -10.90
N PHE A 328 -44.99 -18.14 -9.72
CA PHE A 328 -45.33 -19.26 -8.84
C PHE A 328 -46.56 -19.98 -9.39
N LEU A 329 -47.59 -19.24 -9.80
CA LEU A 329 -48.81 -19.82 -10.32
C LEU A 329 -48.62 -20.60 -11.62
N MET A 330 -47.74 -20.11 -12.50
CA MET A 330 -47.47 -20.76 -13.78
C MET A 330 -46.69 -22.05 -13.68
N THR A 331 -46.10 -22.35 -12.51
CA THR A 331 -45.42 -23.62 -12.33
C THR A 331 -46.45 -24.77 -12.16
N PHE A 332 -47.68 -24.45 -11.68
CA PHE A 332 -48.73 -25.45 -11.52
C PHE A 332 -49.14 -26.13 -12.83
N PRO A 333 -49.44 -25.40 -13.94
CA PRO A 333 -49.81 -26.09 -15.18
C PRO A 333 -48.76 -27.09 -15.68
N ALA A 334 -47.49 -26.85 -15.34
CA ALA A 334 -46.41 -27.73 -15.75
C ALA A 334 -46.51 -29.12 -15.14
N ILE A 335 -47.10 -29.23 -13.93
CA ILE A 335 -47.25 -30.50 -13.21
C ILE A 335 -47.95 -31.55 -14.06
N TYR A 336 -49.13 -31.22 -14.60
CA TYR A 336 -49.90 -32.17 -15.37
C TYR A 336 -49.43 -32.30 -16.84
N ILE A 337 -49.01 -31.19 -17.47
CA ILE A 337 -48.61 -31.25 -18.88
C ILE A 337 -47.18 -31.79 -19.11
N VAL A 338 -46.43 -32.09 -18.04
CA VAL A 338 -45.09 -32.65 -18.19
C VAL A 338 -45.14 -34.15 -18.52
N GLU A 339 -46.22 -34.84 -18.12
CA GLU A 339 -46.40 -36.24 -18.45
C GLU A 339 -47.25 -36.43 -19.71
N LYS A 340 -48.16 -35.48 -20.00
CA LYS A 340 -49.02 -35.51 -21.18
C LYS A 340 -48.19 -35.26 -22.45
N LEU A 341 -47.61 -34.05 -22.56
CA LEU A 341 -46.79 -33.64 -23.69
C LEU A 341 -45.42 -34.31 -23.66
N GLY A 342 -44.86 -34.43 -22.47
CA GLY A 342 -43.52 -34.95 -22.30
C GLY A 342 -42.58 -33.86 -21.84
N ARG A 343 -41.29 -34.03 -22.07
CA ARG A 343 -40.29 -33.06 -21.68
C ARG A 343 -39.83 -32.28 -22.90
N LYS A 344 -39.61 -32.98 -24.03
CA LYS A 344 -39.18 -32.35 -25.27
C LYS A 344 -40.27 -31.48 -25.87
N THR A 345 -41.53 -31.89 -25.74
CA THR A 345 -42.65 -31.11 -26.29
C THR A 345 -42.84 -29.80 -25.52
N LEU A 346 -42.66 -29.84 -24.20
CA LEU A 346 -42.79 -28.66 -23.36
C LEU A 346 -41.63 -27.71 -23.58
N LEU A 347 -40.39 -28.24 -23.67
CA LEU A 347 -39.20 -27.43 -23.87
C LEU A 347 -39.31 -26.55 -25.12
N LEU A 348 -39.79 -27.12 -26.23
CA LEU A 348 -39.95 -26.40 -27.50
C LEU A 348 -40.96 -25.28 -27.39
N TRP A 349 -42.08 -25.51 -26.68
CA TRP A 349 -43.11 -24.49 -26.47
C TRP A 349 -42.60 -23.30 -25.68
N GLY A 350 -41.70 -23.54 -24.74
CA GLY A 350 -41.08 -22.50 -23.94
C GLY A 350 -40.16 -21.61 -24.77
N CYS A 351 -39.48 -22.21 -25.74
CA CYS A 351 -38.64 -21.48 -26.67
C CYS A 351 -39.46 -20.68 -27.68
N VAL A 352 -40.73 -21.05 -27.91
CA VAL A 352 -41.61 -20.33 -28.81
C VAL A 352 -42.11 -19.07 -28.11
N GLY A 353 -42.62 -19.22 -26.90
CA GLY A 353 -43.16 -18.11 -26.11
C GLY A 353 -42.15 -17.05 -25.75
N VAL A 354 -40.88 -17.45 -25.63
CA VAL A 354 -39.80 -16.53 -25.32
C VAL A 354 -39.43 -15.68 -26.55
N LEU A 355 -39.62 -16.20 -27.77
CA LEU A 355 -39.41 -15.45 -29.01
C LEU A 355 -40.49 -14.40 -29.17
N VAL A 356 -41.73 -14.73 -28.78
CA VAL A 356 -42.87 -13.80 -28.81
C VAL A 356 -42.75 -12.74 -27.69
N ALA A 357 -41.91 -12.97 -26.67
CA ALA A 357 -41.70 -12.03 -25.59
C ALA A 357 -40.49 -11.13 -25.86
N TYR A 358 -39.45 -11.64 -26.56
CA TYR A 358 -38.22 -10.89 -26.81
C TYR A 358 -38.18 -10.15 -28.15
N LEU A 359 -38.40 -10.84 -29.28
CA LEU A 359 -38.32 -10.24 -30.62
C LEU A 359 -39.30 -9.07 -30.86
N PRO A 360 -40.60 -9.13 -30.46
CA PRO A 360 -41.48 -7.98 -30.65
C PRO A 360 -41.06 -6.75 -29.85
N THR A 361 -40.36 -6.94 -28.73
CA THR A 361 -39.87 -5.81 -27.94
C THR A 361 -38.51 -5.33 -28.43
N ALA A 362 -37.73 -6.18 -29.11
CA ALA A 362 -36.40 -5.87 -29.64
C ALA A 362 -36.40 -4.86 -30.78
N ILE A 363 -37.30 -5.02 -31.75
CA ILE A 363 -37.36 -4.11 -32.88
C ILE A 363 -38.12 -2.82 -32.52
N ALA A 364 -39.01 -2.88 -31.51
CA ALA A 364 -39.81 -1.74 -31.06
C ALA A 364 -38.99 -0.57 -30.53
N ASN A 365 -37.80 -0.85 -29.98
CA ASN A 365 -36.96 0.19 -29.39
C ASN A 365 -35.73 0.55 -30.24
N GLU A 366 -35.73 0.19 -31.54
CA GLU A 366 -34.58 0.49 -32.41
C GLU A 366 -34.44 2.00 -32.63
N ASN A 372 -46.49 5.14 -25.57
CA ASN A 372 -47.65 4.28 -25.33
C ASN A 372 -47.57 2.97 -26.14
N PHE A 373 -46.86 2.97 -27.29
CA PHE A 373 -46.69 1.81 -28.19
C PHE A 373 -45.70 0.80 -27.59
N VAL A 374 -44.63 1.30 -26.97
CA VAL A 374 -43.59 0.45 -26.36
C VAL A 374 -43.87 0.24 -24.85
N LYS A 375 -44.70 1.12 -24.23
CA LYS A 375 -45.12 1.00 -22.83
C LYS A 375 -46.02 -0.23 -22.64
N ILE A 376 -46.83 -0.58 -23.66
CA ILE A 376 -47.68 -1.77 -23.64
C ILE A 376 -46.80 -3.01 -23.79
N LEU A 377 -45.80 -2.95 -24.69
CA LEU A 377 -44.83 -4.01 -24.95
C LEU A 377 -43.93 -4.30 -23.74
N SER A 378 -43.84 -3.36 -22.78
CA SER A 378 -43.09 -3.49 -21.55
C SER A 378 -43.79 -4.50 -20.63
N ILE A 379 -45.14 -4.46 -20.57
CA ILE A 379 -45.98 -5.36 -19.79
C ILE A 379 -46.02 -6.75 -20.46
N VAL A 380 -45.96 -6.78 -21.80
CA VAL A 380 -45.90 -8.02 -22.57
C VAL A 380 -44.58 -8.73 -22.24
N ALA A 381 -43.48 -7.99 -22.18
CA ALA A 381 -42.17 -8.54 -21.81
C ALA A 381 -42.13 -9.02 -20.36
N THR A 382 -42.81 -8.29 -19.49
CA THR A 382 -42.92 -8.51 -18.07
C THR A 382 -43.52 -9.89 -17.79
N PHE A 383 -44.62 -10.22 -18.46
CA PHE A 383 -45.33 -11.44 -18.15
C PHE A 383 -45.21 -12.53 -19.19
N VAL A 384 -45.19 -12.25 -20.51
CA VAL A 384 -45.10 -13.34 -21.51
C VAL A 384 -43.87 -14.23 -21.27
N MET A 385 -42.73 -13.62 -20.92
CA MET A 385 -41.51 -14.38 -20.63
C MET A 385 -41.63 -15.18 -19.32
N ILE A 386 -42.21 -14.56 -18.27
CA ILE A 386 -42.38 -15.20 -16.97
C ILE A 386 -43.32 -16.39 -17.09
N ILE A 387 -44.43 -16.19 -17.80
CA ILE A 387 -45.48 -17.18 -18.06
C ILE A 387 -44.93 -18.37 -18.81
N SER A 388 -44.20 -18.13 -19.91
CA SER A 388 -43.62 -19.21 -20.69
C SER A 388 -42.47 -19.93 -19.98
N PHE A 389 -41.72 -19.24 -19.11
CA PHE A 389 -40.61 -19.87 -18.41
C PHE A 389 -41.06 -20.83 -17.31
N ALA A 390 -41.92 -20.38 -16.40
CA ALA A 390 -42.35 -21.16 -15.25
C ALA A 390 -43.13 -22.44 -15.59
N VAL A 391 -43.80 -22.46 -16.74
CA VAL A 391 -44.55 -23.66 -17.17
C VAL A 391 -43.69 -24.56 -18.05
N SER A 392 -42.68 -24.01 -18.73
CA SER A 392 -41.86 -24.77 -19.64
C SER A 392 -40.46 -25.08 -19.09
N TYR A 393 -39.41 -24.36 -19.51
CA TYR A 393 -38.02 -24.61 -19.22
C TYR A 393 -37.68 -24.74 -17.74
N GLY A 394 -38.15 -23.79 -16.94
CA GLY A 394 -37.90 -23.74 -15.49
C GLY A 394 -37.91 -25.07 -14.76
N PRO A 395 -39.07 -25.73 -14.69
CA PRO A 395 -39.14 -27.02 -14.01
C PRO A 395 -38.54 -28.18 -14.81
N VAL A 396 -38.73 -28.17 -16.14
CA VAL A 396 -38.33 -29.24 -17.05
C VAL A 396 -36.84 -29.53 -16.94
N LEU A 397 -36.02 -28.50 -16.82
CA LEU A 397 -34.58 -28.69 -16.71
C LEU A 397 -34.19 -29.54 -15.50
N TRP A 398 -34.74 -29.21 -14.34
CA TRP A 398 -34.40 -29.92 -13.12
C TRP A 398 -34.98 -31.30 -13.02
N ILE A 399 -35.81 -31.72 -13.97
CA ILE A 399 -36.36 -33.07 -13.99
C ILE A 399 -35.78 -33.88 -15.14
N TYR A 400 -35.51 -33.22 -16.27
CA TYR A 400 -34.91 -33.84 -17.43
C TYR A 400 -33.45 -34.22 -17.15
N LEU A 401 -32.78 -33.50 -16.23
CA LEU A 401 -31.40 -33.69 -15.85
C LEU A 401 -31.16 -35.00 -15.09
N HIS A 402 -32.12 -35.39 -14.25
CA HIS A 402 -32.00 -36.65 -13.53
C HIS A 402 -32.69 -37.83 -14.24
N GLU A 403 -33.06 -37.64 -15.50
CA GLU A 403 -33.63 -38.64 -16.40
C GLU A 403 -32.61 -39.09 -17.42
N MET A 404 -31.57 -38.28 -17.66
CA MET A 404 -30.49 -38.61 -18.55
C MET A 404 -29.41 -39.46 -17.84
N PHE A 405 -28.46 -40.02 -18.64
CA PHE A 405 -27.24 -40.77 -18.29
C PHE A 405 -27.51 -42.11 -17.52
N PRO A 406 -28.37 -42.98 -18.06
CA PRO A 406 -28.76 -44.24 -17.34
C PRO A 406 -27.69 -45.30 -16.97
N SER A 407 -26.86 -45.01 -15.93
CA SER A 407 -25.82 -45.91 -15.39
C SER A 407 -25.19 -45.25 -14.13
N GLU A 408 -23.94 -45.61 -13.72
CA GLU A 408 -23.35 -45.00 -12.52
C GLU A 408 -23.18 -43.49 -12.70
N ILE A 409 -22.81 -43.10 -13.93
CA ILE A 409 -22.56 -41.73 -14.32
C ILE A 409 -23.72 -40.74 -13.94
N LYS A 410 -24.91 -41.27 -13.64
CA LYS A 410 -26.09 -40.52 -13.28
C LYS A 410 -25.85 -39.39 -12.27
N ASP A 411 -25.56 -39.71 -10.99
CA ASP A 411 -25.39 -38.69 -9.92
C ASP A 411 -24.26 -37.76 -10.29
N SER A 412 -23.13 -38.34 -10.73
CA SER A 412 -21.91 -37.67 -11.15
C SER A 412 -22.20 -36.55 -12.14
N ALA A 413 -22.66 -36.90 -13.35
CA ALA A 413 -22.96 -35.95 -14.42
C ALA A 413 -24.10 -35.00 -14.07
N ALA A 414 -25.06 -35.44 -13.26
CA ALA A 414 -26.16 -34.59 -12.86
C ALA A 414 -25.70 -33.43 -11.91
N SER A 415 -24.53 -33.57 -11.28
CA SER A 415 -23.97 -32.57 -10.40
C SER A 415 -23.27 -31.52 -11.25
N LEU A 416 -22.45 -31.96 -12.23
CA LEU A 416 -21.71 -31.07 -13.11
C LEU A 416 -22.60 -30.34 -14.10
N ALA A 417 -23.73 -30.92 -14.48
CA ALA A 417 -24.66 -30.26 -15.38
C ALA A 417 -25.33 -29.09 -14.64
N SER A 418 -25.74 -29.33 -13.38
CA SER A 418 -26.36 -28.31 -12.54
C SER A 418 -25.37 -27.21 -12.15
N LEU A 419 -24.06 -27.50 -12.15
CA LEU A 419 -23.02 -26.54 -11.87
C LEU A 419 -22.95 -25.55 -13.04
N VAL A 420 -22.99 -26.04 -14.30
CA VAL A 420 -22.99 -25.22 -15.51
C VAL A 420 -24.11 -24.19 -15.46
N ASN A 421 -25.28 -24.56 -14.92
CA ASN A 421 -26.39 -23.63 -14.74
C ASN A 421 -25.95 -22.44 -13.87
N TRP A 422 -25.24 -22.69 -12.76
CA TRP A 422 -24.76 -21.61 -11.90
C TRP A 422 -23.55 -20.90 -12.44
N VAL A 423 -22.82 -21.51 -13.36
CA VAL A 423 -21.72 -20.85 -14.03
C VAL A 423 -22.31 -19.85 -15.04
N CYS A 424 -23.34 -20.28 -15.79
CA CYS A 424 -24.05 -19.48 -16.77
C CYS A 424 -24.82 -18.35 -16.15
N ALA A 425 -25.23 -18.47 -14.87
CA ALA A 425 -25.91 -17.40 -14.15
C ALA A 425 -25.00 -16.16 -14.06
N ILE A 426 -23.69 -16.38 -13.89
CA ILE A 426 -22.70 -15.30 -13.86
C ILE A 426 -22.52 -14.76 -15.28
N ILE A 427 -22.43 -15.68 -16.26
CA ILE A 427 -22.24 -15.42 -17.70
C ILE A 427 -23.39 -14.64 -18.32
N VAL A 428 -24.60 -14.78 -17.76
CA VAL A 428 -25.77 -14.10 -18.32
C VAL A 428 -26.12 -12.82 -17.55
N VAL A 429 -26.34 -12.89 -16.23
CA VAL A 429 -26.75 -11.74 -15.42
C VAL A 429 -25.76 -10.57 -15.49
N PHE A 430 -24.49 -10.82 -15.22
CA PHE A 430 -23.46 -9.78 -15.24
C PHE A 430 -23.39 -8.95 -16.54
N PRO A 431 -23.22 -9.53 -17.76
CA PRO A 431 -23.18 -8.69 -18.96
C PRO A 431 -24.53 -8.08 -19.31
N SER A 432 -25.64 -8.77 -18.98
CA SER A 432 -26.99 -8.29 -19.24
C SER A 432 -27.25 -6.91 -18.67
N ASP A 433 -26.86 -6.68 -17.41
CA ASP A 433 -27.05 -5.36 -16.79
C ASP A 433 -26.18 -4.28 -17.38
N ILE A 434 -25.02 -4.65 -17.92
CA ILE A 434 -24.12 -3.70 -18.57
C ILE A 434 -24.71 -3.31 -19.94
N ILE A 435 -25.21 -4.31 -20.69
CA ILE A 435 -25.77 -4.13 -22.02
C ILE A 435 -27.17 -3.48 -21.96
N ILE A 436 -27.93 -3.67 -20.88
CA ILE A 436 -29.23 -3.01 -20.72
C ILE A 436 -29.03 -1.50 -20.57
N LYS A 437 -27.98 -1.09 -19.85
CA LYS A 437 -27.63 0.31 -19.63
C LYS A 437 -27.18 1.01 -20.92
N LYS A 438 -26.40 0.31 -21.78
CA LYS A 438 -25.94 0.91 -23.03
C LYS A 438 -26.95 0.81 -24.19
N SER A 439 -27.27 -0.42 -24.65
CA SER A 439 -28.20 -0.61 -25.77
C SER A 439 -29.17 -1.77 -25.53
N PRO A 440 -30.43 -1.49 -25.18
CA PRO A 440 -31.39 -2.58 -24.94
C PRO A 440 -31.81 -3.30 -26.22
N SER A 441 -31.71 -2.61 -27.38
CA SER A 441 -32.05 -3.19 -28.68
C SER A 441 -31.19 -4.42 -28.97
N ILE A 442 -29.85 -4.29 -28.84
CA ILE A 442 -28.92 -5.39 -29.09
C ILE A 442 -29.17 -6.54 -28.12
N LEU A 443 -29.50 -6.24 -26.86
CA LEU A 443 -29.78 -7.25 -25.84
C LEU A 443 -30.95 -8.17 -26.20
N PHE A 444 -32.12 -7.59 -26.48
CA PHE A 444 -33.30 -8.38 -26.84
C PHE A 444 -33.12 -9.11 -28.17
N ILE A 445 -32.24 -8.61 -29.06
CA ILE A 445 -31.92 -9.25 -30.33
C ILE A 445 -31.07 -10.50 -30.07
N VAL A 446 -30.01 -10.39 -29.23
CA VAL A 446 -29.14 -11.52 -28.87
C VAL A 446 -29.93 -12.58 -28.11
N PHE A 447 -30.84 -12.15 -27.24
CA PHE A 447 -31.70 -13.08 -26.52
C PHE A 447 -32.66 -13.82 -27.47
N SER A 448 -33.10 -13.17 -28.56
CA SER A 448 -33.96 -13.78 -29.58
C SER A 448 -33.18 -14.76 -30.47
N VAL A 449 -31.87 -14.53 -30.66
CA VAL A 449 -30.98 -15.43 -31.39
C VAL A 449 -30.82 -16.70 -30.55
N MET A 450 -30.63 -16.56 -29.22
CA MET A 450 -30.54 -17.69 -28.28
C MET A 450 -31.87 -18.42 -28.17
N SER A 451 -32.98 -17.70 -28.29
CA SER A 451 -34.34 -18.27 -28.27
C SER A 451 -34.60 -19.11 -29.52
N ILE A 452 -33.95 -18.78 -30.64
CA ILE A 452 -34.02 -19.54 -31.90
C ILE A 452 -33.05 -20.73 -31.77
N LEU A 453 -31.84 -20.49 -31.28
CA LEU A 453 -30.80 -21.50 -31.10
C LEU A 453 -31.22 -22.62 -30.17
N THR A 454 -31.89 -22.30 -29.06
CA THR A 454 -32.35 -23.29 -28.08
C THR A 454 -33.46 -24.16 -28.66
N PHE A 455 -34.41 -23.56 -29.38
CA PHE A 455 -35.53 -24.28 -30.00
C PHE A 455 -35.00 -25.31 -30.99
N PHE A 456 -34.08 -24.89 -31.86
CA PHE A 456 -33.49 -25.79 -32.84
C PHE A 456 -32.46 -26.75 -32.23
N PHE A 457 -31.99 -26.47 -31.00
CA PHE A 457 -31.10 -27.35 -30.28
C PHE A 457 -31.93 -28.50 -29.71
N ILE A 458 -33.09 -28.20 -29.13
CA ILE A 458 -33.98 -29.20 -28.54
C ILE A 458 -34.59 -30.08 -29.63
N PHE A 459 -34.97 -29.46 -30.75
CA PHE A 459 -35.57 -30.15 -31.89
C PHE A 459 -34.60 -31.10 -32.59
N PHE A 460 -33.31 -30.79 -32.58
CA PHE A 460 -32.31 -31.62 -33.25
C PHE A 460 -31.57 -32.59 -32.33
N PHE A 461 -31.34 -32.24 -31.05
CA PHE A 461 -30.53 -33.07 -30.18
C PHE A 461 -31.22 -33.65 -28.94
N ILE A 462 -32.02 -32.85 -28.25
CA ILE A 462 -32.65 -33.25 -27.00
C ILE A 462 -33.65 -34.39 -27.17
N LYS A 463 -33.40 -35.51 -26.45
CA LYS A 463 -34.22 -36.71 -26.41
C LYS A 463 -35.57 -36.44 -25.70
N GLU A 464 -36.45 -37.44 -25.65
CA GLU A 464 -37.71 -37.34 -24.92
C GLU A 464 -37.75 -38.50 -23.93
N THR A 465 -37.93 -38.20 -22.64
CA THR A 465 -37.99 -39.23 -21.61
C THR A 465 -39.28 -39.11 -20.82
N LYS A 466 -39.99 -40.22 -20.63
CA LYS A 466 -41.23 -40.23 -19.84
C LYS A 466 -41.23 -41.30 -18.74
N GLY A 467 -40.23 -42.17 -18.73
CA GLY A 467 -40.08 -43.22 -17.74
C GLY A 467 -38.94 -44.15 -18.08
N GLY A 468 -37.92 -44.17 -17.24
CA GLY A 468 -36.76 -45.02 -17.45
C GLY A 468 -35.86 -45.03 -16.25
N GLU A 469 -34.55 -45.28 -16.47
CA GLU A 469 -33.54 -45.29 -15.41
C GLU A 469 -32.14 -45.21 -16.01
N PHE B 8 11.94 -47.78 18.28
CA PHE B 8 10.75 -47.06 17.83
C PHE B 8 10.84 -46.65 16.35
N PHE B 9 9.67 -46.63 15.67
CA PHE B 9 9.51 -46.21 14.27
C PHE B 9 8.60 -44.96 14.26
N SER B 10 9.17 -43.79 13.87
CA SER B 10 8.53 -42.47 13.90
C SER B 10 7.25 -42.36 13.12
N THR B 11 6.85 -43.40 12.36
CA THR B 11 5.58 -43.38 11.65
C THR B 11 4.41 -43.39 12.68
N SER B 12 4.60 -43.95 13.88
CA SER B 12 3.60 -43.89 14.93
C SER B 12 3.39 -42.42 15.37
N PHE B 13 4.48 -41.69 15.60
CA PHE B 13 4.48 -40.29 15.98
C PHE B 13 3.98 -39.40 14.85
N LYS B 14 4.29 -39.79 13.59
CA LYS B 14 3.91 -39.10 12.36
C LYS B 14 2.39 -38.89 12.33
N TYR B 15 1.63 -39.95 12.64
CA TYR B 15 0.17 -39.86 12.67
C TYR B 15 -0.33 -39.06 13.88
N VAL B 16 0.44 -39.00 14.97
CA VAL B 16 0.10 -38.21 16.16
C VAL B 16 0.22 -36.72 15.87
N LEU B 17 1.32 -36.30 15.23
CA LEU B 17 1.58 -34.91 14.86
C LEU B 17 0.52 -34.37 13.91
N SER B 18 0.05 -35.19 12.94
CA SER B 18 -0.98 -34.81 11.95
C SER B 18 -2.33 -34.52 12.59
N ALA B 19 -2.65 -35.24 13.65
CA ALA B 19 -3.86 -35.02 14.42
C ALA B 19 -3.66 -33.88 15.43
N CYS B 20 -2.42 -33.65 15.87
CA CYS B 20 -2.09 -32.61 16.82
C CYS B 20 -2.14 -31.20 16.25
N ILE B 21 -2.29 -31.04 14.92
CA ILE B 21 -2.50 -29.72 14.31
C ILE B 21 -3.82 -29.15 14.85
N ALA B 22 -4.82 -30.00 15.03
CA ALA B 22 -6.09 -29.65 15.59
C ALA B 22 -5.92 -29.16 17.05
N SER B 23 -5.05 -29.81 17.85
CA SER B 23 -4.76 -29.43 19.25
C SER B 23 -4.16 -28.03 19.32
N PHE B 24 -3.31 -27.69 18.34
CA PHE B 24 -2.73 -26.36 18.25
C PHE B 24 -3.81 -25.33 17.92
N ILE B 25 -4.82 -25.70 17.10
CA ILE B 25 -5.94 -24.83 16.76
C ILE B 25 -6.82 -24.58 17.97
N PHE B 26 -7.02 -25.60 18.79
CA PHE B 26 -7.79 -25.48 20.01
C PHE B 26 -7.08 -24.54 20.97
N GLY B 27 -5.78 -24.75 21.17
CA GLY B 27 -4.96 -23.90 22.03
C GLY B 27 -4.94 -22.45 21.60
N TYR B 28 -4.87 -22.23 20.28
CA TYR B 28 -4.85 -20.89 19.70
C TYR B 28 -6.20 -20.22 19.85
N GLN B 29 -7.29 -20.95 19.56
CA GLN B 29 -8.62 -20.40 19.62
C GLN B 29 -9.04 -20.00 21.02
N VAL B 30 -8.53 -20.68 22.05
CA VAL B 30 -8.91 -20.36 23.42
C VAL B 30 -8.40 -18.98 23.86
N SER B 31 -7.18 -18.62 23.47
CA SER B 31 -6.59 -17.38 23.91
C SER B 31 -6.33 -16.36 22.82
N VAL B 32 -7.01 -16.49 21.66
CA VAL B 32 -6.76 -15.54 20.58
C VAL B 32 -7.40 -14.21 20.91
N LEU B 33 -8.70 -14.22 21.17
CA LEU B 33 -9.45 -13.00 21.50
C LEU B 33 -9.09 -12.46 22.89
N ASN B 34 -8.70 -13.35 23.80
CA ASN B 34 -8.36 -13.02 25.16
C ASN B 34 -7.09 -12.16 25.26
N THR B 35 -6.29 -12.04 24.18
CA THR B 35 -5.09 -11.21 24.18
C THR B 35 -5.36 -9.89 23.46
N ILE B 36 -5.99 -9.97 22.26
CA ILE B 36 -6.29 -8.76 21.48
C ILE B 36 -7.71 -8.24 21.76
N LYS B 37 -8.24 -8.48 22.97
CA LYS B 37 -9.58 -8.06 23.40
C LYS B 37 -9.71 -6.56 23.40
N ASN B 38 -8.69 -5.87 23.88
CA ASN B 38 -8.69 -4.42 23.98
C ASN B 38 -8.78 -3.78 22.60
N PHE B 39 -8.10 -4.36 21.61
CA PHE B 39 -8.10 -3.84 20.24
C PHE B 39 -9.53 -3.78 19.68
N ILE B 40 -10.28 -4.87 19.85
CA ILE B 40 -11.65 -5.02 19.34
C ILE B 40 -12.61 -4.02 20.00
N VAL B 41 -12.35 -3.64 21.28
CA VAL B 41 -13.20 -2.66 21.96
C VAL B 41 -13.07 -1.25 21.36
N VAL B 42 -11.95 -0.96 20.69
CA VAL B 42 -11.73 0.32 20.02
C VAL B 42 -12.78 0.49 18.91
N GLU B 43 -13.01 -0.57 18.10
CA GLU B 43 -14.00 -0.52 17.03
C GLU B 43 -15.42 -0.69 17.56
N PHE B 44 -15.70 -1.84 18.19
CA PHE B 44 -17.02 -2.23 18.68
C PHE B 44 -17.59 -1.18 19.67
N GLU B 45 -16.77 -0.59 20.56
CA GLU B 45 -17.23 0.45 21.46
C GLU B 45 -16.23 1.58 21.55
N CYS B 56 -14.59 0.48 29.20
CA CYS B 56 -16.05 0.62 29.31
C CYS B 56 -16.61 -0.24 30.48
N SER B 57 -17.94 -0.15 30.73
CA SER B 57 -18.70 -0.98 31.68
C SER B 57 -19.43 -2.05 30.86
N ASN B 58 -19.99 -1.64 29.68
CA ASN B 58 -20.63 -2.52 28.71
C ASN B 58 -19.63 -3.56 28.21
N ASN B 59 -18.32 -3.20 28.13
CA ASN B 59 -17.24 -4.10 27.72
C ASN B 59 -17.17 -5.25 28.70
N THR B 60 -17.29 -4.99 30.01
CA THR B 60 -17.25 -6.03 31.03
C THR B 60 -18.36 -7.05 30.79
N ILE B 61 -19.57 -6.55 30.53
CA ILE B 61 -20.72 -7.40 30.29
C ILE B 61 -20.55 -8.22 29.00
N GLN B 62 -20.20 -7.57 27.87
CA GLN B 62 -20.03 -8.26 26.60
C GLN B 62 -18.87 -9.22 26.60
N SER B 63 -17.79 -8.84 27.25
CA SER B 63 -16.62 -9.69 27.38
C SER B 63 -16.95 -10.95 28.16
N SER B 64 -17.80 -10.84 29.18
CA SER B 64 -18.26 -11.98 29.96
C SER B 64 -19.03 -12.95 29.03
N PHE B 65 -19.93 -12.41 28.19
CA PHE B 65 -20.73 -13.17 27.24
C PHE B 65 -19.88 -13.86 26.22
N LEU B 66 -18.86 -13.17 25.74
CA LEU B 66 -17.96 -13.71 24.76
C LEU B 66 -17.13 -14.87 25.35
N LEU B 67 -16.68 -14.72 26.60
CA LEU B 67 -15.95 -15.74 27.36
C LEU B 67 -16.79 -17.01 27.45
N ALA B 68 -18.07 -16.83 27.72
CA ALA B 68 -19.02 -17.89 27.90
C ALA B 68 -19.31 -18.61 26.59
N SER B 69 -19.28 -17.90 25.44
CA SER B 69 -19.58 -18.45 24.11
C SER B 69 -18.67 -19.63 23.72
N VAL B 70 -17.36 -19.52 24.00
CA VAL B 70 -16.44 -20.61 23.70
C VAL B 70 -16.64 -21.76 24.67
N PHE B 71 -17.01 -21.49 25.92
CA PHE B 71 -17.25 -22.53 26.90
C PHE B 71 -18.50 -23.31 26.60
N ILE B 72 -19.65 -22.62 26.37
CA ILE B 72 -20.93 -23.23 26.03
C ILE B 72 -20.84 -23.96 24.70
N GLY B 73 -20.09 -23.43 23.74
CA GLY B 73 -19.90 -24.09 22.47
C GLY B 73 -19.10 -25.36 22.63
N ALA B 74 -18.12 -25.36 23.54
CA ALA B 74 -17.28 -26.53 23.80
C ALA B 74 -18.05 -27.66 24.41
N VAL B 75 -19.05 -27.36 25.24
CA VAL B 75 -19.94 -28.36 25.83
C VAL B 75 -20.70 -29.05 24.69
N LEU B 76 -21.26 -28.27 23.76
CA LEU B 76 -21.98 -28.77 22.60
C LEU B 76 -21.06 -29.45 21.58
N GLY B 77 -19.76 -29.16 21.64
CA GLY B 77 -18.76 -29.77 20.76
C GLY B 77 -18.58 -31.20 21.16
N CYS B 78 -18.41 -31.42 22.47
CA CYS B 78 -18.27 -32.74 23.07
C CYS B 78 -19.53 -33.56 22.85
N GLY B 79 -20.69 -32.93 22.95
CA GLY B 79 -21.96 -33.59 22.69
C GLY B 79 -22.22 -33.85 21.20
N PHE B 80 -21.18 -33.74 20.36
CA PHE B 80 -21.23 -33.96 18.93
C PHE B 80 -20.10 -34.83 18.50
N SER B 81 -18.90 -34.64 19.08
CA SER B 81 -17.79 -35.52 18.80
C SER B 81 -18.01 -36.95 19.35
N GLY B 82 -19.21 -37.25 19.81
CA GLY B 82 -19.63 -38.58 20.21
C GLY B 82 -20.48 -39.20 19.12
N TYR B 83 -21.05 -38.35 18.23
CA TYR B 83 -21.87 -38.71 17.08
C TYR B 83 -20.99 -38.69 15.83
N LEU B 84 -20.11 -37.69 15.70
CA LEU B 84 -19.17 -37.63 14.59
C LEU B 84 -18.11 -38.69 14.69
N VAL B 85 -17.82 -39.17 15.91
CA VAL B 85 -16.84 -40.21 16.07
C VAL B 85 -17.41 -41.61 15.65
N GLN B 86 -18.75 -41.74 15.53
CA GLN B 86 -19.41 -42.94 15.02
C GLN B 86 -19.04 -43.11 13.54
N PHE B 87 -18.94 -42.01 12.78
CA PHE B 87 -18.53 -42.06 11.39
C PHE B 87 -16.99 -42.15 11.22
N GLY B 88 -16.31 -42.55 12.29
CA GLY B 88 -14.87 -42.69 12.35
C GLY B 88 -14.13 -41.43 12.73
N ARG B 89 -12.91 -41.61 13.28
CA ARG B 89 -11.99 -40.52 13.60
C ARG B 89 -11.34 -39.93 12.31
N ARG B 90 -11.61 -40.60 11.13
CA ARG B 90 -11.28 -40.22 9.76
C ARG B 90 -12.01 -38.87 9.55
N LEU B 91 -13.35 -38.90 9.43
CA LEU B 91 -14.13 -37.71 9.22
C LEU B 91 -14.10 -36.79 10.41
N SER B 92 -14.16 -37.29 11.64
CA SER B 92 -14.21 -36.40 12.82
C SER B 92 -13.04 -35.39 12.86
N LEU B 93 -11.83 -35.88 12.55
CA LEU B 93 -10.62 -35.06 12.50
C LEU B 93 -10.35 -34.61 11.06
N LEU B 94 -11.38 -34.21 10.38
CA LEU B 94 -11.36 -33.76 8.99
C LEU B 94 -12.39 -32.66 8.89
N ILE B 95 -13.55 -32.86 9.53
CA ILE B 95 -14.59 -31.88 9.63
C ILE B 95 -14.11 -30.78 10.54
N ILE B 96 -13.50 -31.12 11.70
CA ILE B 96 -13.00 -30.06 12.59
C ILE B 96 -11.98 -29.18 11.89
N TYR B 97 -11.31 -29.69 10.86
CA TYR B 97 -10.32 -28.93 10.10
C TYR B 97 -11.01 -27.93 9.17
N ASN B 98 -11.84 -28.42 8.23
CA ASN B 98 -12.53 -27.55 7.28
C ASN B 98 -13.51 -26.61 7.96
N PHE B 99 -14.07 -27.04 9.10
CA PHE B 99 -14.94 -26.21 9.92
C PHE B 99 -14.14 -25.03 10.46
N PHE B 100 -13.01 -25.30 11.12
CA PHE B 100 -12.14 -24.27 11.65
C PHE B 100 -11.57 -23.36 10.62
N PHE B 101 -11.41 -23.83 9.39
CA PHE B 101 -10.93 -22.97 8.32
C PHE B 101 -12.05 -21.95 8.02
N LEU B 102 -13.31 -22.40 7.96
CA LEU B 102 -14.42 -21.52 7.70
C LEU B 102 -14.84 -20.65 8.85
N VAL B 103 -14.64 -21.10 10.09
CA VAL B 103 -14.97 -20.26 11.24
C VAL B 103 -13.98 -19.12 11.34
N SER B 104 -12.72 -19.39 11.13
CA SER B 104 -11.69 -18.38 11.19
C SER B 104 -11.86 -17.32 10.11
N ILE B 105 -12.44 -17.67 8.95
CA ILE B 105 -12.73 -16.68 7.92
C ILE B 105 -13.80 -15.73 8.48
N LEU B 106 -14.87 -16.32 9.07
CA LEU B 106 -15.95 -15.56 9.69
C LEU B 106 -15.47 -14.70 10.86
N THR B 107 -14.68 -15.26 11.79
CA THR B 107 -14.14 -14.50 12.92
C THR B 107 -13.31 -13.32 12.41
N SER B 108 -12.54 -13.57 11.34
CA SER B 108 -11.72 -12.61 10.66
C SER B 108 -12.52 -11.41 10.19
N ILE B 109 -13.73 -11.60 9.69
CA ILE B 109 -14.54 -10.48 9.23
C ILE B 109 -15.32 -9.93 10.43
N THR B 110 -14.77 -8.88 10.99
CA THR B 110 -15.27 -8.34 12.23
C THR B 110 -15.90 -7.03 12.07
N HIS B 111 -17.14 -6.96 12.55
CA HIS B 111 -17.93 -5.75 12.68
C HIS B 111 -19.02 -6.07 13.68
N HIS B 112 -18.94 -5.47 14.87
CA HIS B 112 -19.89 -5.62 15.96
C HIS B 112 -19.70 -6.88 16.80
N PHE B 113 -20.28 -6.87 18.00
CA PHE B 113 -20.25 -7.96 18.97
C PHE B 113 -21.01 -9.18 18.47
N HIS B 114 -22.18 -8.96 17.87
CA HIS B 114 -23.04 -10.05 17.40
C HIS B 114 -22.34 -11.05 16.51
N THR B 115 -21.62 -10.56 15.51
CA THR B 115 -20.89 -11.33 14.54
C THR B 115 -19.83 -12.16 15.22
N ILE B 116 -19.03 -11.54 16.08
CA ILE B 116 -17.90 -12.20 16.74
C ILE B 116 -18.34 -13.10 17.91
N LEU B 117 -19.54 -12.87 18.45
CA LEU B 117 -20.06 -13.72 19.50
C LEU B 117 -20.39 -15.10 18.87
N PHE B 118 -21.15 -15.09 17.77
CA PHE B 118 -21.56 -16.29 17.02
C PHE B 118 -20.36 -17.00 16.42
N ALA B 119 -19.38 -16.22 15.95
CA ALA B 119 -18.17 -16.79 15.40
C ALA B 119 -17.41 -17.46 16.55
N ARG B 120 -17.30 -16.77 17.70
CA ARG B 120 -16.62 -17.32 18.88
C ARG B 120 -17.43 -18.43 19.59
N LEU B 121 -18.65 -18.69 19.12
CA LEU B 121 -19.45 -19.78 19.64
C LEU B 121 -19.07 -20.99 18.82
N LEU B 122 -19.13 -20.88 17.47
CA LEU B 122 -18.76 -21.98 16.60
C LEU B 122 -17.30 -22.30 16.75
N SER B 123 -16.44 -21.28 16.93
CA SER B 123 -15.02 -21.52 17.20
C SER B 123 -14.77 -22.18 18.55
N GLY B 124 -15.80 -22.34 19.35
CA GLY B 124 -15.76 -23.07 20.60
C GLY B 124 -16.31 -24.46 20.39
N PHE B 125 -17.30 -24.60 19.49
CA PHE B 125 -17.88 -25.89 19.09
C PHE B 125 -16.80 -26.73 18.45
N GLY B 126 -15.97 -26.14 17.60
CA GLY B 126 -14.84 -26.81 17.02
C GLY B 126 -13.84 -27.22 18.08
N ILE B 127 -13.62 -26.39 19.11
CA ILE B 127 -12.68 -26.74 20.20
C ILE B 127 -13.18 -27.95 21.02
N GLY B 128 -14.51 -28.09 21.13
CA GLY B 128 -15.14 -29.20 21.83
C GLY B 128 -15.04 -30.47 20.99
N LEU B 129 -15.28 -30.33 19.68
CA LEU B 129 -15.14 -31.42 18.72
C LEU B 129 -13.68 -31.92 18.62
N VAL B 130 -12.75 -31.31 19.37
CA VAL B 130 -11.34 -31.63 19.41
C VAL B 130 -11.03 -32.28 20.73
N THR B 131 -11.48 -31.68 21.84
CA THR B 131 -11.23 -32.23 23.18
C THR B 131 -11.66 -33.72 23.30
N VAL B 132 -12.54 -34.19 22.39
CA VAL B 132 -12.95 -35.58 22.38
C VAL B 132 -12.21 -36.29 21.25
N SER B 133 -12.20 -35.68 20.06
CA SER B 133 -11.64 -36.21 18.82
C SER B 133 -10.13 -36.53 18.83
N VAL B 134 -9.25 -35.55 19.08
CA VAL B 134 -7.81 -35.78 19.01
C VAL B 134 -7.27 -36.78 20.04
N PRO B 135 -7.60 -36.69 21.34
CA PRO B 135 -7.07 -37.67 22.30
C PRO B 135 -7.51 -39.09 22.02
N MET B 136 -8.64 -39.26 21.31
CA MET B 136 -9.18 -40.56 20.91
C MET B 136 -8.40 -41.11 19.73
N TYR B 137 -8.04 -40.25 18.78
CA TYR B 137 -7.25 -40.63 17.62
C TYR B 137 -5.88 -41.16 18.08
N ILE B 138 -5.20 -40.42 18.99
CA ILE B 138 -3.88 -40.83 19.50
C ILE B 138 -3.99 -42.16 20.25
N SER B 139 -4.94 -42.25 21.18
CA SER B 139 -5.15 -43.45 21.97
C SER B 139 -5.42 -44.68 21.13
N GLU B 140 -6.13 -44.49 20.02
CA GLU B 140 -6.52 -45.58 19.15
C GLU B 140 -5.53 -45.93 18.06
N MET B 141 -4.31 -45.36 18.10
CA MET B 141 -3.33 -45.74 17.08
C MET B 141 -1.92 -46.03 17.70
N THR B 142 -1.61 -45.46 18.89
CA THR B 142 -0.30 -45.72 19.51
C THR B 142 -0.29 -47.02 20.33
N HIS B 143 0.90 -47.63 20.47
CA HIS B 143 1.11 -48.87 21.24
C HIS B 143 0.74 -48.67 22.71
N LYS B 144 0.30 -49.74 23.36
CA LYS B 144 -0.10 -49.74 24.78
C LYS B 144 0.96 -49.12 25.71
N ASP B 145 2.23 -49.41 25.44
CA ASP B 145 3.37 -48.94 26.22
C ASP B 145 3.73 -47.47 25.98
N LYS B 146 3.39 -46.94 24.81
CA LYS B 146 3.71 -45.56 24.44
C LYS B 146 2.48 -44.63 24.40
N LYS B 147 1.29 -45.15 24.78
CA LYS B 147 -0.02 -44.51 24.75
C LYS B 147 -0.06 -43.16 25.45
N GLY B 148 0.51 -43.10 26.64
CA GLY B 148 0.53 -41.89 27.44
C GLY B 148 1.47 -40.85 26.89
N ALA B 149 2.70 -41.26 26.54
CA ALA B 149 3.71 -40.34 26.01
C ALA B 149 3.25 -39.64 24.73
N TYR B 150 2.64 -40.38 23.79
CA TYR B 150 2.14 -39.79 22.55
C TYR B 150 0.86 -39.01 22.77
N GLY B 151 0.07 -39.39 23.76
CA GLY B 151 -1.13 -38.66 24.13
C GLY B 151 -0.80 -37.30 24.72
N VAL B 152 0.36 -37.16 25.41
CA VAL B 152 0.80 -35.87 25.98
C VAL B 152 0.93 -34.82 24.88
N MET B 153 1.29 -35.25 23.66
CA MET B 153 1.39 -34.41 22.48
C MET B 153 0.14 -33.57 22.27
N HIS B 154 -1.06 -34.09 22.65
CA HIS B 154 -2.31 -33.35 22.57
C HIS B 154 -2.20 -32.07 23.40
N GLN B 155 -1.79 -32.19 24.67
CA GLN B 155 -1.59 -31.03 25.52
C GLN B 155 -0.40 -30.18 25.10
N LEU B 156 0.72 -30.81 24.70
CA LEU B 156 1.93 -30.11 24.25
C LEU B 156 1.66 -29.11 23.13
N PHE B 157 0.66 -29.39 22.29
CA PHE B 157 0.27 -28.52 21.20
C PHE B 157 -0.81 -27.50 21.61
N ILE B 158 -1.59 -27.80 22.65
CA ILE B 158 -2.57 -26.87 23.19
C ILE B 158 -1.80 -25.75 23.88
N THR B 159 -0.83 -26.10 24.73
CA THR B 159 0.03 -25.14 25.43
C THR B 159 0.87 -24.32 24.43
N PHE B 160 1.23 -24.93 23.29
CA PHE B 160 1.94 -24.24 22.22
C PHE B 160 1.02 -23.27 21.48
N GLY B 161 -0.26 -23.64 21.34
CA GLY B 161 -1.27 -22.80 20.73
C GLY B 161 -1.51 -21.56 21.57
N ILE B 162 -1.56 -21.73 22.90
CA ILE B 162 -1.76 -20.63 23.82
C ILE B 162 -0.56 -19.68 23.74
N PHE B 163 0.66 -20.23 23.70
CA PHE B 163 1.89 -19.47 23.59
C PHE B 163 2.00 -18.72 22.24
N VAL B 164 1.68 -19.39 21.12
CA VAL B 164 1.73 -18.78 19.78
C VAL B 164 0.77 -17.61 19.70
N ALA B 165 -0.44 -17.74 20.25
CA ALA B 165 -1.42 -16.65 20.27
C ALA B 165 -0.91 -15.42 21.03
N VAL B 166 -0.24 -15.61 22.18
CA VAL B 166 0.30 -14.49 22.95
C VAL B 166 1.51 -13.90 22.23
N MET B 167 2.35 -14.75 21.61
CA MET B 167 3.54 -14.36 20.85
C MET B 167 3.16 -13.50 19.63
N LEU B 168 2.23 -14.02 18.84
CA LEU B 168 1.67 -13.40 17.65
C LEU B 168 0.94 -12.09 18.06
N GLY B 169 0.29 -12.11 19.22
CA GLY B 169 -0.49 -11.01 19.75
C GLY B 169 0.26 -9.96 20.52
N LEU B 170 1.53 -10.23 20.84
CA LEU B 170 2.33 -9.22 21.53
C LEU B 170 2.97 -8.28 20.50
N ALA B 171 3.22 -8.77 19.26
CA ALA B 171 3.72 -7.96 18.16
C ALA B 171 2.72 -6.83 17.86
N MET B 172 1.43 -7.16 17.91
CA MET B 172 0.36 -6.19 17.74
C MET B 172 0.28 -5.41 19.09
N GLY B 173 0.18 -6.18 20.19
CA GLY B 173 0.05 -5.78 21.59
C GLY B 173 0.74 -4.53 22.09
N GLU B 174 1.89 -4.18 21.52
CA GLU B 174 2.60 -2.98 21.92
C GLU B 174 1.87 -1.65 21.53
N GLY B 175 0.64 -1.76 21.03
CA GLY B 175 -0.11 -0.61 20.55
C GLY B 175 -1.19 0.04 21.39
N PRO B 176 -2.32 -0.64 21.66
CA PRO B 176 -3.44 0.03 22.36
C PRO B 176 -3.28 0.24 23.84
N LYS B 177 -2.36 -0.53 24.48
CA LYS B 177 -2.06 -0.46 25.90
C LYS B 177 -3.30 -0.66 26.80
N THR B 185 -3.14 2.49 15.30
CA THR B 185 -4.39 1.76 15.04
C THR B 185 -4.51 1.26 13.61
N SER B 186 -3.78 1.85 12.64
CA SER B 186 -3.86 1.40 11.25
C SER B 186 -3.15 0.07 11.03
N PHE B 187 -1.97 -0.08 11.63
CA PHE B 187 -1.24 -1.35 11.57
C PHE B 187 -1.80 -2.34 12.62
N ALA B 188 -2.95 -2.04 13.25
CA ALA B 188 -3.66 -2.89 14.19
C ALA B 188 -4.88 -3.48 13.48
N LYS B 189 -5.62 -2.64 12.71
CA LYS B 189 -6.79 -3.09 11.93
C LYS B 189 -6.42 -4.16 10.90
N LEU B 190 -5.20 -4.13 10.43
CA LEU B 190 -4.72 -5.08 9.43
C LEU B 190 -4.06 -6.29 10.08
N TRP B 191 -3.49 -6.14 11.27
CA TRP B 191 -2.77 -7.21 11.94
C TRP B 191 -3.64 -8.01 12.91
N TRP B 192 -4.60 -7.38 13.61
CA TRP B 192 -5.43 -8.09 14.60
C TRP B 192 -6.51 -8.99 13.99
N ARG B 193 -7.09 -8.59 12.85
CA ARG B 193 -8.09 -9.43 12.19
C ARG B 193 -7.40 -10.69 11.58
N LEU B 194 -6.10 -10.56 11.19
CA LEU B 194 -5.26 -11.64 10.65
C LEU B 194 -4.91 -12.69 11.71
N MET B 195 -4.94 -12.30 13.01
CA MET B 195 -4.72 -13.25 14.12
C MET B 195 -5.82 -14.30 14.06
N PHE B 196 -7.08 -13.84 13.87
CA PHE B 196 -8.26 -14.66 13.77
C PHE B 196 -8.23 -15.54 12.53
N LEU B 197 -7.62 -15.04 11.45
CA LEU B 197 -7.46 -15.73 10.19
C LEU B 197 -6.32 -16.75 10.24
N PHE B 198 -5.35 -16.61 11.15
CA PHE B 198 -4.23 -17.53 11.25
C PHE B 198 -4.60 -19.01 11.35
N PRO B 199 -5.55 -19.43 12.22
CA PRO B 199 -5.89 -20.86 12.27
C PRO B 199 -6.53 -21.40 11.01
N SER B 200 -7.02 -20.52 10.11
CA SER B 200 -7.60 -20.97 8.85
C SER B 200 -6.53 -21.55 7.94
N VAL B 201 -5.30 -20.98 7.99
CA VAL B 201 -4.13 -21.42 7.24
C VAL B 201 -3.58 -22.70 7.87
N ILE B 202 -3.58 -22.78 9.20
CA ILE B 202 -3.18 -23.97 9.95
C ILE B 202 -4.13 -25.13 9.62
N SER B 203 -5.43 -24.84 9.51
CA SER B 203 -6.45 -25.82 9.13
C SER B 203 -6.26 -26.25 7.70
N LEU B 204 -5.91 -25.32 6.80
CA LEU B 204 -5.61 -25.63 5.41
C LEU B 204 -4.37 -26.49 5.28
N ILE B 205 -3.42 -26.37 6.24
CA ILE B 205 -2.22 -27.20 6.31
C ILE B 205 -2.65 -28.58 6.76
N GLY B 206 -3.37 -28.64 7.87
CA GLY B 206 -3.82 -29.88 8.43
C GLY B 206 -4.72 -30.69 7.52
N ILE B 207 -5.55 -30.03 6.73
CA ILE B 207 -6.47 -30.71 5.82
C ILE B 207 -5.72 -31.35 4.66
N LEU B 208 -4.77 -30.61 4.10
CA LEU B 208 -3.93 -31.13 3.02
C LEU B 208 -2.87 -32.10 3.54
N ALA B 209 -2.53 -32.01 4.84
CA ALA B 209 -1.64 -32.94 5.51
C ALA B 209 -2.35 -34.28 5.73
N LEU B 210 -3.68 -34.29 5.81
CA LEU B 210 -4.44 -35.50 5.96
C LEU B 210 -4.93 -35.98 4.59
N VAL B 211 -4.00 -36.01 3.68
CA VAL B 211 -4.01 -36.53 2.31
C VAL B 211 -2.73 -37.45 2.15
N VAL B 212 -1.65 -37.09 2.88
CA VAL B 212 -0.43 -37.85 3.12
C VAL B 212 -0.75 -38.88 4.25
N PHE B 213 -1.65 -38.53 5.23
CA PHE B 213 -2.04 -39.38 6.38
C PHE B 213 -3.43 -39.99 6.32
N PHE B 214 -4.46 -39.15 6.07
CA PHE B 214 -5.82 -39.63 6.06
C PHE B 214 -6.27 -40.30 4.79
N LYS B 215 -5.57 -41.38 4.49
CA LYS B 215 -5.87 -42.43 3.56
C LYS B 215 -6.14 -43.72 4.46
N GLU B 216 -5.96 -43.62 5.82
CA GLU B 216 -6.12 -44.65 6.83
C GLU B 216 -6.77 -44.09 8.11
N GLU B 217 -7.65 -44.87 8.74
CA GLU B 217 -8.31 -44.55 10.02
C GLU B 217 -7.80 -45.54 11.10
N THR B 218 -7.76 -45.14 12.39
CA THR B 218 -7.28 -45.96 13.51
C THR B 218 -7.82 -47.40 13.53
N PRO B 219 -6.96 -48.38 13.90
CA PRO B 219 -7.36 -49.81 13.91
C PRO B 219 -8.61 -50.17 14.71
N TYR B 220 -9.07 -49.30 15.62
CA TYR B 220 -10.30 -49.57 16.37
C TYR B 220 -11.55 -49.54 15.45
N PHE B 221 -11.39 -49.17 14.17
CA PHE B 221 -12.44 -49.21 13.16
C PHE B 221 -12.84 -50.68 12.77
N LEU B 222 -12.20 -51.67 13.38
CA LEU B 222 -12.52 -53.08 13.18
C LEU B 222 -13.98 -53.35 13.60
N PHE B 223 -14.44 -52.70 14.68
CA PHE B 223 -15.80 -52.90 15.19
C PHE B 223 -16.87 -52.27 14.28
N GLU B 224 -16.57 -51.11 13.68
CA GLU B 224 -17.54 -50.46 12.79
C GLU B 224 -17.51 -51.13 11.41
N LYS B 225 -16.31 -51.31 10.83
CA LYS B 225 -16.17 -51.97 9.55
C LYS B 225 -15.24 -53.16 9.66
N GLY B 226 -15.68 -54.31 9.15
CA GLY B 226 -14.92 -55.55 9.18
C GLY B 226 -13.75 -55.59 8.22
N ARG B 227 -13.09 -54.44 7.98
CA ARG B 227 -11.92 -54.34 7.13
C ARG B 227 -10.73 -54.74 8.00
N ILE B 228 -10.59 -56.05 8.22
CA ILE B 228 -9.56 -56.60 9.09
C ILE B 228 -8.18 -56.48 8.47
N GLU B 229 -8.08 -56.71 7.16
CA GLU B 229 -6.83 -56.59 6.43
C GLU B 229 -6.35 -55.13 6.40
N GLU B 230 -7.29 -54.18 6.31
CA GLU B 230 -6.95 -52.76 6.36
C GLU B 230 -6.46 -52.43 7.77
N SER B 231 -7.14 -52.94 8.81
CA SER B 231 -6.79 -52.76 10.23
C SER B 231 -5.39 -53.30 10.55
N LYS B 232 -5.02 -54.41 9.92
CA LYS B 232 -3.71 -55.01 10.08
C LYS B 232 -2.66 -54.08 9.47
N ASN B 233 -2.93 -53.57 8.26
CA ASN B 233 -2.06 -52.67 7.53
C ASN B 233 -1.86 -51.31 8.19
N ILE B 234 -2.65 -51.00 9.23
CA ILE B 234 -2.47 -49.74 9.97
C ILE B 234 -1.26 -49.98 10.90
N LEU B 235 -1.35 -50.99 11.80
CA LEU B 235 -0.27 -51.33 12.75
C LEU B 235 1.00 -51.82 12.06
N LYS B 236 0.86 -52.34 10.83
CA LYS B 236 1.96 -52.80 9.98
C LYS B 236 2.83 -51.62 9.51
N LYS B 237 2.30 -50.38 9.49
CA LYS B 237 3.04 -49.19 9.10
C LYS B 237 3.47 -48.41 10.35
N ILE B 238 2.61 -48.39 11.40
CA ILE B 238 2.85 -47.71 12.67
C ILE B 238 4.20 -48.13 13.28
N TYR B 239 4.39 -49.44 13.52
CA TYR B 239 5.67 -49.92 14.05
C TYR B 239 6.54 -50.64 13.02
N GLU B 240 6.12 -50.65 11.73
CA GLU B 240 6.75 -51.30 10.58
C GLU B 240 6.99 -52.81 10.81
N THR B 241 6.09 -53.43 11.59
CA THR B 241 6.16 -54.85 11.88
C THR B 241 5.15 -55.57 11.00
N ASP B 242 5.64 -56.41 10.09
CA ASP B 242 4.78 -57.17 9.20
C ASP B 242 3.97 -58.25 9.95
N ASN B 243 4.47 -58.70 11.11
CA ASN B 243 3.77 -59.65 11.93
C ASN B 243 3.03 -58.92 13.06
N VAL B 244 1.79 -58.48 12.79
CA VAL B 244 0.96 -57.80 13.79
C VAL B 244 -0.03 -58.84 14.33
N ASP B 245 0.22 -59.37 15.53
CA ASP B 245 -0.66 -60.37 16.12
C ASP B 245 -1.00 -60.02 17.56
N GLU B 246 -0.05 -59.45 18.33
CA GLU B 246 -0.29 -59.02 19.71
C GLU B 246 -1.29 -57.85 19.82
N PRO B 247 -1.12 -56.71 19.11
CA PRO B 247 -2.13 -55.64 19.21
C PRO B 247 -3.40 -55.97 18.45
N LEU B 248 -3.34 -56.83 17.40
CA LEU B 248 -4.52 -57.23 16.64
C LEU B 248 -5.41 -58.15 17.45
N ASN B 249 -4.81 -59.12 18.16
CA ASN B 249 -5.56 -60.02 19.04
C ASN B 249 -6.15 -59.21 20.20
N ALA B 250 -5.44 -58.17 20.68
CA ALA B 250 -5.89 -57.28 21.74
C ALA B 250 -7.09 -56.45 21.24
N ILE B 251 -7.05 -55.99 19.98
CA ILE B 251 -8.11 -55.23 19.34
C ILE B 251 -9.32 -56.13 19.07
N LYS B 252 -9.09 -57.39 18.68
CA LYS B 252 -10.14 -58.37 18.42
C LYS B 252 -10.83 -58.75 19.75
N GLU B 253 -10.04 -59.00 20.80
CA GLU B 253 -10.51 -59.39 22.14
C GLU B 253 -11.29 -58.28 22.86
N ALA B 254 -11.14 -57.03 22.41
CA ALA B 254 -11.88 -55.87 22.93
C ALA B 254 -13.20 -55.69 22.16
N VAL B 255 -13.22 -56.09 20.87
CA VAL B 255 -14.40 -55.99 20.03
C VAL B 255 -15.37 -57.18 20.25
N GLU B 256 -14.96 -58.40 19.90
CA GLU B 256 -15.84 -59.56 19.97
C GLU B 256 -16.20 -60.02 21.38
N GLN B 257 -15.37 -59.72 22.39
CA GLN B 257 -15.67 -60.17 23.76
C GLN B 257 -16.47 -59.14 24.59
N ASN B 258 -16.83 -57.99 24.00
CA ASN B 258 -17.64 -57.02 24.69
C ASN B 258 -18.87 -56.76 23.84
N GLU B 259 -18.74 -56.58 22.51
CA GLU B 259 -19.93 -56.37 21.68
C GLU B 259 -20.78 -57.63 21.46
N SER B 260 -20.38 -58.77 22.05
CA SER B 260 -21.14 -60.03 21.99
C SER B 260 -21.36 -60.68 23.39
N ALA B 261 -20.92 -60.00 24.47
CA ALA B 261 -21.11 -60.46 25.84
C ALA B 261 -21.80 -59.39 26.70
N LYS B 262 -21.61 -58.11 26.36
CA LYS B 262 -22.20 -57.00 27.08
C LYS B 262 -22.92 -55.99 26.13
N LYS B 263 -22.28 -55.64 25.00
CA LYS B 263 -22.78 -54.62 24.07
C LYS B 263 -23.49 -55.16 22.82
N ASN B 264 -24.76 -55.46 22.96
CA ASN B 264 -25.62 -55.86 21.86
C ASN B 264 -26.81 -54.88 21.86
N SER B 265 -27.36 -54.59 23.04
CA SER B 265 -28.44 -53.63 23.24
C SER B 265 -28.11 -52.70 24.42
N LEU B 266 -26.82 -52.35 24.58
CA LEU B 266 -26.34 -51.46 25.63
C LEU B 266 -26.70 -50.02 25.28
N SER B 267 -26.95 -49.20 26.29
CA SER B 267 -27.37 -47.82 26.09
C SER B 267 -26.38 -46.77 26.58
N LEU B 268 -26.72 -45.50 26.38
CA LEU B 268 -25.98 -44.33 26.84
C LEU B 268 -26.08 -44.29 28.38
N LEU B 269 -27.30 -44.51 28.92
CA LEU B 269 -27.59 -44.46 30.34
C LEU B 269 -27.31 -45.77 31.06
N SER B 270 -26.83 -46.82 30.38
CA SER B 270 -26.48 -48.10 31.03
C SER B 270 -25.37 -47.95 32.09
N ALA B 271 -24.79 -46.76 32.23
CA ALA B 271 -23.78 -46.44 33.23
C ALA B 271 -24.49 -46.25 34.59
N LEU B 272 -25.54 -45.40 34.63
CA LEU B 272 -26.34 -45.20 35.84
C LEU B 272 -27.29 -46.37 36.13
N LYS B 273 -27.48 -47.29 35.14
CA LYS B 273 -28.30 -48.48 35.26
C LYS B 273 -27.49 -49.67 35.83
N ILE B 274 -26.29 -49.92 35.29
CA ILE B 274 -25.43 -51.04 35.73
C ILE B 274 -24.39 -50.53 36.74
N PRO B 275 -24.32 -51.09 37.96
CA PRO B 275 -23.34 -50.62 38.95
C PRO B 275 -21.88 -50.85 38.58
N SER B 276 -21.63 -51.86 37.74
CA SER B 276 -20.31 -52.22 37.21
C SER B 276 -19.77 -51.13 36.25
N TYR B 277 -20.69 -50.41 35.59
CA TYR B 277 -20.40 -49.33 34.66
C TYR B 277 -20.54 -47.94 35.29
N ARG B 278 -21.19 -47.83 36.46
CA ARG B 278 -21.36 -46.56 37.15
C ARG B 278 -20.02 -46.12 37.75
N TYR B 279 -19.29 -47.06 38.38
CA TYR B 279 -17.98 -46.80 38.99
C TYR B 279 -17.00 -46.18 38.00
N VAL B 280 -17.17 -46.41 36.67
CA VAL B 280 -16.22 -45.88 35.70
C VAL B 280 -16.69 -44.55 35.12
N ILE B 281 -17.98 -44.43 34.82
CA ILE B 281 -18.53 -43.21 34.24
C ILE B 281 -18.54 -42.07 35.26
N ILE B 282 -18.93 -42.36 36.51
CA ILE B 282 -18.97 -41.34 37.54
C ILE B 282 -17.56 -40.90 37.91
N LEU B 283 -16.64 -41.86 38.09
CA LEU B 283 -15.26 -41.49 38.40
C LEU B 283 -14.58 -40.76 37.24
N GLY B 284 -14.94 -41.14 36.01
CA GLY B 284 -14.41 -40.50 34.81
C GLY B 284 -14.88 -39.07 34.68
N CYS B 285 -16.17 -38.83 34.94
CA CYS B 285 -16.73 -37.49 34.89
C CYS B 285 -16.21 -36.65 36.02
N LEU B 286 -16.05 -37.24 37.21
CA LEU B 286 -15.55 -36.58 38.40
C LEU B 286 -14.12 -36.11 38.22
N LEU B 287 -13.22 -36.98 37.69
CA LEU B 287 -11.83 -36.58 37.48
C LEU B 287 -11.74 -35.50 36.42
N SER B 288 -12.52 -35.63 35.32
CA SER B 288 -12.56 -34.66 34.23
C SER B 288 -13.10 -33.30 34.65
N GLY B 289 -14.01 -33.28 35.62
CA GLY B 289 -14.58 -32.05 36.13
C GLY B 289 -13.65 -31.39 37.14
N LEU B 290 -12.97 -32.21 37.96
CA LEU B 290 -12.01 -31.74 38.97
C LEU B 290 -10.77 -31.07 38.35
N GLN B 291 -10.57 -31.19 37.04
CA GLN B 291 -9.48 -30.54 36.35
C GLN B 291 -9.70 -29.03 36.41
N GLN B 292 -10.93 -28.57 36.17
CA GLN B 292 -11.26 -27.16 36.20
C GLN B 292 -11.24 -26.58 37.60
N PHE B 293 -11.55 -27.41 38.62
CA PHE B 293 -11.54 -27.01 40.03
C PHE B 293 -10.11 -26.98 40.57
N THR B 294 -9.26 -26.35 39.78
CA THR B 294 -7.85 -26.11 39.96
C THR B 294 -7.56 -24.61 39.70
N GLY B 295 -8.31 -24.00 38.77
CA GLY B 295 -8.17 -22.58 38.48
C GLY B 295 -7.26 -22.32 37.30
N ILE B 296 -7.42 -23.11 36.26
CA ILE B 296 -6.63 -22.94 35.06
C ILE B 296 -7.17 -21.82 34.22
N ASN B 297 -8.39 -21.97 33.66
CA ASN B 297 -8.94 -20.99 32.76
C ASN B 297 -9.20 -19.67 33.47
N VAL B 298 -8.97 -19.58 34.81
CA VAL B 298 -9.05 -18.31 35.50
C VAL B 298 -7.80 -17.49 35.06
N LEU B 299 -6.64 -18.14 34.92
CA LEU B 299 -5.38 -17.58 34.47
C LEU B 299 -5.24 -17.56 32.93
N VAL B 300 -6.10 -18.31 32.22
CA VAL B 300 -6.12 -18.35 30.76
C VAL B 300 -6.97 -17.19 30.21
N SER B 301 -8.27 -17.13 30.58
CA SER B 301 -9.19 -16.11 30.12
C SER B 301 -8.98 -14.71 30.75
N ASN B 302 -8.30 -14.62 31.91
CA ASN B 302 -8.08 -13.33 32.57
C ASN B 302 -6.63 -13.04 32.83
N SER B 303 -5.77 -13.43 31.86
CA SER B 303 -4.34 -13.21 31.92
C SER B 303 -4.02 -11.71 31.93
N ASN B 304 -4.64 -10.94 31.01
CA ASN B 304 -4.45 -9.49 30.89
C ASN B 304 -5.35 -8.66 31.86
N GLU B 305 -6.27 -9.32 32.57
CA GLU B 305 -7.25 -8.68 33.45
C GLU B 305 -6.94 -8.81 34.95
N LEU B 306 -6.59 -10.04 35.40
CA LEU B 306 -6.32 -10.30 36.82
C LEU B 306 -5.08 -9.59 37.36
N TYR B 307 -4.10 -9.36 36.50
CA TYR B 307 -2.85 -8.70 36.91
C TYR B 307 -2.99 -7.15 36.94
N LYS B 308 -4.08 -6.60 36.34
CA LYS B 308 -4.37 -5.15 36.32
C LYS B 308 -4.66 -4.60 37.73
N GLU B 309 -5.06 -5.47 38.67
CA GLU B 309 -5.38 -5.12 40.06
C GLU B 309 -4.25 -4.29 40.71
N PHE B 310 -2.98 -4.64 40.43
CA PHE B 310 -1.85 -3.85 40.92
C PHE B 310 -0.80 -3.63 39.84
N LEU B 311 -0.41 -4.69 39.12
CA LEU B 311 0.63 -4.59 38.08
C LEU B 311 0.23 -3.77 36.84
N ASP B 312 1.14 -2.90 36.35
CA ASP B 312 0.97 -2.02 35.19
C ASP B 312 0.83 -2.76 33.85
N SER B 313 0.43 -2.06 32.77
CA SER B 313 0.25 -2.62 31.42
C SER B 313 1.55 -3.16 30.83
N HIS B 314 2.69 -2.59 31.20
CA HIS B 314 3.99 -3.05 30.73
C HIS B 314 4.36 -4.37 31.42
N LEU B 315 3.98 -4.50 32.70
CA LEU B 315 4.25 -5.68 33.51
C LEU B 315 3.33 -6.83 33.15
N ILE B 316 2.06 -6.53 32.85
CA ILE B 316 1.04 -7.52 32.49
C ILE B 316 1.50 -8.36 31.29
N THR B 317 1.95 -7.68 30.23
CA THR B 317 2.42 -8.32 29.00
C THR B 317 3.61 -9.23 29.22
N ILE B 318 4.48 -8.90 30.18
CA ILE B 318 5.64 -9.73 30.48
C ILE B 318 5.25 -10.96 31.29
N LEU B 319 4.58 -10.76 32.44
CA LEU B 319 4.16 -11.84 33.31
C LEU B 319 3.25 -12.86 32.66
N SER B 320 2.59 -12.47 31.56
CA SER B 320 1.70 -13.36 30.84
C SER B 320 2.47 -14.11 29.73
N VAL B 321 3.30 -13.41 28.94
CA VAL B 321 4.10 -14.08 27.91
C VAL B 321 5.07 -15.09 28.51
N VAL B 322 5.56 -14.84 29.74
CA VAL B 322 6.44 -15.77 30.41
C VAL B 322 5.63 -16.96 30.91
N MET B 323 4.44 -16.69 31.46
CA MET B 323 3.54 -17.71 31.98
C MET B 323 3.15 -18.75 30.94
N THR B 324 2.72 -18.32 29.74
CA THR B 324 2.34 -19.25 28.67
C THR B 324 3.52 -20.01 28.13
N ALA B 325 4.72 -19.37 28.11
CA ALA B 325 5.96 -20.01 27.67
C ALA B 325 6.33 -21.11 28.66
N VAL B 326 6.21 -20.84 29.97
CA VAL B 326 6.45 -21.77 31.06
C VAL B 326 5.45 -22.92 30.96
N ASN B 327 4.17 -22.60 30.73
CA ASN B 327 3.08 -23.55 30.58
C ASN B 327 3.34 -24.50 29.40
N PHE B 328 3.89 -23.98 28.31
CA PHE B 328 4.21 -24.79 27.15
C PHE B 328 5.44 -25.65 27.44
N LEU B 329 6.48 -25.06 28.05
CA LEU B 329 7.71 -25.78 28.35
C LEU B 329 7.52 -26.90 29.37
N MET B 330 6.66 -26.68 30.38
CA MET B 330 6.40 -27.66 31.42
C MET B 330 5.60 -28.86 30.96
N THR B 331 4.99 -28.81 29.76
CA THR B 331 4.29 -29.97 29.22
C THR B 331 5.29 -31.01 28.69
N PHE B 332 6.52 -30.59 28.32
CA PHE B 332 7.55 -31.51 27.86
C PHE B 332 7.94 -32.56 28.90
N PRO B 333 8.27 -32.19 30.17
CA PRO B 333 8.63 -33.22 31.15
C PRO B 333 7.57 -34.29 31.34
N ALA B 334 6.30 -33.95 31.12
CA ALA B 334 5.21 -34.89 31.27
C ALA B 334 5.27 -36.04 30.27
N ILE B 335 5.84 -35.80 29.08
CA ILE B 335 5.94 -36.81 28.01
C ILE B 335 6.63 -38.08 28.50
N TYR B 336 7.82 -37.94 29.08
CA TYR B 336 8.58 -39.09 29.54
C TYR B 336 8.14 -39.62 30.90
N ILE B 337 7.75 -38.74 31.84
CA ILE B 337 7.37 -39.20 33.18
C ILE B 337 5.94 -39.76 33.27
N VAL B 338 5.16 -39.73 32.17
CA VAL B 338 3.82 -40.30 32.19
C VAL B 338 3.85 -41.83 32.07
N GLU B 339 4.91 -42.38 31.46
CA GLU B 339 5.07 -43.83 31.37
C GLU B 339 5.94 -44.38 32.51
N LYS B 340 6.87 -43.57 33.04
CA LYS B 340 7.74 -43.95 34.15
C LYS B 340 6.93 -44.04 35.46
N LEU B 341 6.37 -42.91 35.91
CA LEU B 341 5.57 -42.83 37.14
C LEU B 341 4.20 -43.44 36.94
N GLY B 342 3.62 -43.21 35.77
CA GLY B 342 2.27 -43.65 35.49
C GLY B 342 1.35 -42.45 35.38
N ARG B 343 0.06 -42.67 35.58
CA ARG B 343 -0.94 -41.61 35.48
C ARG B 343 -1.36 -41.21 36.90
N LYS B 344 -1.58 -42.21 37.77
CA LYS B 344 -2.00 -41.96 39.15
C LYS B 344 -0.89 -41.31 39.96
N THR B 345 0.37 -41.68 39.70
CA THR B 345 1.51 -41.12 40.43
C THR B 345 1.71 -39.65 40.09
N LEU B 346 1.53 -39.30 38.81
CA LEU B 346 1.66 -37.93 38.36
C LEU B 346 0.53 -37.07 38.86
N LEU B 347 -0.72 -37.58 38.81
CA LEU B 347 -1.91 -36.85 39.26
C LEU B 347 -1.77 -36.37 40.71
N LEU B 348 -1.29 -37.25 41.59
CA LEU B 348 -1.11 -36.94 43.01
C LEU B 348 -0.07 -35.83 43.23
N TRP B 349 1.03 -35.87 42.48
CA TRP B 349 2.08 -34.85 42.57
C TRP B 349 1.60 -33.47 42.15
N GLY B 350 0.68 -33.42 41.19
CA GLY B 350 0.08 -32.18 40.72
C GLY B 350 -0.82 -31.56 41.77
N CYS B 351 -1.51 -32.41 42.54
CA CYS B 351 -2.35 -31.95 43.65
C CYS B 351 -1.52 -31.49 44.85
N VAL B 352 -0.25 -31.92 44.94
CA VAL B 352 0.64 -31.51 46.02
C VAL B 352 1.14 -30.09 45.72
N GLY B 353 1.67 -29.89 44.50
CA GLY B 353 2.21 -28.61 44.07
C GLY B 353 1.21 -27.48 44.04
N VAL B 354 -0.06 -27.81 43.80
CA VAL B 354 -1.15 -26.83 43.77
C VAL B 354 -1.51 -26.36 45.18
N LEU B 355 -1.31 -27.22 46.20
CA LEU B 355 -1.52 -26.86 47.60
C LEU B 355 -0.43 -25.89 48.06
N VAL B 356 0.81 -26.11 47.59
CA VAL B 356 1.94 -25.24 47.88
C VAL B 356 1.83 -23.90 47.12
N ALA B 357 1.00 -23.84 46.08
CA ALA B 357 0.81 -22.62 45.31
C ALA B 357 -0.39 -21.82 45.82
N TYR B 358 -1.43 -22.50 46.34
CA TYR B 358 -2.66 -21.83 46.80
C TYR B 358 -2.69 -21.50 48.29
N LEU B 359 -2.48 -22.49 49.19
CA LEU B 359 -2.56 -22.29 50.64
C LEU B 359 -1.56 -21.24 51.20
N PRO B 360 -0.27 -21.22 50.81
CA PRO B 360 0.62 -20.16 51.32
C PRO B 360 0.23 -18.77 50.82
N THR B 361 -0.44 -18.71 49.66
CA THR B 361 -0.91 -17.49 49.01
C THR B 361 -2.25 -17.02 49.59
N ALA B 362 -3.00 -17.89 50.27
CA ALA B 362 -4.28 -17.52 50.87
C ALA B 362 -4.09 -16.55 52.06
N ILE B 363 -3.13 -16.84 52.94
CA ILE B 363 -2.84 -15.98 54.08
C ILE B 363 -1.94 -14.82 53.66
N ALA B 364 -1.11 -15.02 52.61
CA ALA B 364 -0.26 -13.96 52.08
C ALA B 364 -1.10 -12.83 51.47
N ASN B 365 -2.18 -13.15 50.74
CA ASN B 365 -3.07 -12.15 50.15
C ASN B 365 -3.98 -11.48 51.20
N GLU B 366 -4.25 -12.20 52.31
CA GLU B 366 -5.11 -11.78 53.41
C GLU B 366 -4.62 -10.53 54.15
N ILE B 367 -3.37 -10.58 54.63
CA ILE B 367 -2.79 -9.50 55.40
C ILE B 367 -2.48 -8.26 54.54
N ASN B 368 -2.06 -8.47 53.28
CA ASN B 368 -1.70 -7.39 52.35
C ASN B 368 -0.57 -6.56 52.93
N ASN B 372 4.47 -5.83 50.97
CA ASN B 372 4.89 -6.02 49.59
C ASN B 372 5.87 -7.20 49.43
N PHE B 373 6.60 -7.57 50.50
CA PHE B 373 7.61 -8.65 50.53
C PHE B 373 7.00 -10.02 50.19
N VAL B 374 5.82 -10.28 50.74
CA VAL B 374 5.08 -11.53 50.52
C VAL B 374 4.05 -11.38 49.36
N LYS B 375 3.68 -10.14 48.99
CA LYS B 375 2.79 -9.83 47.88
C LYS B 375 3.47 -10.14 46.53
N ILE B 376 4.81 -10.01 46.46
CA ILE B 376 5.59 -10.37 45.28
C ILE B 376 5.66 -11.91 45.19
N LEU B 377 5.86 -12.58 46.33
CA LEU B 377 5.90 -14.05 46.46
C LEU B 377 4.54 -14.71 46.10
N SER B 378 3.46 -13.93 46.11
CA SER B 378 2.11 -14.36 45.72
C SER B 378 2.06 -14.59 44.20
N ILE B 379 2.70 -13.70 43.42
CA ILE B 379 2.81 -13.79 41.95
C ILE B 379 3.78 -14.91 41.56
N VAL B 380 4.82 -15.14 42.39
CA VAL B 380 5.78 -16.23 42.19
C VAL B 380 5.02 -17.55 42.36
N ALA B 381 4.15 -17.65 43.37
CA ALA B 381 3.31 -18.83 43.61
C ALA B 381 2.32 -19.09 42.46
N THR B 382 1.96 -18.04 41.69
CA THR B 382 1.11 -18.18 40.49
C THR B 382 1.88 -18.98 39.41
N PHE B 383 3.22 -18.85 39.38
CA PHE B 383 4.10 -19.61 38.51
C PHE B 383 4.30 -21.04 39.05
N VAL B 384 4.27 -21.22 40.39
CA VAL B 384 4.32 -22.52 41.06
C VAL B 384 3.12 -23.35 40.64
N MET B 385 1.94 -22.70 40.49
CA MET B 385 0.75 -23.39 40.02
C MET B 385 0.99 -23.86 38.58
N ILE B 386 1.31 -22.95 37.65
CA ILE B 386 1.58 -23.25 36.23
C ILE B 386 2.59 -24.39 36.04
N ILE B 387 3.69 -24.38 36.80
CA ILE B 387 4.75 -25.38 36.71
C ILE B 387 4.29 -26.77 37.14
N SER B 388 3.83 -26.90 38.40
CA SER B 388 3.37 -28.20 38.92
C SER B 388 2.16 -28.72 38.13
N PHE B 389 1.35 -27.79 37.67
CA PHE B 389 0.11 -27.89 36.92
C PHE B 389 0.25 -28.64 35.60
N ALA B 390 0.82 -28.01 34.57
CA ALA B 390 0.98 -28.50 33.21
C ALA B 390 1.67 -29.85 33.09
N VAL B 391 2.23 -30.40 34.17
CA VAL B 391 2.87 -31.70 34.15
C VAL B 391 1.84 -32.81 34.37
N SER B 392 1.01 -32.68 35.39
CA SER B 392 -0.03 -33.67 35.69
C SER B 392 -1.42 -33.27 35.20
N TYR B 393 -1.53 -32.14 34.49
CA TYR B 393 -2.78 -31.55 34.09
C TYR B 393 -3.42 -32.24 32.89
N GLY B 394 -3.63 -31.50 31.80
CA GLY B 394 -4.14 -32.01 30.54
C GLY B 394 -3.35 -33.17 29.96
N PRO B 395 -2.01 -33.26 30.17
CA PRO B 395 -1.29 -34.41 29.64
C PRO B 395 -1.74 -35.71 30.32
N VAL B 396 -2.05 -35.66 31.62
CA VAL B 396 -2.48 -36.87 32.32
C VAL B 396 -3.99 -37.10 32.16
N LEU B 397 -4.77 -36.02 32.23
CA LEU B 397 -6.23 -36.14 32.14
C LEU B 397 -6.76 -36.64 30.83
N TRP B 398 -6.41 -35.99 29.73
CA TRP B 398 -6.93 -36.34 28.42
C TRP B 398 -6.55 -37.75 27.96
N ILE B 399 -5.40 -38.28 28.38
CA ILE B 399 -5.02 -39.64 28.01
C ILE B 399 -5.67 -40.66 28.93
N TYR B 400 -5.79 -40.34 30.22
CA TYR B 400 -6.45 -41.22 31.18
C TYR B 400 -7.94 -41.35 30.85
N LEU B 401 -8.52 -40.32 30.25
CA LEU B 401 -9.91 -40.30 29.83
C LEU B 401 -10.17 -41.33 28.73
N HIS B 402 -9.18 -41.62 27.88
CA HIS B 402 -9.36 -42.63 26.83
C HIS B 402 -8.71 -43.99 27.18
N GLU B 403 -8.37 -44.18 28.45
CA GLU B 403 -7.84 -45.41 29.03
C GLU B 403 -8.83 -45.99 30.01
N MET B 404 -9.67 -45.16 30.65
CA MET B 404 -10.59 -45.62 31.68
C MET B 404 -11.95 -46.09 31.18
N PHE B 405 -12.09 -46.37 29.89
CA PHE B 405 -13.35 -46.91 29.35
C PHE B 405 -13.05 -48.22 28.66
N PRO B 406 -13.35 -49.35 29.31
CA PRO B 406 -12.92 -50.63 28.75
C PRO B 406 -13.86 -51.21 27.71
N SER B 407 -15.16 -51.22 27.99
CA SER B 407 -16.17 -51.75 27.06
C SER B 407 -16.21 -50.92 25.76
N GLU B 408 -16.91 -51.43 24.73
CA GLU B 408 -17.08 -50.75 23.45
C GLU B 408 -17.60 -49.30 23.61
N ILE B 409 -18.10 -48.95 24.83
CA ILE B 409 -18.59 -47.63 25.23
C ILE B 409 -17.42 -46.59 25.39
N LYS B 410 -16.23 -46.93 24.86
CA LYS B 410 -15.00 -46.16 24.87
C LYS B 410 -15.18 -44.76 24.29
N ASP B 411 -15.71 -44.67 23.08
CA ASP B 411 -15.90 -43.38 22.43
C ASP B 411 -17.15 -42.65 22.94
N SER B 412 -18.13 -43.39 23.50
CA SER B 412 -19.38 -42.84 24.01
C SER B 412 -19.19 -42.10 25.34
N ALA B 413 -18.76 -42.83 26.37
CA ALA B 413 -18.56 -42.29 27.70
C ALA B 413 -17.47 -41.24 27.77
N ALA B 414 -16.45 -41.35 26.91
CA ALA B 414 -15.39 -40.34 26.86
C ALA B 414 -15.90 -38.99 26.38
N SER B 415 -16.92 -39.00 25.50
CA SER B 415 -17.51 -37.78 24.99
C SER B 415 -18.19 -37.01 26.11
N LEU B 416 -18.96 -37.72 26.95
CA LEU B 416 -19.65 -37.12 28.08
C LEU B 416 -18.71 -36.72 29.22
N ALA B 417 -17.58 -37.41 29.35
CA ALA B 417 -16.59 -37.07 30.36
C ALA B 417 -15.92 -35.74 29.99
N SER B 418 -15.50 -35.59 28.70
CA SER B 418 -14.87 -34.36 28.21
C SER B 418 -15.84 -33.18 28.19
N LEU B 419 -17.17 -33.46 28.15
CA LEU B 419 -18.25 -32.47 28.20
C LEU B 419 -18.26 -31.81 29.59
N VAL B 420 -18.20 -32.63 30.67
CA VAL B 420 -18.15 -32.18 32.05
C VAL B 420 -17.01 -31.19 32.28
N ASN B 421 -15.85 -31.43 31.66
CA ASN B 421 -14.70 -30.53 31.74
C ASN B 421 -15.09 -29.13 31.26
N TRP B 422 -15.84 -29.03 30.15
CA TRP B 422 -16.28 -27.73 29.64
C TRP B 422 -17.50 -27.17 30.35
N VAL B 423 -18.26 -28.00 31.06
CA VAL B 423 -19.35 -27.53 31.90
C VAL B 423 -18.76 -26.86 33.14
N CYS B 424 -17.74 -27.51 33.73
CA CYS B 424 -17.00 -27.02 34.90
C CYS B 424 -16.24 -25.75 34.62
N ALA B 425 -15.84 -25.51 33.38
CA ALA B 425 -15.17 -24.28 32.99
C ALA B 425 -16.06 -23.06 33.27
N ILE B 426 -17.38 -23.21 33.05
CA ILE B 426 -18.36 -22.16 33.33
C ILE B 426 -18.53 -22.04 34.85
N ILE B 427 -18.63 -23.20 35.53
CA ILE B 427 -18.79 -23.37 36.97
C ILE B 427 -17.62 -22.81 37.79
N VAL B 428 -16.41 -22.79 37.21
CA VAL B 428 -15.23 -22.31 37.91
C VAL B 428 -14.86 -20.87 37.54
N VAL B 429 -14.65 -20.57 36.25
CA VAL B 429 -14.24 -19.24 35.79
C VAL B 429 -15.20 -18.11 36.21
N PHE B 430 -16.49 -18.27 35.89
CA PHE B 430 -17.51 -17.26 36.20
C PHE B 430 -17.55 -16.82 37.68
N PRO B 431 -17.72 -17.72 38.69
CA PRO B 431 -17.74 -17.26 40.09
C PRO B 431 -16.37 -16.78 40.56
N SER B 432 -15.28 -17.36 40.04
CA SER B 432 -13.91 -16.99 40.42
C SER B 432 -13.65 -15.51 40.26
N ASP B 433 -14.04 -14.92 39.13
CA ASP B 433 -13.83 -13.50 38.90
C ASP B 433 -14.67 -12.62 39.80
N ILE B 434 -15.85 -13.10 40.22
CA ILE B 434 -16.72 -12.38 41.14
C ILE B 434 -16.10 -12.40 42.55
N ILE B 435 -15.62 -13.58 42.97
CA ILE B 435 -15.03 -13.81 44.28
C ILE B 435 -13.63 -13.19 44.40
N ILE B 436 -12.88 -13.06 43.30
CA ILE B 436 -11.56 -12.41 43.32
C ILE B 436 -11.73 -10.91 43.62
N LYS B 437 -12.78 -10.30 43.06
CA LYS B 437 -13.09 -8.89 43.27
C LYS B 437 -13.50 -8.58 44.71
N LYS B 438 -14.29 -9.48 45.34
CA LYS B 438 -14.76 -9.26 46.71
C LYS B 438 -13.75 -9.73 47.78
N SER B 439 -13.44 -11.04 47.85
CA SER B 439 -12.53 -11.57 48.86
C SER B 439 -11.58 -12.63 48.28
N PRO B 440 -10.31 -12.27 48.01
CA PRO B 440 -9.37 -13.26 47.46
C PRO B 440 -8.96 -14.33 48.47
N SER B 441 -9.04 -14.01 49.78
CA SER B 441 -8.70 -14.95 50.85
C SER B 441 -9.58 -16.19 50.78
N ILE B 442 -10.92 -16.01 50.71
CA ILE B 442 -11.86 -17.12 50.64
C ILE B 442 -11.64 -17.96 49.37
N LEU B 443 -11.30 -17.30 48.25
CA LEU B 443 -11.06 -17.98 46.99
C LEU B 443 -9.89 -18.97 47.05
N PHE B 444 -8.71 -18.51 47.48
CA PHE B 444 -7.54 -19.38 47.59
C PHE B 444 -7.72 -20.47 48.65
N ILE B 445 -8.60 -20.24 49.64
CA ILE B 445 -8.92 -21.21 50.68
C ILE B 445 -9.79 -22.32 50.07
N VAL B 446 -10.84 -21.96 49.32
CA VAL B 446 -11.73 -22.94 48.67
C VAL B 446 -10.96 -23.74 47.62
N PHE B 447 -10.04 -23.09 46.91
CA PHE B 447 -9.21 -23.78 45.94
C PHE B 447 -8.25 -24.77 46.64
N SER B 448 -7.80 -24.47 47.86
CA SER B 448 -6.95 -25.35 48.67
C SER B 448 -7.73 -26.55 49.24
N VAL B 449 -9.03 -26.36 49.49
CA VAL B 449 -9.92 -27.42 49.95
C VAL B 449 -10.11 -28.41 48.78
N MET B 450 -10.30 -27.89 47.54
CA MET B 450 -10.40 -28.71 46.33
C MET B 450 -9.09 -29.39 46.01
N SER B 451 -7.96 -28.74 46.31
CA SER B 451 -6.62 -29.29 46.13
C SER B 451 -6.36 -30.46 47.08
N ILE B 452 -7.00 -30.46 48.26
CA ILE B 452 -6.94 -31.54 49.24
C ILE B 452 -7.91 -32.64 48.80
N LEU B 453 -9.13 -32.26 48.39
CA LEU B 453 -10.19 -33.16 47.95
C LEU B 453 -9.78 -33.99 46.73
N THR B 454 -9.12 -33.37 45.75
CA THR B 454 -8.67 -34.05 44.54
C THR B 454 -7.58 -35.06 44.83
N PHE B 455 -6.60 -34.69 45.68
CA PHE B 455 -5.50 -35.57 46.05
C PHE B 455 -6.02 -36.83 46.72
N PHE B 456 -6.92 -36.67 47.69
CA PHE B 456 -7.52 -37.81 48.38
C PHE B 456 -8.56 -38.55 47.54
N PHE B 457 -9.05 -37.93 46.45
CA PHE B 457 -9.96 -38.56 45.53
C PHE B 457 -9.15 -39.51 44.64
N ILE B 458 -7.99 -39.06 44.15
CA ILE B 458 -7.12 -39.88 43.29
C ILE B 458 -6.50 -41.03 44.07
N PHE B 459 -6.09 -40.76 45.32
CA PHE B 459 -5.49 -41.73 46.21
C PHE B 459 -6.47 -42.85 46.63
N PHE B 460 -7.76 -42.54 46.73
CA PHE B 460 -8.75 -43.53 47.15
C PHE B 460 -9.52 -44.20 46.00
N PHE B 461 -9.76 -43.49 44.89
CA PHE B 461 -10.59 -44.04 43.82
C PHE B 461 -9.92 -44.25 42.46
N ILE B 462 -9.12 -43.29 42.00
CA ILE B 462 -8.50 -43.32 40.67
C ILE B 462 -7.51 -44.47 40.51
N LYS B 463 -7.78 -45.34 39.52
CA LYS B 463 -6.95 -46.48 39.14
C LYS B 463 -5.63 -46.01 38.48
N GLU B 464 -4.74 -46.96 38.14
CA GLU B 464 -3.51 -46.66 37.44
C GLU B 464 -3.49 -47.51 36.16
N THR B 465 -3.34 -46.85 35.00
CA THR B 465 -3.31 -47.56 33.72
C THR B 465 -2.02 -47.23 32.97
N LYS B 466 -1.33 -48.23 32.43
CA LYS B 466 -0.10 -48.01 31.66
C LYS B 466 -0.12 -48.73 30.31
N PHE C 8 12.93 49.28 -40.59
CA PHE C 8 13.31 48.50 -39.41
C PHE C 8 14.83 48.30 -39.33
N PHE C 9 15.36 48.25 -38.09
CA PHE C 9 16.75 47.97 -37.75
C PHE C 9 16.79 46.65 -36.93
N SER C 10 17.41 45.60 -37.53
CA SER C 10 17.46 44.24 -37.00
C SER C 10 18.09 44.10 -35.63
N THR C 11 18.64 45.18 -35.05
CA THR C 11 19.18 45.13 -33.69
C THR C 11 18.01 44.91 -32.67
N SER C 12 16.78 45.35 -33.00
CA SER C 12 15.62 45.08 -32.16
C SER C 12 15.36 43.57 -32.11
N PHE C 13 15.37 42.92 -33.28
CA PHE C 13 15.16 41.48 -33.44
C PHE C 13 16.33 40.68 -32.85
N LYS C 14 17.55 41.24 -32.94
CA LYS C 14 18.79 40.65 -32.45
C LYS C 14 18.65 40.32 -30.96
N TYR C 15 18.12 41.27 -30.17
CA TYR C 15 17.90 41.06 -28.74
C TYR C 15 16.75 40.09 -28.47
N VAL C 16 15.78 39.97 -29.40
CA VAL C 16 14.66 39.03 -29.29
C VAL C 16 15.15 37.59 -29.47
N LEU C 17 15.97 37.35 -30.49
CA LEU C 17 16.51 36.04 -30.78
C LEU C 17 17.38 35.50 -29.63
N SER C 18 18.18 36.37 -28.99
CA SER C 18 19.06 36.04 -27.86
C SER C 18 18.30 35.57 -26.63
N ALA C 19 17.13 36.15 -26.42
CA ALA C 19 16.25 35.74 -25.34
C ALA C 19 15.43 34.51 -25.77
N CYS C 20 15.22 34.32 -27.08
CA CYS C 20 14.47 33.20 -27.65
C CYS C 20 15.19 31.87 -27.54
N ILE C 21 16.49 31.85 -27.21
CA ILE C 21 17.21 30.62 -26.97
C ILE C 21 16.57 29.88 -25.79
N ALA C 22 16.13 30.64 -24.76
CA ALA C 22 15.41 30.10 -23.60
C ALA C 22 14.09 29.50 -24.04
N SER C 23 13.38 30.14 -24.99
CA SER C 23 12.12 29.65 -25.53
C SER C 23 12.28 28.31 -26.22
N PHE C 24 13.41 28.13 -26.91
CA PHE C 24 13.75 26.87 -27.55
C PHE C 24 14.08 25.81 -26.48
N ILE C 25 14.70 26.22 -25.36
CA ILE C 25 15.02 25.33 -24.25
C ILE C 25 13.74 24.87 -23.54
N PHE C 26 12.72 25.70 -23.52
CA PHE C 26 11.45 25.38 -22.93
C PHE C 26 10.78 24.29 -23.76
N GLY C 27 10.53 24.56 -25.03
CA GLY C 27 9.91 23.63 -25.96
C GLY C 27 10.61 22.30 -26.12
N TYR C 28 11.96 22.30 -26.08
CA TYR C 28 12.76 21.09 -26.19
C TYR C 28 12.65 20.30 -24.90
N GLN C 29 12.74 20.98 -23.73
CA GLN C 29 12.59 20.34 -22.43
C GLN C 29 11.15 19.96 -22.09
N VAL C 30 10.18 20.20 -22.98
CA VAL C 30 8.79 19.80 -22.75
C VAL C 30 8.56 18.40 -23.36
N SER C 31 9.15 18.13 -24.53
CA SER C 31 8.89 16.89 -25.24
C SER C 31 10.07 15.97 -25.46
N VAL C 32 11.20 16.18 -24.77
CA VAL C 32 12.33 15.28 -24.96
C VAL C 32 12.03 13.97 -24.27
N LEU C 33 11.67 14.00 -22.98
CA LEU C 33 11.33 12.76 -22.28
C LEU C 33 10.07 12.12 -22.86
N ASN C 34 9.15 12.94 -23.36
CA ASN C 34 7.88 12.49 -23.91
C ASN C 34 8.04 11.70 -25.21
N THR C 35 9.24 11.69 -25.84
CA THR C 35 9.47 10.89 -27.05
C THR C 35 10.26 9.63 -26.72
N ILE C 36 11.33 9.77 -25.93
CA ILE C 36 12.16 8.63 -25.53
C ILE C 36 11.75 8.07 -24.16
N LYS C 37 10.45 8.20 -23.80
CA LYS C 37 9.87 7.72 -22.54
C LYS C 37 9.97 6.22 -22.44
N ASN C 38 9.70 5.53 -23.55
CA ASN C 38 9.73 4.08 -23.58
C ASN C 38 11.14 3.55 -23.30
N PHE C 39 12.17 4.24 -23.80
CA PHE C 39 13.56 3.86 -23.60
C PHE C 39 13.90 3.88 -22.10
N ILE C 40 13.48 4.94 -21.41
CA ILE C 40 13.75 5.24 -20.00
C ILE C 40 13.14 4.19 -19.06
N VAL C 41 12.08 3.49 -19.49
CA VAL C 41 11.48 2.49 -18.61
C VAL C 41 12.11 1.10 -18.82
N VAL C 42 13.02 0.94 -19.81
CA VAL C 42 13.76 -0.30 -20.04
C VAL C 42 14.82 -0.45 -18.93
N GLU C 43 15.54 0.64 -18.61
CA GLU C 43 16.57 0.60 -17.57
C GLU C 43 15.96 0.51 -16.17
N PHE C 44 15.03 1.43 -15.88
CA PHE C 44 14.32 1.61 -14.62
C PHE C 44 13.53 0.34 -14.19
N GLU C 45 13.04 -0.44 -15.15
CA GLU C 45 12.21 -1.64 -14.82
C GLU C 45 12.58 -2.85 -15.70
N TRP C 46 12.80 -4.02 -15.08
CA TRP C 46 13.14 -5.30 -15.74
C TRP C 46 11.98 -6.29 -15.54
N CYS C 47 11.13 -6.53 -16.57
CA CYS C 47 9.98 -7.44 -16.38
C CYS C 47 9.86 -8.60 -17.39
N LYS C 48 10.60 -8.52 -18.53
CA LYS C 48 10.61 -9.57 -19.58
C LYS C 48 12.00 -9.69 -20.26
N GLY C 49 12.20 -10.77 -21.05
CA GLY C 49 13.47 -10.98 -21.74
C GLY C 49 13.67 -10.02 -22.94
N GLU C 50 12.68 -9.92 -23.82
CA GLU C 50 12.81 -9.11 -25.02
C GLU C 50 11.55 -8.74 -25.75
N LYS C 51 11.73 -8.26 -27.01
CA LYS C 51 10.74 -7.66 -27.94
C LYS C 51 10.35 -6.26 -27.42
N ASP C 52 10.32 -5.20 -28.27
CA ASP C 52 9.98 -3.85 -27.78
C ASP C 52 8.57 -3.77 -27.14
N ARG C 53 7.71 -4.83 -27.27
CA ARG C 53 6.39 -4.91 -26.60
C ARG C 53 6.64 -4.90 -25.09
N LEU C 54 7.62 -5.75 -24.64
CA LEU C 54 8.08 -6.00 -23.26
C LEU C 54 6.85 -5.94 -22.27
N ASN C 55 6.96 -5.29 -21.10
CA ASN C 55 5.83 -5.14 -20.18
C ASN C 55 5.84 -3.68 -19.70
N CYS C 56 4.71 -2.95 -19.83
CA CYS C 56 4.61 -1.52 -19.48
C CYS C 56 3.47 -1.29 -18.48
N SER C 57 3.70 -1.58 -17.18
CA SER C 57 2.71 -1.53 -16.10
C SER C 57 2.69 -0.22 -15.26
N ASN C 58 2.76 -0.31 -13.90
CA ASN C 58 2.83 0.83 -12.96
C ASN C 58 4.08 1.68 -13.12
N ASN C 59 5.06 1.21 -13.90
CA ASN C 59 6.27 1.94 -14.25
C ASN C 59 5.87 3.09 -15.22
N THR C 60 4.89 2.86 -16.13
CA THR C 60 4.41 3.95 -16.98
C THR C 60 3.30 4.77 -16.25
N ILE C 61 2.73 4.25 -15.15
CA ILE C 61 1.80 4.99 -14.29
C ILE C 61 2.63 6.01 -13.47
N GLN C 62 3.79 5.56 -12.93
CA GLN C 62 4.77 6.45 -12.32
C GLN C 62 5.29 7.43 -13.38
N SER C 63 5.23 7.08 -14.66
CA SER C 63 5.62 7.96 -15.73
C SER C 63 4.65 9.15 -15.84
N SER C 64 3.34 8.91 -15.57
CA SER C 64 2.37 10.01 -15.53
C SER C 64 2.70 10.93 -14.34
N PHE C 65 3.09 10.33 -13.20
CA PHE C 65 3.51 10.99 -11.98
C PHE C 65 4.71 11.91 -12.26
N LEU C 66 5.65 11.42 -13.06
CA LEU C 66 6.85 12.11 -13.49
C LEU C 66 6.47 13.29 -14.38
N LEU C 67 5.50 13.12 -15.28
CA LEU C 67 5.04 14.22 -16.13
C LEU C 67 4.45 15.36 -15.29
N ALA C 68 3.73 14.99 -14.22
CA ALA C 68 3.14 15.96 -13.32
C ALA C 68 4.21 16.90 -12.76
N SER C 69 5.39 16.34 -12.45
CA SER C 69 6.51 17.10 -11.93
C SER C 69 6.93 18.23 -12.81
N VAL C 70 6.78 18.10 -14.13
CA VAL C 70 7.14 19.19 -15.02
C VAL C 70 6.12 20.32 -15.02
N PHE C 71 4.90 20.06 -14.60
CA PHE C 71 3.88 21.10 -14.49
C PHE C 71 4.02 21.74 -13.14
N ILE C 72 4.09 20.92 -12.07
CA ILE C 72 4.25 21.45 -10.70
C ILE C 72 5.53 22.24 -10.53
N GLY C 73 6.57 21.88 -11.27
CA GLY C 73 7.81 22.63 -11.28
C GLY C 73 7.58 23.95 -11.99
N ALA C 74 6.90 23.91 -13.14
CA ALA C 74 6.62 25.12 -13.90
C ALA C 74 5.65 26.03 -13.22
N VAL C 75 4.84 25.53 -12.29
CA VAL C 75 3.91 26.33 -11.51
C VAL C 75 4.74 27.22 -10.61
N LEU C 76 5.71 26.64 -9.89
CA LEU C 76 6.62 27.38 -9.00
C LEU C 76 7.59 28.26 -9.78
N GLY C 77 7.98 27.85 -10.98
CA GLY C 77 8.85 28.64 -11.83
C GLY C 77 8.19 29.92 -12.23
N CYS C 78 6.95 29.79 -12.65
CA CYS C 78 6.08 30.90 -12.98
C CYS C 78 5.98 31.87 -11.83
N GLY C 79 5.83 31.32 -10.66
CA GLY C 79 5.76 32.10 -9.44
C GLY C 79 7.05 32.81 -9.13
N PHE C 80 8.13 32.06 -9.02
CA PHE C 80 9.42 32.63 -8.66
C PHE C 80 9.90 33.65 -9.66
N SER C 81 9.59 33.45 -10.94
CA SER C 81 9.94 34.44 -11.94
C SER C 81 9.26 35.80 -11.72
N GLY C 82 8.46 35.94 -10.66
CA GLY C 82 7.79 37.17 -10.30
C GLY C 82 8.43 37.86 -9.13
N TYR C 83 9.59 37.37 -8.69
CA TYR C 83 10.44 37.94 -7.63
C TYR C 83 11.92 37.74 -8.01
N LEU C 84 12.19 37.03 -9.12
CA LEU C 84 13.49 36.96 -9.74
C LEU C 84 13.56 38.17 -10.69
N VAL C 85 12.49 38.41 -11.47
CA VAL C 85 12.41 39.54 -12.40
C VAL C 85 12.54 40.92 -11.68
N GLN C 86 12.40 40.92 -10.35
CA GLN C 86 12.60 42.08 -9.47
C GLN C 86 14.08 42.52 -9.54
N PHE C 87 15.01 41.58 -9.80
CA PHE C 87 16.45 41.87 -9.94
C PHE C 87 16.86 42.06 -11.44
N GLY C 88 15.87 42.41 -12.24
CA GLY C 88 15.99 42.66 -13.67
C GLY C 88 15.86 41.44 -14.54
N ARG C 89 15.43 41.66 -15.81
CA ARG C 89 15.35 40.63 -16.84
C ARG C 89 16.74 40.25 -17.37
N ARG C 90 17.80 41.01 -16.95
CA ARG C 90 19.20 40.81 -17.19
C ARG C 90 19.51 39.46 -16.51
N LEU C 91 19.53 39.41 -15.17
CA LEU C 91 19.82 38.19 -14.46
C LEU C 91 18.74 37.17 -14.65
N SER C 92 17.47 37.60 -14.74
CA SER C 92 16.35 36.65 -14.90
C SER C 92 16.53 35.68 -16.06
N LEU C 93 16.90 36.22 -17.22
CA LEU C 93 17.10 35.44 -18.42
C LEU C 93 18.47 34.76 -18.43
N LEU C 94 19.41 35.30 -17.69
CA LEU C 94 20.74 34.77 -17.59
C LEU C 94 20.78 33.49 -16.78
N ILE C 95 20.11 33.45 -15.61
CA ILE C 95 20.04 32.30 -14.70
C ILE C 95 19.32 31.14 -15.34
N ILE C 96 18.24 31.43 -16.09
CA ILE C 96 17.49 30.37 -16.76
C ILE C 96 18.24 29.75 -17.91
N TYR C 97 19.53 29.97 -17.99
CA TYR C 97 20.46 29.37 -18.93
C TYR C 97 21.50 28.61 -18.09
N ASN C 98 21.98 29.20 -16.98
CA ASN C 98 22.95 28.52 -16.11
C ASN C 98 22.29 27.35 -15.43
N PHE C 99 21.06 27.56 -14.97
CA PHE C 99 20.25 26.60 -14.31
C PHE C 99 19.95 25.49 -15.25
N PHE C 100 19.40 25.84 -16.41
CA PHE C 100 19.05 24.86 -17.41
C PHE C 100 20.23 23.98 -17.81
N PHE C 101 21.44 24.57 -17.93
CA PHE C 101 22.64 23.83 -18.29
C PHE C 101 22.95 22.82 -17.16
N LEU C 102 22.85 23.26 -15.91
CA LEU C 102 23.17 22.32 -14.80
C LEU C 102 22.15 21.20 -14.80
N VAL C 103 20.87 21.54 -14.79
CA VAL C 103 19.87 20.50 -14.69
C VAL C 103 19.95 19.54 -15.89
N SER C 104 20.43 20.00 -17.07
CA SER C 104 20.60 19.13 -18.24
C SER C 104 21.61 18.05 -17.96
N ILE C 105 22.69 18.38 -17.26
CA ILE C 105 23.68 17.38 -16.89
C ILE C 105 23.06 16.41 -15.89
N LEU C 106 22.36 16.94 -14.87
CA LEU C 106 21.69 16.11 -13.88
C LEU C 106 20.70 15.11 -14.53
N THR C 107 19.86 15.58 -15.44
CA THR C 107 18.91 14.66 -16.10
C THR C 107 19.73 13.63 -16.88
N SER C 108 20.69 14.13 -17.66
CA SER C 108 21.58 13.31 -18.45
C SER C 108 22.11 12.10 -17.67
N ILE C 109 22.47 12.27 -16.40
CA ILE C 109 22.94 11.15 -15.58
C ILE C 109 21.72 10.43 -15.02
N THR C 110 21.33 9.40 -15.72
CA THR C 110 20.11 8.71 -15.42
C THR C 110 20.30 7.35 -14.86
N HIS C 111 19.71 7.15 -13.68
CA HIS C 111 19.64 5.87 -13.01
C HIS C 111 18.47 6.00 -12.04
N HIS C 112 17.38 5.28 -12.36
CA HIS C 112 16.15 5.21 -11.58
C HIS C 112 15.22 6.40 -11.79
N PHE C 113 13.95 6.21 -11.41
CA PHE C 113 12.87 7.19 -11.49
C PHE C 113 13.12 8.36 -10.56
N HIS C 114 13.58 8.10 -9.34
CA HIS C 114 13.81 9.14 -8.34
C HIS C 114 14.66 10.30 -8.82
N THR C 115 15.80 9.97 -9.43
CA THR C 115 16.75 10.93 -9.95
C THR C 115 16.13 11.77 -11.05
N ILE C 116 15.47 11.13 -12.01
CA ILE C 116 14.89 11.81 -13.17
C ILE C 116 13.59 12.53 -12.84
N LEU C 117 12.92 12.16 -11.75
CA LEU C 117 11.70 12.84 -11.32
C LEU C 117 12.12 14.22 -10.81
N PHE C 118 13.12 14.27 -9.92
CA PHE C 118 13.67 15.51 -9.33
C PHE C 118 14.33 16.39 -10.39
N ALA C 119 15.01 15.76 -11.35
CA ALA C 119 15.66 16.44 -12.46
C ALA C 119 14.59 17.07 -13.37
N ARG C 120 13.52 16.33 -13.65
CA ARG C 120 12.42 16.85 -14.47
C ARG C 120 11.45 17.71 -13.66
N LEU C 121 11.68 17.90 -12.37
CA LEU C 121 10.93 18.83 -11.51
C LEU C 121 11.62 20.19 -11.70
N LEU C 122 12.96 20.20 -11.54
CA LEU C 122 13.73 21.41 -11.74
C LEU C 122 13.67 21.80 -13.20
N SER C 123 13.72 20.84 -14.16
CA SER C 123 13.59 21.20 -15.58
C SER C 123 12.26 21.90 -15.86
N GLY C 124 11.23 21.53 -15.12
CA GLY C 124 9.95 22.19 -15.17
C GLY C 124 10.02 23.56 -14.53
N PHE C 125 10.73 23.70 -13.40
CA PHE C 125 10.89 25.02 -12.74
C PHE C 125 11.55 26.01 -13.69
N GLY C 126 12.57 25.57 -14.39
CA GLY C 126 13.27 26.40 -15.37
C GLY C 126 12.32 26.86 -16.44
N ILE C 127 11.51 25.94 -16.95
CA ILE C 127 10.49 26.16 -17.96
C ILE C 127 9.51 27.25 -17.51
N GLY C 128 9.14 27.22 -16.23
CA GLY C 128 8.22 28.20 -15.65
C GLY C 128 8.81 29.59 -15.70
N LEU C 129 10.11 29.71 -15.34
CA LEU C 129 10.85 30.97 -15.34
C LEU C 129 10.91 31.56 -16.75
N VAL C 130 11.01 30.72 -17.75
CA VAL C 130 11.04 31.12 -19.14
C VAL C 130 9.68 31.68 -19.54
N THR C 131 8.59 30.99 -19.20
CA THR C 131 7.25 31.46 -19.56
C THR C 131 6.96 32.87 -19.08
N VAL C 132 7.63 33.32 -17.98
CA VAL C 132 7.41 34.66 -17.45
C VAL C 132 8.45 35.62 -17.97
N SER C 133 9.75 35.26 -17.89
CA SER C 133 10.85 36.16 -18.28
C SER C 133 10.97 36.48 -19.76
N VAL C 134 10.91 35.48 -20.65
CA VAL C 134 11.11 35.73 -22.08
C VAL C 134 10.06 36.67 -22.65
N PRO C 135 8.75 36.44 -22.47
CA PRO C 135 7.78 37.37 -23.07
C PRO C 135 7.94 38.77 -22.53
N MET C 136 8.27 38.87 -21.22
CA MET C 136 8.47 40.14 -20.54
C MET C 136 9.64 40.87 -21.13
N TYR C 137 10.75 40.15 -21.41
CA TYR C 137 11.95 40.70 -22.01
C TYR C 137 11.60 41.28 -23.39
N ILE C 138 10.90 40.50 -24.22
CA ILE C 138 10.54 40.92 -25.56
C ILE C 138 9.64 42.15 -25.53
N SER C 139 8.60 42.10 -24.69
CA SER C 139 7.63 43.17 -24.52
C SER C 139 8.30 44.46 -24.06
N GLU C 140 9.28 44.34 -23.17
CA GLU C 140 9.94 45.49 -22.60
C GLU C 140 11.09 46.04 -23.41
N MET C 141 11.29 45.57 -24.66
CA MET C 141 12.37 46.13 -25.46
C MET C 141 11.92 46.46 -26.92
N THR C 142 10.86 45.80 -27.44
CA THR C 142 10.39 46.10 -28.80
C THR C 142 9.44 47.29 -28.83
N HIS C 143 9.38 47.98 -29.99
CA HIS C 143 8.50 49.15 -30.22
C HIS C 143 7.04 48.76 -30.07
N LYS C 144 6.20 49.73 -29.67
CA LYS C 144 4.75 49.54 -29.47
C LYS C 144 4.06 48.87 -30.68
N ASP C 145 4.45 49.30 -31.90
CA ASP C 145 3.87 48.83 -33.15
C ASP C 145 4.36 47.45 -33.58
N LYS C 146 5.53 47.01 -33.10
CA LYS C 146 6.11 45.71 -33.47
C LYS C 146 6.12 44.67 -32.33
N LYS C 147 5.58 45.04 -31.16
CA LYS C 147 5.53 44.26 -29.92
C LYS C 147 5.02 42.84 -30.13
N GLY C 148 3.92 42.72 -30.88
CA GLY C 148 3.27 41.43 -31.13
C GLY C 148 4.08 40.49 -32.00
N ALA C 149 4.59 40.96 -33.14
CA ALA C 149 5.37 40.12 -34.04
C ALA C 149 6.62 39.57 -33.37
N TYR C 150 7.33 40.43 -32.63
CA TYR C 150 8.52 40.01 -31.95
C TYR C 150 8.19 39.13 -30.75
N GLY C 151 7.04 39.31 -30.12
CA GLY C 151 6.58 38.44 -29.06
C GLY C 151 6.19 37.06 -29.58
N VAL C 152 5.71 36.99 -30.84
CA VAL C 152 5.37 35.72 -31.51
C VAL C 152 6.63 34.84 -31.62
N MET C 153 7.81 35.44 -31.73
CA MET C 153 9.10 34.73 -31.78
C MET C 153 9.25 33.77 -30.61
N HIS C 154 8.82 34.16 -29.39
CA HIS C 154 8.85 33.33 -28.18
C HIS C 154 8.21 31.97 -28.50
N GLN C 155 6.96 31.97 -29.02
CA GLN C 155 6.22 30.78 -29.40
C GLN C 155 6.86 30.04 -30.58
N LEU C 156 7.39 30.80 -31.54
CA LEU C 156 8.03 30.26 -32.73
C LEU C 156 9.21 29.35 -32.38
N PHE C 157 9.93 29.69 -31.32
CA PHE C 157 11.05 28.90 -30.88
C PHE C 157 10.64 27.75 -29.96
N ILE C 158 9.54 27.92 -29.21
CA ILE C 158 8.96 26.89 -28.34
C ILE C 158 8.48 25.74 -29.23
N THR C 159 7.77 26.06 -30.33
CA THR C 159 7.26 25.07 -31.27
C THR C 159 8.38 24.38 -32.03
N PHE C 160 9.48 25.13 -32.33
CA PHE C 160 10.71 24.63 -32.93
C PHE C 160 11.42 23.66 -31.98
N GLY C 161 11.35 23.94 -30.68
CA GLY C 161 11.90 23.10 -29.62
C GLY C 161 11.17 21.79 -29.50
N ILE C 162 9.87 21.78 -29.80
CA ILE C 162 9.08 20.56 -29.81
C ILE C 162 9.53 19.72 -31.02
N PHE C 163 9.62 20.37 -32.20
CA PHE C 163 10.01 19.74 -33.46
C PHE C 163 11.40 19.17 -33.42
N VAL C 164 12.37 19.91 -32.85
CA VAL C 164 13.76 19.46 -32.74
C VAL C 164 13.84 18.20 -31.88
N ALA C 165 13.11 18.16 -30.76
CA ALA C 165 13.08 17.01 -29.87
C ALA C 165 12.52 15.76 -30.55
N VAL C 166 11.45 15.93 -31.34
CA VAL C 166 10.82 14.83 -32.06
C VAL C 166 11.69 14.38 -33.23
N MET C 167 12.38 15.32 -33.89
CA MET C 167 13.25 15.03 -35.01
C MET C 167 14.50 14.29 -34.56
N LEU C 168 15.19 14.78 -33.52
CA LEU C 168 16.39 14.03 -33.06
C LEU C 168 15.95 12.66 -32.57
N GLY C 169 14.76 12.57 -31.98
CA GLY C 169 14.21 11.31 -31.49
C GLY C 169 13.78 10.39 -32.61
N LEU C 170 13.36 10.95 -33.73
CA LEU C 170 13.09 10.21 -34.95
C LEU C 170 14.43 9.72 -35.49
N ALA C 171 15.54 10.48 -35.24
CA ALA C 171 16.92 10.12 -35.55
C ALA C 171 17.39 8.86 -34.73
N MET C 172 16.66 8.50 -33.66
CA MET C 172 16.86 7.31 -32.83
C MET C 172 16.31 6.03 -33.57
N GLY C 173 16.55 4.86 -32.99
CA GLY C 173 16.04 3.61 -33.54
C GLY C 173 14.88 3.06 -32.72
N GLU C 174 13.75 2.74 -33.37
CA GLU C 174 12.59 2.22 -32.64
C GLU C 174 12.48 0.71 -32.68
N THR C 185 20.02 -1.25 -29.44
CA THR C 185 19.90 -0.70 -28.10
C THR C 185 21.19 -0.12 -27.61
N SER C 186 22.34 -0.69 -28.02
CA SER C 186 23.61 -0.20 -27.48
C SER C 186 23.98 1.17 -27.98
N PHE C 187 23.82 1.39 -29.28
CA PHE C 187 24.09 2.70 -29.86
C PHE C 187 22.93 3.72 -29.59
N ALA C 188 21.89 3.29 -28.83
CA ALA C 188 20.71 4.05 -28.43
C ALA C 188 20.88 4.51 -26.97
N LYS C 189 21.40 3.63 -26.10
CA LYS C 189 21.65 3.95 -24.70
C LYS C 189 22.60 5.15 -24.52
N LEU C 190 23.31 5.56 -25.58
CA LEU C 190 24.21 6.70 -25.57
C LEU C 190 23.59 7.91 -26.24
N TRP C 191 22.74 7.71 -27.26
CA TRP C 191 22.12 8.83 -27.95
C TRP C 191 21.01 9.47 -27.12
N TRP C 192 20.26 8.66 -26.37
CA TRP C 192 19.14 9.19 -25.57
C TRP C 192 19.62 10.10 -24.39
N ARG C 193 20.84 9.87 -23.93
CA ARG C 193 21.49 10.70 -22.92
C ARG C 193 21.89 11.97 -23.64
N LEU C 194 22.59 11.86 -24.81
CA LEU C 194 22.99 12.98 -25.67
C LEU C 194 21.79 13.81 -26.17
N MET C 195 20.56 13.41 -25.81
CA MET C 195 19.34 14.13 -26.09
C MET C 195 19.00 14.99 -24.87
N PHE C 196 19.08 14.41 -23.67
CA PHE C 196 18.87 15.14 -22.44
C PHE C 196 19.97 16.16 -22.18
N LEU C 197 21.20 15.86 -22.65
CA LEU C 197 22.34 16.74 -22.50
C LEU C 197 22.32 17.86 -23.56
N PHE C 198 21.58 17.69 -24.67
CA PHE C 198 21.51 18.71 -25.73
C PHE C 198 21.16 20.13 -25.24
N PRO C 199 20.15 20.35 -24.37
CA PRO C 199 19.86 21.72 -23.95
C PRO C 199 20.98 22.35 -23.13
N SER C 200 21.93 21.56 -22.61
CA SER C 200 23.06 22.15 -21.86
C SER C 200 23.97 22.90 -22.83
N VAL C 201 24.14 22.39 -24.04
CA VAL C 201 24.95 23.02 -25.07
C VAL C 201 24.24 24.27 -25.58
N ILE C 202 22.92 24.20 -25.74
CA ILE C 202 22.08 25.32 -26.14
C ILE C 202 22.15 26.43 -25.08
N SER C 203 22.14 26.04 -23.80
CA SER C 203 22.26 26.96 -22.68
C SER C 203 23.62 27.58 -22.63
N LEU C 204 24.66 26.79 -22.92
CA LEU C 204 26.03 27.26 -22.99
C LEU C 204 26.21 28.24 -24.16
N ILE C 205 25.41 28.09 -25.23
CA ILE C 205 25.41 28.99 -26.38
C ILE C 205 24.74 30.28 -25.90
N GLY C 206 23.55 30.16 -25.34
CA GLY C 206 22.77 31.28 -24.87
C GLY C 206 23.46 32.11 -23.82
N ILE C 207 24.18 31.46 -22.91
CA ILE C 207 24.87 32.16 -21.83
C ILE C 207 26.03 32.98 -22.37
N LEU C 208 26.80 32.41 -23.30
CA LEU C 208 27.92 33.11 -23.93
C LEU C 208 27.42 34.12 -24.98
N ALA C 209 26.20 33.92 -25.49
CA ALA C 209 25.53 34.83 -26.40
C ALA C 209 25.07 36.08 -25.63
N LEU C 210 24.80 35.94 -24.34
CA LEU C 210 24.39 37.06 -23.52
C LEU C 210 25.62 37.65 -22.79
N VAL C 211 26.63 37.87 -23.57
CA VAL C 211 27.90 38.54 -23.29
C VAL C 211 28.10 39.58 -24.46
N VAL C 212 27.59 39.25 -25.67
CA VAL C 212 27.44 40.09 -26.85
C VAL C 212 26.14 40.95 -26.64
N PHE C 213 25.10 40.41 -25.92
CA PHE C 213 23.84 41.10 -25.66
C PHE C 213 23.65 41.59 -24.23
N PHE C 214 23.90 40.72 -23.22
CA PHE C 214 23.71 41.04 -21.80
C PHE C 214 24.78 41.89 -21.15
N LYS C 215 24.98 43.01 -21.77
CA LYS C 215 25.70 44.14 -21.24
C LYS C 215 24.63 45.28 -21.05
N GLU C 216 23.33 45.04 -21.47
CA GLU C 216 22.19 45.93 -21.42
C GLU C 216 20.92 45.18 -20.98
N GLU C 217 20.10 45.84 -20.17
CA GLU C 217 18.81 45.33 -19.71
C GLU C 217 17.69 46.24 -20.25
N THR C 218 16.47 45.69 -20.50
CA THR C 218 15.32 46.43 -21.05
C THR C 218 15.08 47.80 -20.41
N PRO C 219 14.69 48.79 -21.24
CA PRO C 219 14.45 50.16 -20.74
C PRO C 219 13.47 50.33 -19.58
N TYR C 220 12.62 49.33 -19.31
CA TYR C 220 11.71 49.42 -18.16
C TYR C 220 12.47 49.37 -16.81
N PHE C 221 13.80 49.16 -16.83
CA PHE C 221 14.65 49.21 -15.66
C PHE C 221 14.81 50.68 -15.11
N LEU C 222 14.18 51.66 -15.75
CA LEU C 222 14.20 53.04 -15.31
C LEU C 222 13.58 53.15 -13.90
N PHE C 223 12.52 52.36 -13.62
CA PHE C 223 11.83 52.38 -12.32
C PHE C 223 12.67 51.77 -11.21
N GLU C 224 13.43 50.69 -11.50
CA GLU C 224 14.27 50.05 -10.49
C GLU C 224 15.55 50.87 -10.29
N LYS C 225 16.25 51.18 -11.38
CA LYS C 225 17.46 51.97 -11.31
C LYS C 225 17.33 53.23 -12.15
N GLY C 226 17.67 54.36 -11.57
CA GLY C 226 17.60 55.65 -12.23
C GLY C 226 18.70 55.90 -13.25
N ARG C 227 19.13 54.84 -13.96
CA ARG C 227 20.14 54.93 -15.02
C ARG C 227 19.37 55.36 -16.27
N ILE C 228 19.04 56.64 -16.34
CA ILE C 228 18.24 57.19 -17.42
C ILE C 228 19.02 57.26 -18.72
N GLU C 229 20.30 57.62 -18.64
CA GLU C 229 21.17 57.68 -19.81
C GLU C 229 21.39 56.28 -20.39
N GLU C 230 21.49 55.26 -19.52
CA GLU C 230 21.63 53.88 -19.98
C GLU C 230 20.34 53.46 -20.67
N SER C 231 19.17 53.81 -20.08
CA SER C 231 17.83 53.52 -20.62
C SER C 231 17.61 54.14 -21.99
N LYS C 232 18.15 55.34 -22.19
CA LYS C 232 18.06 56.03 -23.47
C LYS C 232 18.89 55.28 -24.50
N ASN C 233 20.11 54.89 -24.11
CA ASN C 233 21.04 54.15 -24.96
C ASN C 233 20.58 52.73 -25.33
N ILE C 234 19.49 52.24 -24.71
CA ILE C 234 18.95 50.94 -25.08
C ILE C 234 18.15 51.17 -26.37
N LEU C 235 17.13 52.05 -26.33
CA LEU C 235 16.29 52.36 -27.50
C LEU C 235 17.06 53.04 -28.63
N LYS C 236 18.18 53.70 -28.30
CA LYS C 236 19.07 54.34 -29.24
C LYS C 236 19.82 53.31 -30.11
N LYS C 237 19.92 52.04 -29.66
CA LYS C 237 20.57 50.96 -30.42
C LYS C 237 19.51 50.08 -31.07
N ILE C 238 18.36 49.87 -30.38
CA ILE C 238 17.24 49.06 -30.85
C ILE C 238 16.78 49.52 -32.23
N TYR C 239 16.40 50.80 -32.37
CA TYR C 239 15.98 51.33 -33.68
C TYR C 239 17.01 52.24 -34.35
N GLU C 240 18.21 52.36 -33.75
CA GLU C 240 19.34 53.20 -34.16
C GLU C 240 18.93 54.69 -34.32
N THR C 241 17.96 55.13 -33.52
CA THR C 241 17.48 56.49 -33.53
C THR C 241 18.08 57.22 -32.35
N ASP C 242 18.91 58.23 -32.64
CA ASP C 242 19.56 59.02 -31.61
C ASP C 242 18.54 59.92 -30.87
N ASN C 243 17.48 60.36 -31.57
CA ASN C 243 16.39 61.16 -31.00
C ASN C 243 15.23 60.23 -30.76
N VAL C 244 15.34 59.39 -29.75
CA VAL C 244 14.34 58.41 -29.42
C VAL C 244 13.53 58.88 -28.21
N ASP C 245 13.11 60.15 -28.25
CA ASP C 245 12.38 60.76 -27.15
C ASP C 245 10.95 60.26 -27.01
N GLU C 246 10.33 59.74 -28.08
CA GLU C 246 8.94 59.23 -28.03
C GLU C 246 8.73 58.03 -27.06
N PRO C 247 9.49 56.92 -27.18
CA PRO C 247 9.29 55.81 -26.23
C PRO C 247 9.89 56.12 -24.85
N LEU C 248 10.88 57.02 -24.78
CA LEU C 248 11.57 57.48 -23.56
C LEU C 248 10.59 58.12 -22.57
N ASN C 249 9.89 59.20 -22.99
CA ASN C 249 8.93 59.86 -22.12
C ASN C 249 7.69 59.00 -21.93
N ALA C 250 7.39 58.08 -22.86
CA ALA C 250 6.30 57.15 -22.68
C ALA C 250 6.62 56.19 -21.53
N ILE C 251 7.90 55.76 -21.42
CA ILE C 251 8.42 54.90 -20.36
C ILE C 251 8.44 55.67 -19.05
N LYS C 252 8.83 56.96 -19.08
CA LYS C 252 8.89 57.82 -17.89
C LYS C 252 7.54 57.90 -17.20
N GLU C 253 6.46 58.02 -17.98
CA GLU C 253 5.10 58.10 -17.44
C GLU C 253 4.73 56.79 -16.82
N ALA C 254 5.03 55.68 -17.50
CA ALA C 254 4.73 54.34 -17.06
C ALA C 254 5.50 53.97 -15.79
N VAL C 255 6.78 54.38 -15.69
CA VAL C 255 7.57 54.10 -14.50
C VAL C 255 7.18 55.01 -13.34
N GLU C 256 6.60 56.23 -13.61
CA GLU C 256 6.18 57.13 -12.54
C GLU C 256 4.77 56.79 -12.04
N GLN C 257 3.91 56.17 -12.88
CA GLN C 257 2.61 55.61 -12.43
C GLN C 257 2.98 54.44 -11.44
N ASN C 258 4.05 53.68 -11.75
CA ASN C 258 4.62 52.61 -10.97
C ASN C 258 5.22 53.19 -9.68
N GLU C 259 6.16 54.14 -9.76
CA GLU C 259 6.80 54.74 -8.59
C GLU C 259 5.83 55.42 -7.67
N SER C 260 4.72 55.96 -8.20
CA SER C 260 3.69 56.60 -7.38
C SER C 260 2.92 55.50 -6.64
N ALA C 261 2.54 54.44 -7.33
CA ALA C 261 1.88 53.28 -6.74
C ALA C 261 2.81 52.59 -5.73
N LYS C 262 4.13 52.71 -5.90
CA LYS C 262 5.19 52.15 -5.04
C LYS C 262 5.19 52.85 -3.67
N LYS C 263 4.85 54.14 -3.63
CA LYS C 263 4.76 54.88 -2.38
C LYS C 263 3.32 54.73 -1.80
N ASN C 264 2.30 54.67 -2.68
CA ASN C 264 0.88 54.43 -2.33
C ASN C 264 0.68 52.99 -1.78
N SER C 265 1.66 52.10 -2.06
CA SER C 265 1.74 50.71 -1.69
C SER C 265 0.65 49.89 -2.35
N LEU C 266 0.82 49.60 -3.64
CA LEU C 266 -0.14 48.77 -4.34
C LEU C 266 0.32 47.34 -4.27
N SER C 267 -0.20 46.65 -3.26
CA SER C 267 0.12 45.28 -2.91
C SER C 267 -0.12 44.25 -4.01
N LEU C 268 0.22 43.01 -3.70
CA LEU C 268 0.02 41.85 -4.53
C LEU C 268 -1.50 41.62 -4.62
N LEU C 269 -2.19 41.66 -3.49
CA LEU C 269 -3.62 41.40 -3.39
C LEU C 269 -4.50 42.64 -3.67
N SER C 270 -3.90 43.80 -3.98
CA SER C 270 -4.69 44.99 -4.33
C SER C 270 -5.57 44.81 -5.57
N ALA C 271 -5.47 43.65 -6.23
CA ALA C 271 -6.28 43.30 -7.39
C ALA C 271 -7.68 42.89 -6.87
N LEU C 272 -7.75 41.96 -5.90
CA LEU C 272 -9.00 41.54 -5.30
C LEU C 272 -9.56 42.59 -4.33
N LYS C 273 -8.74 43.61 -3.95
CA LYS C 273 -9.12 44.71 -3.08
C LYS C 273 -9.74 45.88 -3.87
N ILE C 274 -9.07 46.31 -4.98
CA ILE C 274 -9.53 47.41 -5.83
C ILE C 274 -10.32 46.86 -7.03
N PRO C 275 -11.60 47.27 -7.23
CA PRO C 275 -12.39 46.75 -8.37
C PRO C 275 -11.86 47.14 -9.75
N SER C 276 -11.14 48.28 -9.81
CA SER C 276 -10.50 48.80 -11.02
C SER C 276 -9.35 47.88 -11.49
N TYR C 277 -8.72 47.18 -10.53
CA TYR C 277 -7.63 46.25 -10.75
C TYR C 277 -8.09 44.77 -10.79
N ARG C 278 -9.31 44.48 -10.31
CA ARG C 278 -9.82 43.13 -10.33
C ARG C 278 -10.17 42.73 -11.75
N TYR C 279 -10.83 43.63 -12.51
CA TYR C 279 -11.22 43.39 -13.89
C TYR C 279 -10.04 43.01 -14.78
N VAL C 280 -8.79 43.37 -14.40
CA VAL C 280 -7.64 43.04 -15.23
C VAL C 280 -6.96 41.77 -14.77
N ILE C 281 -6.83 41.56 -13.46
CA ILE C 281 -6.17 40.38 -12.93
C ILE C 281 -7.02 39.13 -13.17
N ILE C 282 -8.33 39.24 -12.95
CA ILE C 282 -9.23 38.10 -13.14
C ILE C 282 -9.33 37.76 -14.61
N LEU C 283 -9.49 38.77 -15.48
CA LEU C 283 -9.56 38.50 -16.92
C LEU C 283 -8.24 37.97 -17.46
N GLY C 284 -7.13 38.45 -16.90
CA GLY C 284 -5.80 38.02 -17.28
C GLY C 284 -5.56 36.59 -16.89
N CYS C 285 -5.95 36.20 -15.68
CA CYS C 285 -5.81 34.83 -15.22
C CYS C 285 -6.75 33.90 -15.98
N LEU C 286 -7.96 34.38 -16.29
CA LEU C 286 -8.96 33.62 -17.02
C LEU C 286 -8.51 33.31 -18.43
N LEU C 287 -7.98 34.31 -19.16
CA LEU C 287 -7.53 34.07 -20.54
C LEU C 287 -6.33 33.12 -20.56
N SER C 288 -5.39 33.30 -19.62
CA SER C 288 -4.21 32.44 -19.53
C SER C 288 -4.55 31.00 -19.22
N GLY C 289 -5.56 30.81 -18.37
CA GLY C 289 -6.00 29.48 -17.99
C GLY C 289 -6.78 28.81 -19.10
N LEU C 290 -7.58 29.59 -19.84
CA LEU C 290 -8.38 29.09 -20.95
C LEU C 290 -7.54 28.60 -22.14
N GLN C 291 -6.24 28.89 -22.15
CA GLN C 291 -5.35 28.41 -23.19
C GLN C 291 -5.24 26.88 -23.07
N GLN C 292 -5.10 26.37 -21.85
CA GLN C 292 -4.99 24.93 -21.62
C GLN C 292 -6.30 24.21 -21.88
N PHE C 293 -7.45 24.88 -21.67
CA PHE C 293 -8.79 24.32 -21.90
C PHE C 293 -9.11 24.36 -23.40
N THR C 294 -8.14 23.90 -24.17
CA THR C 294 -8.10 23.76 -25.61
C THR C 294 -7.62 22.34 -25.94
N GLY C 295 -6.76 21.77 -25.11
CA GLY C 295 -6.28 20.42 -25.29
C GLY C 295 -5.00 20.41 -26.08
N ILE C 296 -4.16 21.39 -25.82
CA ILE C 296 -2.91 21.52 -26.51
C ILE C 296 -1.90 20.57 -25.92
N ASN C 297 -1.76 20.57 -24.60
CA ASN C 297 -0.79 19.70 -23.93
C ASN C 297 -1.23 18.24 -23.80
N VAL C 298 -2.45 17.91 -24.21
CA VAL C 298 -2.94 16.54 -24.27
C VAL C 298 -2.26 15.86 -25.49
N LEU C 299 -2.04 16.63 -26.58
CA LEU C 299 -1.38 16.23 -27.82
C LEU C 299 0.16 16.36 -27.75
N VAL C 300 0.66 17.10 -26.75
CA VAL C 300 2.10 17.29 -26.53
C VAL C 300 2.65 16.11 -25.69
N SER C 301 2.11 15.91 -24.48
CA SER C 301 2.56 14.87 -23.57
C SER C 301 2.13 13.45 -23.94
N ASN C 302 1.08 13.29 -24.77
CA ASN C 302 0.61 11.96 -25.16
C ASN C 302 0.58 11.77 -26.67
N SER C 303 1.59 12.32 -27.36
CA SER C 303 1.74 12.22 -28.81
C SER C 303 1.96 10.75 -29.20
N ASN C 304 2.87 10.04 -28.51
CA ASN C 304 3.17 8.62 -28.78
C ASN C 304 2.19 7.63 -28.08
N GLU C 305 1.29 8.14 -27.22
CA GLU C 305 0.37 7.33 -26.42
C GLU C 305 -1.07 7.34 -26.94
N LEU C 306 -1.62 8.53 -27.25
CA LEU C 306 -3.01 8.66 -27.70
C LEU C 306 -3.30 8.02 -29.04
N TYR C 307 -2.29 7.96 -29.91
CA TYR C 307 -2.46 7.36 -31.24
C TYR C 307 -2.34 5.81 -31.21
N LYS C 308 -1.83 5.24 -30.10
CA LYS C 308 -1.68 3.78 -29.91
C LYS C 308 -3.04 3.06 -29.84
N GLU C 309 -4.14 3.80 -29.53
CA GLU C 309 -5.50 3.28 -29.44
C GLU C 309 -5.88 2.47 -30.71
N PHE C 310 -5.50 2.96 -31.91
CA PHE C 310 -5.71 2.20 -33.13
C PHE C 310 -4.48 2.19 -34.02
N LEU C 311 -3.85 3.35 -34.25
CA LEU C 311 -2.69 3.45 -35.12
C LEU C 311 -1.43 2.74 -34.60
N ASP C 312 -0.73 2.02 -35.51
CA ASP C 312 0.49 1.23 -35.24
C ASP C 312 1.71 2.09 -34.86
N SER C 313 2.79 1.46 -34.33
CA SER C 313 4.02 2.14 -33.93
C SER C 313 4.73 2.84 -35.08
N HIS C 314 4.59 2.31 -36.29
CA HIS C 314 5.19 2.91 -37.48
C HIS C 314 4.41 4.18 -37.86
N LEU C 315 3.09 4.16 -37.68
CA LEU C 315 2.19 5.28 -37.98
C LEU C 315 2.29 6.39 -36.96
N ILE C 316 2.44 6.03 -35.67
CA ILE C 316 2.56 6.97 -34.55
C ILE C 316 3.71 7.95 -34.78
N THR C 317 4.88 7.43 -35.14
CA THR C 317 6.10 8.21 -35.38
C THR C 317 5.94 9.18 -36.55
N ILE C 318 5.15 8.83 -37.55
CA ILE C 318 4.92 9.70 -38.69
C ILE C 318 3.94 10.80 -38.36
N LEU C 319 2.75 10.43 -37.86
CA LEU C 319 1.71 11.40 -37.51
C LEU C 319 2.11 12.40 -36.45
N SER C 320 3.15 12.08 -35.67
CA SER C 320 3.65 12.98 -34.64
C SER C 320 4.74 13.89 -35.22
N VAL C 321 5.70 13.34 -35.99
CA VAL C 321 6.75 14.18 -36.58
C VAL C 321 6.16 15.19 -37.57
N VAL C 322 5.05 14.84 -38.24
CA VAL C 322 4.39 15.77 -39.14
C VAL C 322 3.66 16.83 -38.33
N MET C 323 2.98 16.42 -37.25
CA MET C 323 2.24 17.29 -36.36
C MET C 323 3.09 18.39 -35.78
N THR C 324 4.26 18.05 -35.22
CA THR C 324 5.13 19.06 -34.63
C THR C 324 5.74 19.97 -35.69
N ALA C 325 5.99 19.45 -36.89
CA ALA C 325 6.50 20.25 -38.01
C ALA C 325 5.44 21.27 -38.42
N VAL C 326 4.17 20.84 -38.50
CA VAL C 326 3.01 21.67 -38.82
C VAL C 326 2.84 22.73 -37.72
N ASN C 327 2.94 22.31 -36.45
CA ASN C 327 2.83 23.17 -35.27
C ASN C 327 3.90 24.26 -35.29
N PHE C 328 5.10 23.92 -35.74
CA PHE C 328 6.19 24.88 -35.83
C PHE C 328 5.93 25.82 -37.02
N LEU C 329 5.56 25.27 -38.17
CA LEU C 329 5.32 26.07 -39.37
C LEU C 329 4.15 27.03 -39.23
N MET C 330 3.09 26.61 -38.53
CA MET C 330 1.90 27.45 -38.33
C MET C 330 2.11 28.62 -37.38
N THR C 331 3.21 28.64 -36.63
CA THR C 331 3.49 29.78 -35.77
C THR C 331 4.00 30.98 -36.61
N PHE C 332 4.58 30.71 -37.80
CA PHE C 332 5.05 31.77 -38.69
C PHE C 332 3.94 32.71 -39.18
N PRO C 333 2.79 32.22 -39.69
CA PRO C 333 1.74 33.16 -40.13
C PRO C 333 1.28 34.11 -39.04
N ALA C 334 1.39 33.70 -37.77
CA ALA C 334 0.97 34.52 -36.64
C ALA C 334 1.82 35.78 -36.50
N ILE C 335 3.10 35.73 -36.92
CA ILE C 335 4.03 36.86 -36.82
C ILE C 335 3.47 38.12 -37.49
N TYR C 336 3.06 38.00 -38.75
CA TYR C 336 2.56 39.14 -39.49
C TYR C 336 1.10 39.48 -39.20
N ILE C 337 0.24 38.47 -38.98
CA ILE C 337 -1.18 38.74 -38.76
C ILE C 337 -1.52 39.17 -37.32
N VAL C 338 -0.54 39.21 -36.42
CA VAL C 338 -0.79 39.65 -35.05
C VAL C 338 -0.86 41.20 -34.97
N GLU C 339 -0.21 41.89 -35.90
CA GLU C 339 -0.27 43.34 -35.93
C GLU C 339 -1.36 43.83 -36.90
N LYS C 340 -1.67 43.04 -37.96
CA LYS C 340 -2.69 43.37 -38.95
C LYS C 340 -4.08 43.26 -38.33
N LEU C 341 -4.47 42.04 -37.91
CA LEU C 341 -5.77 41.77 -37.30
C LEU C 341 -5.82 42.28 -35.87
N GLY C 342 -4.71 42.15 -35.14
CA GLY C 342 -4.66 42.51 -33.75
C GLY C 342 -4.52 41.26 -32.91
N ARG C 343 -4.90 41.34 -31.63
CA ARG C 343 -4.80 40.21 -30.72
C ARG C 343 -6.18 39.63 -30.50
N LYS C 344 -7.20 40.49 -30.34
CA LYS C 344 -8.57 40.06 -30.13
C LYS C 344 -9.13 39.40 -31.39
N THR C 345 -8.76 39.90 -32.58
CA THR C 345 -9.26 39.34 -33.84
C THR C 345 -8.69 37.95 -34.08
N LEU C 346 -7.42 37.75 -33.73
CA LEU C 346 -6.77 36.46 -33.90
C LEU C 346 -7.29 35.46 -32.89
N LEU C 347 -7.47 35.87 -31.63
CA LEU C 347 -7.96 34.99 -30.56
C LEU C 347 -9.30 34.34 -30.94
N LEU C 348 -10.23 35.15 -31.48
CA LEU C 348 -11.56 34.69 -31.88
C LEU C 348 -11.48 33.67 -33.02
N TRP C 349 -10.58 33.89 -34.00
CA TRP C 349 -10.38 32.95 -35.12
C TRP C 349 -9.85 31.59 -34.65
N GLY C 350 -9.02 31.59 -33.61
CA GLY C 350 -8.50 30.36 -33.03
C GLY C 350 -9.59 29.56 -32.35
N CYS C 351 -10.54 30.24 -31.73
CA CYS C 351 -11.67 29.60 -31.10
C CYS C 351 -12.69 29.07 -32.12
N VAL C 352 -12.66 29.58 -33.35
CA VAL C 352 -13.53 29.14 -34.43
C VAL C 352 -12.99 27.83 -34.98
N GLY C 353 -11.70 27.81 -35.32
CA GLY C 353 -11.04 26.64 -35.89
C GLY C 353 -11.00 25.44 -34.97
N VAL C 354 -11.00 25.69 -33.66
CA VAL C 354 -10.99 24.62 -32.66
C VAL C 354 -12.38 23.97 -32.55
N LEU C 355 -13.46 24.71 -32.83
CA LEU C 355 -14.81 24.18 -32.86
C LEU C 355 -14.98 23.28 -34.08
N VAL C 356 -14.37 23.66 -35.21
CA VAL C 356 -14.39 22.88 -36.45
C VAL C 356 -13.48 21.62 -36.33
N ALA C 357 -12.58 21.60 -35.34
CA ALA C 357 -11.70 20.46 -35.11
C ALA C 357 -12.28 19.50 -34.06
N TYR C 358 -13.01 20.02 -33.06
CA TYR C 358 -13.56 19.20 -31.98
C TYR C 358 -14.98 18.70 -32.19
N LEU C 359 -15.95 19.61 -32.46
CA LEU C 359 -17.36 19.24 -32.63
C LEU C 359 -17.63 18.23 -33.77
N PRO C 360 -17.06 18.36 -34.99
CA PRO C 360 -17.29 17.35 -36.03
C PRO C 360 -16.69 15.99 -35.66
N THR C 361 -15.67 15.99 -34.79
CA THR C 361 -14.97 14.80 -34.30
C THR C 361 -15.69 14.18 -33.09
N ALA C 362 -16.50 14.98 -32.37
CA ALA C 362 -17.28 14.53 -31.23
C ALA C 362 -18.44 13.64 -31.74
N ILE C 363 -19.10 14.07 -32.82
CA ILE C 363 -20.19 13.32 -33.45
C ILE C 363 -19.63 12.08 -34.16
N ALA C 364 -18.47 12.23 -34.83
CA ALA C 364 -17.75 11.17 -35.57
C ALA C 364 -17.39 9.96 -34.69
N ASN C 365 -17.52 10.08 -33.37
CA ASN C 365 -17.26 8.97 -32.46
C ASN C 365 -18.42 7.95 -32.55
N GLU C 366 -19.68 8.43 -32.55
CA GLU C 366 -20.82 7.53 -32.69
C GLU C 366 -21.60 7.81 -33.96
N ASN C 372 -14.77 3.47 -40.58
CA ASN C 372 -13.35 3.81 -40.74
C ASN C 372 -13.15 5.07 -41.60
N PHE C 373 -14.12 5.38 -42.49
CA PHE C 373 -14.07 6.53 -43.41
C PHE C 373 -14.05 7.86 -42.68
N VAL C 374 -14.80 7.96 -41.60
CA VAL C 374 -14.87 9.17 -40.77
C VAL C 374 -13.85 9.09 -39.57
N LYS C 375 -13.41 7.86 -39.22
CA LYS C 375 -12.40 7.62 -38.18
C LYS C 375 -11.02 8.13 -38.63
N ILE C 376 -10.74 8.11 -39.95
CA ILE C 376 -9.50 8.66 -40.52
C ILE C 376 -9.60 10.19 -40.51
N LEU C 377 -10.78 10.74 -40.84
CA LEU C 377 -11.09 12.18 -40.83
C LEU C 377 -11.03 12.79 -39.41
N SER C 378 -11.10 11.93 -38.38
CA SER C 378 -10.96 12.32 -36.97
C SER C 378 -9.51 12.73 -36.68
N ILE C 379 -8.54 11.99 -37.23
CA ILE C 379 -7.10 12.26 -37.12
C ILE C 379 -6.72 13.48 -37.97
N VAL C 380 -7.41 13.69 -39.10
CA VAL C 380 -7.23 14.85 -39.95
C VAL C 380 -7.67 16.09 -39.19
N ALA C 381 -8.79 16.00 -38.45
CA ALA C 381 -9.29 17.08 -37.60
C ALA C 381 -8.33 17.40 -36.44
N THR C 382 -7.50 16.44 -36.02
CA THR C 382 -6.47 16.65 -34.99
C THR C 382 -5.39 17.62 -35.54
N PHE C 383 -5.17 17.60 -36.87
CA PHE C 383 -4.29 18.52 -37.57
C PHE C 383 -4.93 19.90 -37.68
N VAL C 384 -6.27 19.98 -37.77
CA VAL C 384 -6.98 21.26 -37.81
C VAL C 384 -6.79 21.99 -36.48
N MET C 385 -6.80 21.26 -35.35
CA MET C 385 -6.58 21.84 -34.02
C MET C 385 -5.19 22.40 -33.88
N ILE C 386 -4.20 21.68 -34.40
CA ILE C 386 -2.82 22.10 -34.37
C ILE C 386 -2.64 23.37 -35.22
N ILE C 387 -3.20 23.35 -36.44
CA ILE C 387 -3.14 24.46 -37.38
C ILE C 387 -3.76 25.71 -36.77
N SER C 388 -4.96 25.58 -36.22
CA SER C 388 -5.66 26.72 -35.62
C SER C 388 -5.07 27.23 -34.30
N PHE C 389 -4.37 26.37 -33.55
CA PHE C 389 -3.79 26.78 -32.28
C PHE C 389 -2.53 27.61 -32.48
N ALA C 390 -1.50 27.05 -33.11
CA ALA C 390 -0.22 27.73 -33.28
C ALA C 390 -0.29 29.08 -34.01
N VAL C 391 -1.36 29.34 -34.79
CA VAL C 391 -1.51 30.65 -35.43
C VAL C 391 -2.22 31.64 -34.50
N SER C 392 -3.08 31.14 -33.60
CA SER C 392 -3.85 32.02 -32.75
C SER C 392 -3.40 32.02 -31.26
N TYR C 393 -4.09 31.29 -30.38
CA TYR C 393 -3.90 31.25 -28.94
C TYR C 393 -2.47 31.02 -28.49
N GLY C 394 -1.71 30.27 -29.27
CA GLY C 394 -0.33 29.97 -28.95
C GLY C 394 0.52 31.19 -28.67
N PRO C 395 0.86 31.94 -29.72
CA PRO C 395 1.70 33.13 -29.51
C PRO C 395 0.97 34.34 -28.93
N VAL C 396 -0.37 34.42 -29.10
CA VAL C 396 -1.13 35.56 -28.64
C VAL C 396 -1.16 35.67 -27.12
N LEU C 397 -1.31 34.54 -26.43
CA LEU C 397 -1.39 34.50 -24.97
C LEU C 397 -0.21 35.08 -24.25
N TRP C 398 0.98 34.77 -24.71
CA TRP C 398 2.19 35.23 -24.05
C TRP C 398 2.51 36.71 -24.36
N ILE C 399 1.97 37.25 -25.47
CA ILE C 399 2.17 38.66 -25.80
C ILE C 399 1.07 39.51 -25.21
N TYR C 400 -0.16 39.02 -25.25
CA TYR C 400 -1.29 39.73 -24.65
C TYR C 400 -1.16 39.77 -23.12
N LEU C 401 -0.47 38.79 -22.54
CA LEU C 401 -0.22 38.69 -21.11
C LEU C 401 0.77 39.74 -20.62
N HIS C 402 1.55 40.35 -21.50
CA HIS C 402 2.44 41.43 -21.11
C HIS C 402 2.06 42.76 -21.74
N GLU C 403 0.83 42.86 -22.23
CA GLU C 403 0.23 44.08 -22.78
C GLU C 403 -0.96 44.49 -21.90
N MET C 404 -1.67 43.51 -21.36
CA MET C 404 -2.91 43.69 -20.64
C MET C 404 -2.77 43.94 -19.17
N PHE C 405 -1.65 44.52 -18.74
CA PHE C 405 -1.48 44.78 -17.32
C PHE C 405 -1.08 46.19 -17.04
N PRO C 406 -1.72 46.82 -16.04
CA PRO C 406 -1.30 48.18 -15.66
C PRO C 406 0.14 48.21 -15.11
N SER C 407 0.82 49.36 -15.18
CA SER C 407 2.18 49.46 -14.65
C SER C 407 2.18 49.37 -13.13
N GLU C 408 3.26 48.77 -12.58
CA GLU C 408 3.51 48.43 -11.17
C GLU C 408 3.08 46.98 -10.96
N ILE C 409 1.89 46.64 -11.46
CA ILE C 409 1.36 45.29 -11.40
C ILE C 409 1.56 44.54 -12.75
N LYS C 410 2.46 45.03 -13.62
CA LYS C 410 2.68 44.43 -14.93
C LYS C 410 3.38 43.11 -14.77
N ASP C 411 4.57 43.13 -14.18
CA ASP C 411 5.40 41.95 -14.00
C ASP C 411 4.78 41.05 -12.93
N SER C 412 4.21 41.68 -11.88
CA SER C 412 3.53 41.09 -10.75
C SER C 412 2.39 40.22 -11.26
N ALA C 413 1.33 40.82 -11.85
CA ALA C 413 0.19 40.09 -12.37
C ALA C 413 0.52 39.19 -13.53
N ALA C 414 1.53 39.56 -14.33
CA ALA C 414 1.92 38.73 -15.46
C ALA C 414 2.48 37.39 -14.98
N SER C 415 3.13 37.36 -13.81
CA SER C 415 3.67 36.13 -13.27
C SER C 415 2.54 35.22 -12.80
N LEU C 416 1.58 35.78 -12.04
CA LEU C 416 0.47 35.00 -11.52
C LEU C 416 -0.50 34.56 -12.58
N ALA C 417 -0.62 35.30 -13.69
CA ALA C 417 -1.47 34.89 -14.80
C ALA C 417 -0.81 33.70 -15.50
N SER C 418 0.52 33.77 -15.72
CA SER C 418 1.28 32.70 -16.33
C SER C 418 1.28 31.44 -15.44
N LEU C 419 1.23 31.62 -14.12
CA LEU C 419 1.16 30.54 -13.17
C LEU C 419 -0.10 29.74 -13.39
N VAL C 420 -1.26 30.42 -13.51
CA VAL C 420 -2.56 29.79 -13.79
C VAL C 420 -2.51 28.91 -15.01
N ASN C 421 -1.77 29.32 -16.06
CA ASN C 421 -1.60 28.49 -17.26
C ASN C 421 -1.03 27.09 -16.87
N TRP C 422 0.03 27.08 -16.06
CA TRP C 422 0.63 25.83 -15.63
C TRP C 422 -0.19 25.12 -14.61
N VAL C 423 -1.03 25.81 -13.84
CA VAL C 423 -1.95 25.15 -12.92
C VAL C 423 -2.98 24.41 -13.73
N CYS C 424 -3.51 25.06 -14.79
CA CYS C 424 -4.48 24.52 -15.72
C CYS C 424 -3.93 23.38 -16.54
N ALA C 425 -2.61 23.35 -16.80
CA ALA C 425 -2.01 22.23 -17.50
C ALA C 425 -2.21 20.91 -16.73
N ILE C 426 -2.21 20.95 -15.38
CA ILE C 426 -2.47 19.78 -14.53
C ILE C 426 -3.99 19.48 -14.57
N ILE C 427 -4.80 20.55 -14.50
CA ILE C 427 -6.27 20.53 -14.52
C ILE C 427 -6.84 19.99 -15.83
N VAL C 428 -6.11 20.14 -16.94
CA VAL C 428 -6.59 19.68 -18.23
C VAL C 428 -6.03 18.31 -18.63
N VAL C 429 -4.68 18.17 -18.68
CA VAL C 429 -4.01 16.93 -19.11
C VAL C 429 -4.43 15.72 -18.28
N PHE C 430 -4.31 15.80 -16.95
CA PHE C 430 -4.62 14.70 -16.05
C PHE C 430 -6.05 14.12 -16.23
N PRO C 431 -7.17 14.88 -16.15
CA PRO C 431 -8.48 14.27 -16.35
C PRO C 431 -8.72 13.85 -17.80
N SER C 432 -8.13 14.58 -18.77
CA SER C 432 -8.28 14.26 -20.19
C SER C 432 -7.91 12.83 -20.53
N ASP C 433 -6.77 12.35 -20.02
CA ASP C 433 -6.36 10.97 -20.27
C ASP C 433 -7.24 9.94 -19.60
N ILE C 434 -7.87 10.29 -18.48
CA ILE C 434 -8.80 9.40 -17.78
C ILE C 434 -10.11 9.33 -18.57
N ILE C 435 -10.60 10.48 -19.06
CA ILE C 435 -11.84 10.60 -19.82
C ILE C 435 -11.69 10.06 -21.26
N ILE C 436 -10.48 10.10 -21.84
CA ILE C 436 -10.24 9.54 -23.17
C ILE C 436 -10.37 8.00 -23.11
N LYS C 437 -9.91 7.38 -22.00
CA LYS C 437 -9.99 5.95 -21.78
C LYS C 437 -11.44 5.48 -21.57
N LYS C 438 -12.28 6.27 -20.88
CA LYS C 438 -13.66 5.86 -20.64
C LYS C 438 -14.61 6.25 -21.81
N SER C 439 -14.79 7.57 -22.09
CA SER C 439 -15.69 8.01 -23.15
C SER C 439 -15.11 9.19 -23.95
N PRO C 440 -14.61 8.95 -25.17
CA PRO C 440 -14.05 10.06 -25.96
C PRO C 440 -15.11 11.03 -26.48
N SER C 441 -16.36 10.56 -26.63
CA SER C 441 -17.46 11.39 -27.09
C SER C 441 -17.69 12.56 -26.14
N ILE C 442 -17.80 12.29 -24.83
CA ILE C 442 -18.02 13.33 -23.82
C ILE C 442 -16.87 14.30 -23.77
N LEU C 443 -15.63 13.81 -23.96
CA LEU C 443 -14.43 14.65 -23.96
C LEU C 443 -14.46 15.71 -25.06
N PHE C 444 -14.64 15.31 -26.33
CA PHE C 444 -14.69 16.25 -27.43
C PHE C 444 -15.89 17.20 -27.36
N ILE C 445 -16.96 16.78 -26.67
CA ILE C 445 -18.15 17.60 -26.44
C ILE C 445 -17.83 18.70 -25.41
N VAL C 446 -17.19 18.33 -24.27
CA VAL C 446 -16.79 19.28 -23.23
C VAL C 446 -15.76 20.27 -23.78
N PHE C 447 -14.85 19.79 -24.63
CA PHE C 447 -13.86 20.65 -25.26
C PHE C 447 -14.53 21.63 -26.24
N SER C 448 -15.64 21.22 -26.89
CA SER C 448 -16.41 22.10 -27.79
C SER C 448 -17.23 23.13 -27.02
N VAL C 449 -17.64 22.81 -25.78
CA VAL C 449 -18.34 23.73 -24.88
C VAL C 449 -17.35 24.81 -24.46
N MET C 450 -16.09 24.42 -24.13
CA MET C 450 -15.02 25.37 -23.79
C MET C 450 -14.60 26.19 -24.99
N SER C 451 -14.66 25.62 -26.19
CA SER C 451 -14.37 26.30 -27.45
C SER C 451 -15.42 27.37 -27.76
N ILE C 452 -16.67 27.18 -27.31
CA ILE C 452 -17.76 28.14 -27.43
C ILE C 452 -17.59 29.20 -26.32
N LEU C 453 -17.31 28.74 -25.08
CA LEU C 453 -17.11 29.60 -23.92
C LEU C 453 -15.98 30.59 -24.08
N THR C 454 -14.85 30.15 -24.65
CA THR C 454 -13.68 31.01 -24.86
C THR C 454 -13.96 32.07 -25.91
N PHE C 455 -14.62 31.68 -27.02
CA PHE C 455 -14.95 32.61 -28.10
C PHE C 455 -15.83 33.73 -27.58
N PHE C 456 -16.89 33.38 -26.85
CA PHE C 456 -17.79 34.37 -26.28
C PHE C 456 -17.20 35.11 -25.08
N PHE C 457 -16.13 34.58 -24.49
CA PHE C 457 -15.42 35.24 -23.40
C PHE C 457 -14.56 36.35 -24.02
N ILE C 458 -13.87 36.07 -25.13
CA ILE C 458 -13.01 37.05 -25.79
C ILE C 458 -13.84 38.15 -26.44
N PHE C 459 -14.96 37.77 -27.04
CA PHE C 459 -15.89 38.68 -27.70
C PHE C 459 -16.57 39.64 -26.72
N PHE C 460 -16.81 39.22 -25.48
CA PHE C 460 -17.49 40.06 -24.49
C PHE C 460 -16.55 40.79 -23.52
N PHE C 461 -15.40 40.21 -23.17
CA PHE C 461 -14.54 40.80 -22.15
C PHE C 461 -13.16 41.25 -22.60
N ILE C 462 -12.47 40.41 -23.39
CA ILE C 462 -11.09 40.64 -23.81
C ILE C 462 -10.94 41.89 -24.69
N LYS C 463 -10.10 42.83 -24.21
CA LYS C 463 -9.75 44.09 -24.87
C LYS C 463 -8.91 43.83 -26.15
N GLU C 464 -8.57 44.88 -26.90
CA GLU C 464 -7.69 44.76 -28.05
C GLU C 464 -6.51 45.69 -27.82
N THR C 465 -5.29 45.16 -27.85
CA THR C 465 -4.09 45.97 -27.65
C THR C 465 -3.15 45.86 -28.84
N LYS C 466 -2.68 46.99 -29.38
CA LYS C 466 -1.75 46.99 -30.51
C LYS C 466 -0.50 47.85 -30.24
N GLY C 467 -0.50 48.63 -29.16
CA GLY C 467 0.61 49.50 -28.78
C GLY C 467 0.25 50.44 -27.65
N GLY C 468 0.87 50.20 -26.49
CA GLY C 468 0.64 51.02 -25.30
C GLY C 468 1.58 50.65 -24.18
N GLU C 469 1.08 50.76 -22.93
CA GLU C 469 1.80 50.40 -21.70
C GLU C 469 0.82 50.38 -20.52
N PHE D 8 29.06 42.73 27.49
CA PHE D 8 28.68 42.23 26.17
C PHE D 8 27.16 42.09 26.04
N PHE D 9 26.66 42.30 24.80
CA PHE D 9 25.25 42.14 24.42
C PHE D 9 25.16 40.98 23.38
N SER D 10 24.51 39.87 23.76
CA SER D 10 24.41 38.63 23.00
C SER D 10 23.81 38.77 21.62
N THR D 11 23.29 39.95 21.25
CA THR D 11 22.77 40.18 19.90
C THR D 11 23.94 40.11 18.87
N SER D 12 25.18 40.43 19.28
CA SER D 12 26.35 40.28 18.40
C SER D 12 26.56 38.79 18.10
N PHE D 13 26.52 37.93 19.11
CA PHE D 13 26.67 36.48 19.01
C PHE D 13 25.48 35.86 18.28
N LYS D 14 24.28 36.42 18.46
CA LYS D 14 23.02 35.98 17.86
C LYS D 14 23.16 35.93 16.34
N TYR D 15 23.74 36.98 15.74
CA TYR D 15 23.97 37.02 14.30
C TYR D 15 25.10 36.06 13.87
N VAL D 16 26.05 35.75 14.77
CA VAL D 16 27.13 34.81 14.50
C VAL D 16 26.59 33.37 14.41
N LEU D 17 25.73 32.99 15.36
CA LEU D 17 25.13 31.66 15.41
C LEU D 17 24.27 31.37 14.18
N SER D 18 23.52 32.38 13.69
CA SER D 18 22.66 32.28 12.50
C SER D 18 23.44 32.01 11.22
N ALA D 19 24.64 32.58 11.13
CA ALA D 19 25.53 32.33 10.02
C ALA D 19 26.29 31.01 10.22
N CYS D 20 26.47 30.57 11.47
CA CYS D 20 27.14 29.33 11.84
C CYS D 20 26.38 28.08 11.48
N ILE D 21 25.10 28.18 11.11
CA ILE D 21 24.33 27.04 10.62
C ILE D 21 24.98 26.53 9.30
N ALA D 22 25.47 27.47 8.47
CA ALA D 22 26.19 27.16 7.26
C ALA D 22 27.55 26.52 7.56
N SER D 23 28.16 26.84 8.68
CA SER D 23 29.43 26.25 9.10
C SER D 23 29.22 24.79 9.56
N PHE D 24 28.06 24.49 10.10
CA PHE D 24 27.69 23.15 10.54
C PHE D 24 27.37 22.28 9.33
N ILE D 25 26.76 22.87 8.30
CA ILE D 25 26.43 22.14 7.08
C ILE D 25 27.73 21.73 6.39
N PHE D 26 28.74 22.60 6.38
CA PHE D 26 30.02 22.33 5.76
C PHE D 26 30.68 21.08 6.37
N GLY D 27 30.98 21.11 7.66
CA GLY D 27 31.60 19.97 8.33
C GLY D 27 30.85 18.65 8.16
N TYR D 28 29.50 18.72 8.25
CA TYR D 28 28.63 17.55 8.11
C TYR D 28 28.76 17.00 6.70
N GLN D 29 28.70 17.88 5.68
CA GLN D 29 28.82 17.45 4.29
C GLN D 29 30.16 16.82 3.99
N VAL D 30 31.25 17.34 4.61
CA VAL D 30 32.60 16.83 4.41
C VAL D 30 32.76 15.34 4.80
N SER D 31 32.15 14.95 5.90
CA SER D 31 32.34 13.62 6.44
C SER D 31 31.14 12.70 6.44
N VAL D 32 30.03 13.08 5.79
CA VAL D 32 28.86 12.24 5.85
C VAL D 32 29.05 11.02 4.97
N LEU D 33 29.44 11.21 3.71
CA LEU D 33 29.68 10.07 2.80
C LEU D 33 30.92 9.27 3.23
N ASN D 34 31.89 9.94 3.84
CA ASN D 34 33.14 9.33 4.27
C ASN D 34 32.95 8.31 5.40
N THR D 35 31.76 8.28 6.07
CA THR D 35 31.48 7.30 7.12
C THR D 35 30.62 6.17 6.58
N ILE D 36 29.55 6.52 5.84
CA ILE D 36 28.66 5.50 5.28
C ILE D 36 29.04 5.12 3.84
N LYS D 37 30.34 5.24 3.49
CA LYS D 37 30.87 4.94 2.15
C LYS D 37 30.68 3.49 1.81
N ASN D 38 30.93 2.61 2.77
CA ASN D 38 30.81 1.17 2.56
C ASN D 38 29.38 0.77 2.21
N PHE D 39 28.38 1.40 2.85
CA PHE D 39 26.97 1.12 2.59
C PHE D 39 26.62 1.33 1.11
N ILE D 40 27.05 2.48 0.55
CA ILE D 40 26.77 2.88 -0.82
C ILE D 40 27.44 1.96 -1.83
N VAL D 41 28.60 1.37 -1.50
CA VAL D 41 29.27 0.43 -2.41
C VAL D 41 28.51 -0.89 -2.56
N VAL D 42 27.62 -1.22 -1.60
CA VAL D 42 26.81 -2.42 -1.69
C VAL D 42 25.85 -2.29 -2.90
N GLU D 43 25.23 -1.11 -3.05
CA GLU D 43 24.35 -0.87 -4.19
C GLU D 43 25.12 -0.60 -5.48
N PHE D 44 25.96 0.47 -5.47
CA PHE D 44 26.75 0.96 -6.61
C PHE D 44 27.72 -0.14 -7.18
N GLU D 45 28.29 -1.02 -6.33
CA GLU D 45 29.09 -2.16 -6.83
C GLU D 45 28.45 -3.47 -6.39
N THR D 60 42.42 4.79 -4.16
CA THR D 60 41.42 3.83 -3.66
C THR D 60 40.13 3.86 -4.54
N ILE D 61 40.13 3.16 -5.73
CA ILE D 61 39.04 3.02 -6.73
C ILE D 61 38.39 4.40 -7.15
N GLN D 62 37.28 4.40 -7.92
CA GLN D 62 36.62 5.65 -8.27
C GLN D 62 35.81 6.23 -7.11
N SER D 63 35.79 5.59 -5.92
CA SER D 63 35.29 6.23 -4.71
C SER D 63 36.29 7.38 -4.37
N SER D 64 37.61 7.20 -4.67
CA SER D 64 38.59 8.25 -4.51
C SER D 64 38.28 9.38 -5.49
N PHE D 65 37.86 9.06 -6.73
CA PHE D 65 37.45 10.05 -7.73
C PHE D 65 36.22 10.87 -7.26
N LEU D 66 35.30 10.18 -6.56
CA LEU D 66 34.11 10.79 -6.01
C LEU D 66 34.48 11.79 -4.90
N LEU D 67 35.39 11.40 -3.99
CA LEU D 67 35.79 12.33 -2.92
C LEU D 67 36.56 13.53 -3.47
N ALA D 68 37.28 13.36 -4.60
CA ALA D 68 37.97 14.44 -5.31
C ALA D 68 36.97 15.46 -5.79
N SER D 69 35.77 15.04 -6.21
CA SER D 69 34.76 15.95 -6.70
C SER D 69 34.34 16.96 -5.64
N VAL D 70 34.37 16.56 -4.39
CA VAL D 70 33.98 17.45 -3.28
C VAL D 70 35.11 18.46 -2.91
N PHE D 71 36.33 18.21 -3.39
CA PHE D 71 37.47 19.09 -3.23
C PHE D 71 37.49 20.03 -4.44
N ILE D 72 37.32 19.50 -5.67
CA ILE D 72 37.30 20.30 -6.88
C ILE D 72 36.10 21.23 -6.90
N GLY D 73 34.99 20.81 -6.35
CA GLY D 73 33.80 21.62 -6.27
C GLY D 73 34.02 22.78 -5.32
N ALA D 74 34.74 22.55 -4.21
CA ALA D 74 35.00 23.59 -3.22
C ALA D 74 35.90 24.66 -3.76
N VAL D 75 36.86 24.32 -4.61
CA VAL D 75 37.75 25.27 -5.32
C VAL D 75 36.84 26.23 -6.15
N LEU D 76 35.89 25.68 -6.91
CA LEU D 76 34.94 26.44 -7.68
C LEU D 76 33.92 27.18 -6.82
N GLY D 77 33.71 26.70 -5.62
CA GLY D 77 32.79 27.30 -4.67
C GLY D 77 33.32 28.60 -4.16
N CYS D 78 34.45 28.52 -3.45
CA CYS D 78 35.01 29.74 -2.93
C CYS D 78 35.58 30.66 -4.05
N GLY D 79 35.67 30.15 -5.27
CA GLY D 79 36.03 30.99 -6.40
C GLY D 79 34.82 31.84 -6.75
N PHE D 80 33.65 31.22 -6.86
CA PHE D 80 32.41 31.93 -7.18
C PHE D 80 31.93 32.79 -6.01
N SER D 81 32.30 32.47 -4.75
CA SER D 81 31.86 33.27 -3.62
C SER D 81 32.36 34.73 -3.67
N GLY D 82 33.58 34.96 -4.12
CA GLY D 82 34.11 36.32 -4.24
C GLY D 82 33.54 37.13 -5.39
N TYR D 83 32.47 36.63 -6.01
CA TYR D 83 31.71 37.21 -7.14
C TYR D 83 30.26 37.41 -6.62
N LEU D 84 29.78 36.45 -5.83
CA LEU D 84 28.46 36.46 -5.24
C LEU D 84 28.43 37.38 -4.04
N VAL D 85 29.51 37.38 -3.23
CA VAL D 85 29.62 38.25 -2.06
C VAL D 85 29.52 39.75 -2.45
N GLN D 86 29.62 40.08 -3.73
CA GLN D 86 29.41 41.44 -4.23
C GLN D 86 27.94 41.82 -3.98
N PHE D 87 27.00 40.88 -4.20
CA PHE D 87 25.58 41.05 -3.90
C PHE D 87 25.34 40.83 -2.36
N GLY D 88 26.28 41.33 -1.56
CA GLY D 88 26.29 41.26 -0.12
C GLY D 88 26.42 39.87 0.47
N ARG D 89 26.67 39.82 1.78
CA ARG D 89 26.71 38.63 2.61
C ARG D 89 25.27 38.20 3.06
N ARG D 90 24.26 39.06 2.73
CA ARG D 90 22.82 38.89 2.88
C ARG D 90 22.50 37.67 1.99
N LEU D 91 22.56 37.83 0.65
CA LEU D 91 22.28 36.76 -0.27
C LEU D 91 23.31 35.67 -0.16
N SER D 92 24.60 36.01 0.03
CA SER D 92 25.67 35.03 0.08
C SER D 92 25.41 33.89 1.07
N LEU D 93 24.96 34.26 2.28
CA LEU D 93 24.67 33.24 3.29
C LEU D 93 23.34 32.54 3.02
N LEU D 94 22.40 33.24 2.42
CA LEU D 94 21.11 32.69 2.13
C LEU D 94 21.12 31.66 1.04
N ILE D 95 21.86 31.90 -0.02
CA ILE D 95 21.98 30.98 -1.15
C ILE D 95 22.67 29.71 -0.69
N ILE D 96 23.71 29.81 0.17
CA ILE D 96 24.37 28.61 0.68
C ILE D 96 23.49 27.80 1.63
N TYR D 97 22.19 28.10 1.69
CA TYR D 97 21.19 27.40 2.47
C TYR D 97 20.15 26.96 1.48
N ASN D 98 19.61 27.90 0.66
CA ASN D 98 18.61 27.65 -0.39
C ASN D 98 19.08 26.50 -1.27
N PHE D 99 20.37 26.54 -1.64
CA PHE D 99 21.09 25.63 -2.51
C PHE D 99 21.36 24.34 -1.79
N PHE D 100 21.91 24.44 -0.58
CA PHE D 100 22.24 23.27 0.22
C PHE D 100 21.07 22.41 0.59
N PHE D 101 19.87 22.99 0.64
CA PHE D 101 18.66 22.25 0.89
C PHE D 101 18.37 21.42 -0.36
N LEU D 102 18.51 22.03 -1.56
CA LEU D 102 18.24 21.32 -2.80
C LEU D 102 19.31 20.31 -3.21
N VAL D 103 20.58 20.54 -2.85
CA VAL D 103 21.62 19.54 -3.12
C VAL D 103 21.39 18.32 -2.19
N SER D 104 20.95 18.56 -0.93
CA SER D 104 20.63 17.54 0.06
C SER D 104 19.38 16.71 -0.29
N ILE D 105 18.61 17.17 -1.26
CA ILE D 105 17.50 16.40 -1.77
C ILE D 105 18.09 15.50 -2.84
N LEU D 106 18.91 16.08 -3.76
CA LEU D 106 19.56 15.31 -4.82
C LEU D 106 20.49 14.20 -4.28
N THR D 107 21.39 14.50 -3.32
CA THR D 107 22.31 13.53 -2.72
C THR D 107 21.52 12.36 -2.05
N SER D 108 20.36 12.72 -1.48
CA SER D 108 19.46 11.80 -0.83
C SER D 108 18.94 10.79 -1.81
N ILE D 109 18.59 11.20 -3.03
CA ILE D 109 18.08 10.26 -4.03
C ILE D 109 19.25 9.57 -4.73
N THR D 110 19.59 8.42 -4.21
CA THR D 110 20.77 7.71 -4.61
C THR D 110 20.51 6.48 -5.39
N HIS D 111 21.12 6.42 -6.56
CA HIS D 111 21.12 5.27 -7.46
C HIS D 111 22.30 5.49 -8.40
N HIS D 112 23.35 4.68 -8.24
CA HIS D 112 24.57 4.71 -9.05
C HIS D 112 25.56 5.81 -8.65
N PHE D 113 26.81 5.63 -9.08
CA PHE D 113 27.93 6.53 -8.83
C PHE D 113 27.73 7.86 -9.52
N HIS D 114 27.27 7.84 -10.76
CA HIS D 114 27.11 9.07 -11.55
C HIS D 114 26.30 10.15 -10.87
N THR D 115 25.14 9.77 -10.34
CA THR D 115 24.22 10.64 -9.65
C THR D 115 24.89 11.27 -8.43
N ILE D 116 25.50 10.45 -7.60
CA ILE D 116 26.11 10.90 -6.35
C ILE D 116 27.45 11.59 -6.55
N LEU D 117 28.11 11.38 -7.69
CA LEU D 117 29.35 12.07 -8.00
C LEU D 117 29.01 13.55 -8.25
N PHE D 118 28.02 13.79 -9.12
CA PHE D 118 27.54 15.14 -9.48
C PHE D 118 26.90 15.85 -8.30
N ALA D 119 26.19 15.09 -7.46
CA ALA D 119 25.60 15.63 -6.27
C ALA D 119 26.71 16.02 -5.29
N ARG D 120 27.71 15.14 -5.08
CA ARG D 120 28.84 15.45 -4.22
C ARG D 120 29.71 16.58 -4.78
N LEU D 121 29.65 16.82 -6.08
CA LEU D 121 30.37 17.92 -6.70
C LEU D 121 29.69 19.21 -6.26
N LEU D 122 28.34 19.25 -6.40
CA LEU D 122 27.51 20.40 -6.02
C LEU D 122 27.56 20.63 -4.54
N SER D 123 27.59 19.56 -3.75
CA SER D 123 27.75 19.64 -2.29
C SER D 123 29.20 19.99 -1.86
N GLY D 124 30.08 20.13 -2.83
CA GLY D 124 31.43 20.62 -2.67
C GLY D 124 31.41 22.09 -3.01
N PHE D 125 30.65 22.48 -4.07
CA PHE D 125 30.45 23.87 -4.46
C PHE D 125 29.76 24.61 -3.30
N GLY D 126 28.89 23.89 -2.59
CA GLY D 126 28.18 24.36 -1.42
C GLY D 126 29.16 24.59 -0.31
N ILE D 127 29.96 23.58 0.03
CA ILE D 127 30.95 23.75 1.09
C ILE D 127 32.06 24.71 0.71
N GLY D 128 32.23 24.96 -0.58
CA GLY D 128 33.23 25.88 -1.06
C GLY D 128 32.77 27.29 -0.78
N LEU D 129 31.56 27.59 -1.23
CA LEU D 129 30.89 28.88 -1.11
C LEU D 129 30.76 29.36 0.37
N VAL D 130 30.80 28.39 1.31
CA VAL D 130 30.73 28.58 2.76
C VAL D 130 32.07 29.09 3.32
N THR D 131 33.19 28.40 3.02
CA THR D 131 34.52 28.70 3.53
C THR D 131 34.94 30.15 3.40
N VAL D 132 34.32 30.90 2.47
CA VAL D 132 34.59 32.31 2.31
C VAL D 132 33.46 33.13 2.91
N SER D 133 32.20 32.75 2.61
CA SER D 133 31.01 33.49 3.03
C SER D 133 30.82 33.65 4.56
N VAL D 134 30.87 32.55 5.35
CA VAL D 134 30.67 32.65 6.80
C VAL D 134 31.77 33.40 7.52
N PRO D 135 33.07 33.08 7.32
CA PRO D 135 34.12 33.84 8.03
C PRO D 135 34.12 35.32 7.68
N MET D 136 33.55 35.71 6.54
CA MET D 136 33.46 37.11 6.13
C MET D 136 32.32 37.79 6.84
N TYR D 137 31.18 37.09 7.00
CA TYR D 137 30.01 37.59 7.70
C TYR D 137 30.37 37.92 9.16
N ILE D 138 31.02 36.99 9.88
CA ILE D 138 31.41 37.22 11.29
C ILE D 138 32.37 38.42 11.38
N SER D 139 33.42 38.41 10.56
CA SER D 139 34.42 39.47 10.54
C SER D 139 33.82 40.84 10.33
N GLU D 140 32.80 40.89 9.48
CA GLU D 140 32.19 42.14 9.12
C GLU D 140 31.03 42.56 10.01
N MET D 141 30.81 41.90 11.17
CA MET D 141 29.75 42.35 12.06
C MET D 141 30.20 42.39 13.57
N THR D 142 31.21 41.60 13.95
CA THR D 142 31.69 41.63 15.34
C THR D 142 32.69 42.74 15.60
N HIS D 143 32.78 43.20 16.86
CA HIS D 143 33.69 44.25 17.33
C HIS D 143 35.14 43.85 17.13
N LYS D 144 36.03 44.83 16.92
CA LYS D 144 37.46 44.62 16.71
C LYS D 144 38.11 43.74 17.79
N ASP D 145 37.70 43.94 19.04
CA ASP D 145 38.25 43.21 20.20
C ASP D 145 37.71 41.80 20.36
N LYS D 146 36.52 41.52 19.80
CA LYS D 146 35.89 40.21 19.92
C LYS D 146 35.87 39.41 18.61
N LYS D 147 36.45 39.96 17.54
CA LYS D 147 36.46 39.42 16.19
C LYS D 147 36.94 37.97 16.08
N GLY D 148 38.03 37.67 16.79
CA GLY D 148 38.61 36.34 16.80
C GLY D 148 37.76 35.28 17.45
N ALA D 149 37.27 35.54 18.68
CA ALA D 149 36.44 34.58 19.40
C ALA D 149 35.17 34.22 18.62
N TYR D 150 34.51 35.24 18.07
CA TYR D 150 33.31 35.02 17.30
C TYR D 150 33.62 34.38 15.97
N GLY D 151 34.80 34.64 15.40
CA GLY D 151 35.22 33.97 14.16
C GLY D 151 35.55 32.51 14.40
N VAL D 152 36.02 32.16 15.61
CA VAL D 152 36.32 30.78 16.03
C VAL D 152 35.04 29.94 15.97
N MET D 153 33.87 30.56 16.18
CA MET D 153 32.57 29.92 16.10
C MET D 153 32.39 29.18 14.78
N HIS D 154 32.90 29.74 13.66
CA HIS D 154 32.86 29.08 12.35
C HIS D 154 33.45 27.66 12.44
N GLN D 155 34.71 27.53 12.89
CA GLN D 155 35.36 26.24 13.06
C GLN D 155 34.68 25.40 14.11
N LEU D 156 34.18 26.01 15.18
CA LEU D 156 33.48 25.30 16.25
C LEU D 156 32.26 24.56 15.72
N PHE D 157 31.61 25.12 14.71
CA PHE D 157 30.44 24.51 14.09
C PHE D 157 30.84 23.56 12.96
N ILE D 158 32.01 23.74 12.33
CA ILE D 158 32.56 22.83 11.34
C ILE D 158 32.93 21.51 12.05
N THR D 159 33.68 21.60 13.17
CA THR D 159 34.08 20.46 13.97
C THR D 159 32.88 19.77 14.60
N PHE D 160 31.78 20.51 14.85
CA PHE D 160 30.53 19.96 15.36
C PHE D 160 29.79 19.22 14.24
N GLY D 161 29.91 19.71 13.01
CA GLY D 161 29.32 19.07 11.85
C GLY D 161 29.92 17.70 11.62
N ILE D 162 31.26 17.58 11.74
CA ILE D 162 31.95 16.31 11.56
C ILE D 162 31.52 15.31 12.66
N PHE D 163 31.43 15.81 13.89
CA PHE D 163 31.03 15.05 15.05
C PHE D 163 29.56 14.58 14.96
N VAL D 164 28.67 15.45 14.49
CA VAL D 164 27.27 15.10 14.31
C VAL D 164 27.13 14.06 13.19
N ALA D 165 27.99 14.12 12.13
CA ALA D 165 27.97 13.15 11.01
C ALA D 165 28.39 11.72 11.40
N VAL D 166 29.50 11.57 12.16
CA VAL D 166 29.98 10.28 12.64
C VAL D 166 29.02 9.69 13.67
N MET D 167 28.45 10.55 14.52
CA MET D 167 27.49 10.12 15.53
C MET D 167 26.11 9.80 14.95
N LEU D 168 25.78 10.31 13.78
CA LEU D 168 24.56 9.96 13.08
C LEU D 168 24.80 8.69 12.19
N GLY D 169 26.06 8.48 11.78
CA GLY D 169 26.45 7.41 10.87
C GLY D 169 27.07 6.16 11.44
N LEU D 170 28.35 6.21 11.84
CA LEU D 170 29.05 5.04 12.38
C LEU D 170 28.45 4.50 13.65
N ALA D 171 27.80 5.36 14.44
CA ALA D 171 27.07 4.96 15.63
C ALA D 171 25.82 4.12 15.22
N MET D 172 25.24 4.41 14.05
CA MET D 172 24.13 3.66 13.49
C MET D 172 24.53 2.94 12.20
N GLY D 173 25.70 2.32 12.24
CA GLY D 173 26.26 1.59 11.11
C GLY D 173 26.38 0.11 11.39
N GLU D 174 27.54 -0.49 11.03
CA GLU D 174 27.93 -1.90 11.22
C GLU D 174 26.99 -2.91 10.55
N THR D 185 20.01 -4.85 4.85
CA THR D 185 19.41 -4.03 5.92
C THR D 185 18.52 -2.93 5.35
N SER D 186 17.24 -3.01 5.70
CA SER D 186 16.17 -2.12 5.23
C SER D 186 16.17 -0.79 5.95
N PHE D 187 16.37 -0.81 7.27
CA PHE D 187 16.45 0.44 8.04
C PHE D 187 17.82 1.12 7.90
N ALA D 188 18.69 0.62 6.99
CA ALA D 188 19.99 1.17 6.66
C ALA D 188 19.88 1.91 5.33
N LYS D 189 19.19 1.33 4.34
CA LYS D 189 18.96 1.98 3.03
C LYS D 189 18.12 3.26 3.21
N LEU D 190 17.24 3.25 4.22
CA LEU D 190 16.32 4.31 4.62
C LEU D 190 17.01 5.28 5.57
N TRP D 191 17.89 4.77 6.45
CA TRP D 191 18.58 5.62 7.40
C TRP D 191 19.69 6.40 6.73
N TRP D 192 20.41 5.79 5.79
CA TRP D 192 21.48 6.51 5.08
C TRP D 192 20.90 7.57 4.15
N ARG D 193 19.72 7.30 3.54
CA ARG D 193 19.09 8.30 2.70
C ARG D 193 18.58 9.45 3.57
N LEU D 194 17.99 9.13 4.75
CA LEU D 194 17.54 10.11 5.75
C LEU D 194 18.71 10.89 6.40
N MET D 195 19.93 10.35 6.30
CA MET D 195 21.18 10.90 6.80
C MET D 195 21.68 11.93 5.80
N PHE D 196 21.60 11.63 4.49
CA PHE D 196 21.98 12.56 3.42
C PHE D 196 21.02 13.77 3.34
N LEU D 197 19.76 13.53 3.70
CA LEU D 197 18.67 14.50 3.70
C LEU D 197 18.71 15.43 4.95
N PHE D 198 19.44 15.05 5.99
CA PHE D 198 19.55 15.84 7.20
C PHE D 198 19.97 17.30 7.00
N PRO D 199 20.98 17.63 6.18
CA PRO D 199 21.32 19.05 6.01
C PRO D 199 20.23 19.87 5.33
N SER D 200 19.25 19.22 4.66
CA SER D 200 18.16 19.96 4.00
C SER D 200 17.30 20.64 5.04
N VAL D 201 16.99 19.92 6.15
CA VAL D 201 16.20 20.48 7.24
C VAL D 201 17.02 21.46 8.05
N ILE D 202 18.34 21.25 8.18
CA ILE D 202 19.23 22.22 8.85
C ILE D 202 19.24 23.53 8.03
N SER D 203 19.25 23.41 6.68
CA SER D 203 19.20 24.54 5.75
C SER D 203 17.86 25.20 5.86
N LEU D 204 16.78 24.44 5.87
CA LEU D 204 15.45 24.97 6.04
C LEU D 204 15.33 25.78 7.33
N ILE D 205 16.00 25.33 8.39
CA ILE D 205 16.00 26.01 9.67
C ILE D 205 16.75 27.30 9.52
N GLY D 206 17.94 27.24 8.97
CA GLY D 206 18.76 28.41 8.76
C GLY D 206 18.14 29.50 7.93
N ILE D 207 17.45 29.16 6.83
CA ILE D 207 16.81 30.16 5.96
C ILE D 207 15.68 30.84 6.75
N LEU D 208 14.81 30.04 7.37
CA LEU D 208 13.70 30.57 8.15
C LEU D 208 14.18 31.29 9.41
N ALA D 209 15.40 31.00 9.86
CA ALA D 209 16.00 31.69 10.99
C ALA D 209 16.55 33.06 10.51
N LEU D 210 17.17 33.06 9.31
CA LEU D 210 17.80 34.23 8.74
C LEU D 210 16.83 35.34 8.38
N VAL D 211 16.01 35.16 7.32
CA VAL D 211 15.12 36.22 6.85
C VAL D 211 14.02 36.60 7.88
N VAL D 212 13.94 35.90 9.04
CA VAL D 212 12.93 36.21 10.05
C VAL D 212 13.51 37.02 11.19
N PHE D 213 14.60 36.54 11.79
CA PHE D 213 15.17 37.23 12.93
C PHE D 213 16.27 38.19 12.54
N PHE D 214 17.04 37.83 11.52
CA PHE D 214 18.22 38.58 11.17
C PHE D 214 17.84 39.63 10.14
N LYS D 215 17.58 39.28 8.86
CA LYS D 215 17.08 40.26 7.86
C LYS D 215 18.05 41.45 7.59
N GLU D 216 19.20 41.54 8.30
CA GLU D 216 20.12 42.65 8.11
C GLU D 216 21.46 42.23 7.58
N GLU D 217 22.11 43.11 6.82
CA GLU D 217 23.40 42.80 6.23
C GLU D 217 24.51 43.57 6.93
N THR D 218 25.71 42.95 7.08
CA THR D 218 26.87 43.55 7.76
C THR D 218 27.15 45.00 7.39
N PRO D 219 27.54 45.83 8.39
CA PRO D 219 27.82 47.26 8.14
C PRO D 219 28.82 47.60 7.05
N TYR D 220 29.66 46.65 6.63
CA TYR D 220 30.60 46.90 5.54
C TYR D 220 29.87 47.12 4.19
N PHE D 221 28.53 46.94 4.14
CA PHE D 221 27.70 47.23 2.98
C PHE D 221 27.59 48.77 2.69
N LEU D 222 28.24 49.60 3.50
CA LEU D 222 28.26 51.05 3.31
C LEU D 222 28.91 51.37 1.95
N PHE D 223 29.95 50.61 1.56
CA PHE D 223 30.67 50.84 0.31
C PHE D 223 29.85 50.46 -0.92
N GLU D 224 29.07 49.37 -0.83
CA GLU D 224 28.23 48.94 -1.97
C GLU D 224 26.97 49.82 -2.05
N LYS D 225 26.26 49.98 -0.92
CA LYS D 225 25.05 50.80 -0.89
C LYS D 225 25.20 51.88 0.17
N GLY D 226 24.90 53.10 -0.22
CA GLY D 226 24.98 54.26 0.66
C GLY D 226 23.88 54.36 1.70
N ARG D 227 23.41 53.20 2.20
CA ARG D 227 22.39 53.14 3.25
C ARG D 227 23.14 53.31 4.57
N ILE D 228 23.53 54.55 4.87
CA ILE D 228 24.33 54.89 6.04
C ILE D 228 23.54 54.75 7.33
N GLU D 229 22.27 55.16 7.29
CA GLU D 229 21.38 55.05 8.45
C GLU D 229 21.09 53.58 8.76
N GLU D 230 20.96 52.73 7.72
CA GLU D 230 20.76 51.31 7.93
C GLU D 230 22.03 50.71 8.55
N SER D 231 23.23 51.12 8.04
CA SER D 231 24.55 50.68 8.55
C SER D 231 24.76 51.04 10.00
N LYS D 232 24.24 52.20 10.42
CA LYS D 232 24.33 52.66 11.79
C LYS D 232 23.45 51.75 12.66
N ASN D 233 22.23 51.47 12.19
CA ASN D 233 21.26 50.62 12.88
C ASN D 233 21.68 49.16 13.01
N ILE D 234 22.76 48.75 12.33
CA ILE D 234 23.28 47.39 12.47
C ILE D 234 24.06 47.37 13.78
N LEU D 235 25.11 48.21 13.92
CA LEU D 235 25.94 48.28 15.13
C LEU D 235 25.17 48.79 16.36
N LYS D 236 24.06 49.51 16.13
CA LYS D 236 23.16 50.00 17.16
C LYS D 236 22.39 48.85 17.83
N LYS D 237 22.26 47.68 17.16
CA LYS D 237 21.59 46.51 17.72
C LYS D 237 22.62 45.49 18.22
N ILE D 238 23.77 45.38 17.50
CA ILE D 238 24.88 44.48 17.82
C ILE D 238 25.34 44.67 19.28
N TYR D 239 25.76 45.89 19.64
CA TYR D 239 26.18 46.17 21.01
C TYR D 239 25.16 46.97 21.83
N GLU D 240 23.96 47.23 21.25
CA GLU D 240 22.84 48.00 21.80
C GLU D 240 23.27 49.42 22.23
N THR D 241 24.24 49.99 21.51
CA THR D 241 24.74 51.33 21.76
C THR D 241 24.13 52.28 20.73
N ASP D 242 23.29 53.22 21.20
CA ASP D 242 22.61 54.17 20.33
C ASP D 242 23.56 55.24 19.80
N ASN D 243 24.40 55.80 20.68
CA ASN D 243 25.34 56.83 20.25
C ASN D 243 26.59 56.20 19.68
N VAL D 244 26.47 55.71 18.45
CA VAL D 244 27.56 55.08 17.71
C VAL D 244 28.16 56.08 16.74
N ASP D 245 29.42 56.41 16.98
CA ASP D 245 30.25 57.25 16.14
C ASP D 245 31.58 56.50 15.89
N GLU D 246 32.09 55.83 16.93
CA GLU D 246 33.35 55.10 16.96
C GLU D 246 33.52 54.06 15.82
N PRO D 247 32.69 53.00 15.70
CA PRO D 247 32.93 52.01 14.61
C PRO D 247 32.42 52.45 13.26
N LEU D 248 31.43 53.36 13.22
CA LEU D 248 30.86 53.88 11.98
C LEU D 248 31.87 54.77 11.30
N ASN D 249 32.48 55.71 12.03
CA ASN D 249 33.50 56.60 11.47
C ASN D 249 34.84 55.86 11.18
N ALA D 250 35.00 54.65 11.73
CA ALA D 250 36.14 53.77 11.47
C ALA D 250 35.85 53.05 10.15
N ILE D 251 34.62 52.55 9.95
CA ILE D 251 34.26 51.90 8.69
C ILE D 251 34.04 52.95 7.57
N LYS D 252 33.83 54.25 7.90
CA LYS D 252 33.64 55.32 6.95
C LYS D 252 34.92 55.55 6.15
N GLU D 253 36.07 55.51 6.83
CA GLU D 253 37.38 55.68 6.19
C GLU D 253 37.80 54.40 5.45
N ALA D 254 37.44 53.22 5.99
CA ALA D 254 37.74 51.90 5.41
C ALA D 254 36.99 51.71 4.09
N VAL D 255 35.70 52.11 4.05
CA VAL D 255 34.91 52.03 2.83
C VAL D 255 35.30 53.14 1.86
N GLU D 256 35.79 54.29 2.35
CA GLU D 256 36.27 55.37 1.50
C GLU D 256 37.51 54.92 0.71
N GLN D 257 38.34 54.02 1.27
CA GLN D 257 39.50 53.45 0.58
C GLN D 257 39.00 52.66 -0.65
N ASN D 258 37.87 51.96 -0.51
CA ASN D 258 37.22 51.20 -1.57
C ASN D 258 36.72 52.11 -2.67
N GLU D 259 35.84 53.09 -2.33
CA GLU D 259 35.21 54.04 -3.28
C GLU D 259 36.22 54.91 -4.01
N SER D 260 37.39 55.12 -3.41
CA SER D 260 38.45 55.89 -4.05
C SER D 260 39.13 54.98 -5.08
N ALA D 261 39.44 53.74 -4.68
CA ALA D 261 40.07 52.77 -5.57
C ALA D 261 39.11 52.33 -6.68
N LYS D 262 37.79 52.38 -6.44
CA LYS D 262 36.72 52.03 -7.38
C LYS D 262 36.87 52.84 -8.69
N LYS D 263 37.07 54.17 -8.59
CA LYS D 263 37.22 55.07 -9.73
C LYS D 263 38.56 54.83 -10.45
N ASN D 264 39.62 54.54 -9.67
CA ASN D 264 40.99 54.30 -10.15
C ASN D 264 41.23 52.89 -10.72
N SER D 265 40.25 51.99 -10.56
CA SER D 265 40.30 50.62 -11.05
C SER D 265 41.48 49.82 -10.49
N LEU D 266 41.41 49.47 -9.19
CA LEU D 266 42.41 48.63 -8.54
C LEU D 266 41.87 47.22 -8.58
N SER D 267 42.30 46.50 -9.61
CA SER D 267 41.86 45.18 -10.00
C SER D 267 42.11 44.05 -8.99
N LEU D 268 41.67 42.85 -9.32
CA LEU D 268 41.94 41.69 -8.49
C LEU D 268 43.37 41.18 -8.78
N LEU D 269 43.89 41.38 -10.02
CA LEU D 269 45.27 41.02 -10.35
C LEU D 269 46.27 42.13 -9.95
N SER D 270 45.80 43.28 -9.44
CA SER D 270 46.70 44.35 -8.95
C SER D 270 47.60 43.89 -7.80
N ALA D 271 47.44 42.64 -7.33
CA ALA D 271 48.25 42.02 -6.30
C ALA D 271 49.59 41.61 -6.94
N LEU D 272 49.55 40.86 -8.05
CA LEU D 272 50.75 40.45 -8.78
C LEU D 272 51.36 41.63 -9.60
N LYS D 273 50.61 42.74 -9.76
CA LYS D 273 51.04 43.94 -10.46
C LYS D 273 51.77 44.92 -9.51
N ILE D 274 51.18 45.19 -8.32
CA ILE D 274 51.77 46.10 -7.33
C ILE D 274 52.55 45.31 -6.27
N PRO D 275 53.86 45.60 -6.06
CA PRO D 275 54.63 44.83 -5.06
C PRO D 275 54.18 45.03 -3.61
N SER D 276 53.54 46.18 -3.33
CA SER D 276 52.97 46.54 -2.03
C SER D 276 51.75 45.65 -1.67
N TYR D 277 51.05 45.15 -2.70
CA TYR D 277 49.90 44.27 -2.59
C TYR D 277 50.26 42.79 -2.81
N ARG D 278 51.44 42.50 -3.38
CA ARG D 278 51.87 41.11 -3.60
C ARG D 278 52.23 40.48 -2.27
N TYR D 279 52.94 41.21 -1.39
CA TYR D 279 53.35 40.73 -0.06
C TYR D 279 52.16 40.27 0.78
N VAL D 280 50.93 40.76 0.50
CA VAL D 280 49.77 40.35 1.29
C VAL D 280 49.02 39.20 0.65
N ILE D 281 48.85 39.24 -0.67
CA ILE D 281 48.13 38.19 -1.38
C ILE D 281 48.92 36.88 -1.40
N ILE D 282 50.23 36.96 -1.62
CA ILE D 282 51.07 35.77 -1.66
C ILE D 282 51.20 35.17 -0.27
N LEU D 283 51.41 36.00 0.77
CA LEU D 283 51.47 35.48 2.13
C LEU D 283 50.13 34.92 2.59
N GLY D 284 49.04 35.54 2.13
CA GLY D 284 47.69 35.08 2.43
C GLY D 284 47.39 33.74 1.81
N CYS D 285 47.78 33.56 0.55
CA CYS D 285 47.60 32.30 -0.17
C CYS D 285 48.51 31.22 0.40
N LEU D 286 49.73 31.60 0.79
CA LEU D 286 50.71 30.69 1.36
C LEU D 286 50.24 30.14 2.69
N LEU D 287 49.75 31.00 3.60
CA LEU D 287 49.28 30.53 4.90
C LEU D 287 48.07 29.63 4.74
N SER D 288 47.14 30.00 3.87
CA SER D 288 45.94 29.20 3.64
C SER D 288 46.24 27.84 3.03
N GLY D 289 47.25 27.78 2.16
CA GLY D 289 47.65 26.54 1.54
C GLY D 289 48.41 25.63 2.49
N LEU D 290 49.24 26.25 3.35
CA LEU D 290 50.02 25.53 4.36
C LEU D 290 49.15 24.85 5.43
N GLN D 291 47.85 25.18 5.51
CA GLN D 291 46.94 24.52 6.44
C GLN D 291 46.79 23.07 6.05
N GLN D 292 46.65 22.78 4.74
CA GLN D 292 46.51 21.41 4.26
C GLN D 292 47.79 20.62 4.37
N PHE D 293 48.96 21.29 4.28
CA PHE D 293 50.28 20.66 4.42
C PHE D 293 50.61 20.40 5.89
N THR D 294 49.62 19.83 6.57
CA THR D 294 49.57 19.44 7.96
C THR D 294 49.03 18.00 8.03
N GLY D 295 48.14 17.62 7.11
CA GLY D 295 47.60 16.27 7.06
C GLY D 295 46.32 16.13 7.85
N ILE D 296 45.50 17.16 7.85
CA ILE D 296 44.25 17.12 8.58
C ILE D 296 43.22 16.31 7.80
N ASN D 297 43.01 16.65 6.54
CA ASN D 297 42.03 15.96 5.70
C ASN D 297 42.42 14.54 5.29
N VAL D 298 43.67 14.13 5.56
CA VAL D 298 44.11 12.74 5.37
C VAL D 298 43.40 11.88 6.45
N LEU D 299 43.21 12.45 7.66
CA LEU D 299 42.52 11.85 8.80
C LEU D 299 40.99 12.08 8.76
N VAL D 300 40.51 13.01 7.91
CA VAL D 300 39.11 13.30 7.73
C VAL D 300 38.51 12.34 6.69
N SER D 301 39.05 12.32 5.45
CA SER D 301 38.56 11.47 4.37
C SER D 301 38.93 9.98 4.49
N ASN D 302 39.96 9.63 5.27
CA ASN D 302 40.37 8.23 5.44
C ASN D 302 40.38 7.78 6.89
N SER D 303 39.38 8.25 7.64
CA SER D 303 39.21 7.89 9.05
C SER D 303 38.93 6.40 9.19
N ASN D 304 38.01 5.85 8.39
CA ASN D 304 37.65 4.42 8.42
C ASN D 304 38.59 3.52 7.56
N GLU D 305 39.51 4.14 6.80
CA GLU D 305 40.41 3.44 5.89
C GLU D 305 41.85 3.30 6.39
N LEU D 306 42.43 4.39 6.92
CA LEU D 306 43.82 4.39 7.39
C LEU D 306 44.06 3.50 8.61
N TYR D 307 43.03 3.33 9.46
CA TYR D 307 43.16 2.49 10.67
C TYR D 307 42.97 0.99 10.38
N LYS D 308 42.46 0.64 9.18
CA LYS D 308 42.25 -0.75 8.73
C LYS D 308 43.58 -1.51 8.56
N GLU D 309 44.70 -0.78 8.39
CA GLU D 309 46.05 -1.34 8.23
C GLU D 309 46.38 -2.38 9.32
N PHE D 310 45.99 -2.10 10.58
CA PHE D 310 46.16 -3.07 11.66
C PHE D 310 44.91 -3.17 12.53
N LEU D 311 44.34 -2.04 12.95
CA LEU D 311 43.15 -2.04 13.82
C LEU D 311 41.87 -2.60 13.18
N ASP D 312 41.13 -3.44 13.94
CA ASP D 312 39.88 -4.11 13.55
C ASP D 312 38.71 -3.14 13.30
N SER D 313 37.62 -3.63 12.66
CA SER D 313 36.42 -2.82 12.35
C SER D 313 35.72 -2.28 13.60
N HIS D 314 35.80 -3.01 14.70
CA HIS D 314 35.21 -2.59 15.96
C HIS D 314 36.03 -1.44 16.57
N LEU D 315 37.37 -1.49 16.39
CA LEU D 315 38.30 -0.49 16.90
C LEU D 315 38.26 0.77 16.08
N ILE D 316 38.13 0.63 14.74
CA ILE D 316 38.07 1.75 13.80
C ILE D 316 36.97 2.75 14.18
N THR D 317 35.76 2.23 14.42
CA THR D 317 34.58 3.02 14.78
C THR D 317 34.75 3.78 16.10
N ILE D 318 35.51 3.21 17.04
CA ILE D 318 35.75 3.87 18.31
C ILE D 318 36.80 4.97 18.18
N LEU D 319 37.98 4.64 17.63
CA LEU D 319 39.08 5.60 17.46
C LEU D 319 38.74 6.79 16.60
N SER D 320 37.70 6.66 15.76
CA SER D 320 37.25 7.73 14.89
C SER D 320 36.19 8.58 15.59
N VAL D 321 35.19 7.96 16.24
CA VAL D 321 34.16 8.73 16.97
C VAL D 321 34.78 9.53 18.11
N VAL D 322 35.86 9.01 18.73
CA VAL D 322 36.55 9.73 19.80
C VAL D 322 37.34 10.89 19.20
N MET D 323 38.02 10.64 18.07
CA MET D 323 38.81 11.63 17.36
C MET D 323 38.01 12.87 16.97
N THR D 324 36.83 12.70 16.35
CA THR D 324 35.99 13.83 15.94
C THR D 324 35.37 14.54 17.13
N ALA D 325 35.13 13.81 18.26
CA ALA D 325 34.63 14.39 19.50
C ALA D 325 35.72 15.28 20.10
N VAL D 326 36.98 14.79 20.10
CA VAL D 326 38.17 15.51 20.58
C VAL D 326 38.37 16.75 19.69
N ASN D 327 38.27 16.59 18.38
CA ASN D 327 38.43 17.65 17.40
C ASN D 327 37.39 18.74 17.62
N PHE D 328 36.16 18.36 17.99
CA PHE D 328 35.11 19.34 18.25
C PHE D 328 35.38 20.02 19.59
N LEU D 329 35.72 19.25 20.61
CA LEU D 329 35.98 19.78 21.94
C LEU D 329 37.19 20.71 22.00
N MET D 330 38.24 20.40 21.26
CA MET D 330 39.45 21.22 21.23
C MET D 330 39.29 22.54 20.52
N THR D 331 38.20 22.75 19.77
CA THR D 331 37.96 24.06 19.15
C THR D 331 37.49 25.08 20.21
N PHE D 332 36.90 24.61 21.33
CA PHE D 332 36.45 25.49 22.41
C PHE D 332 37.59 26.30 23.05
N PRO D 333 38.73 25.68 23.47
CA PRO D 333 39.81 26.48 24.07
C PRO D 333 40.32 27.58 23.15
N ALA D 334 40.21 27.41 21.83
CA ALA D 334 40.66 28.41 20.88
C ALA D 334 39.87 29.71 20.96
N ILE D 335 38.59 29.63 21.35
CA ILE D 335 37.70 30.80 21.46
C ILE D 335 38.29 31.88 22.36
N TYR D 336 38.69 31.52 23.57
CA TYR D 336 39.22 32.47 24.53
C TYR D 336 40.71 32.80 24.31
N ILE D 337 41.54 31.81 23.90
CA ILE D 337 42.97 32.07 23.73
C ILE D 337 43.33 32.74 22.39
N VAL D 338 42.34 32.99 21.52
CA VAL D 338 42.61 33.68 20.25
C VAL D 338 42.75 35.20 20.47
N GLU D 339 42.12 35.75 21.51
CA GLU D 339 42.24 37.16 21.83
C GLU D 339 43.35 37.39 22.86
N LYS D 340 43.62 36.40 23.74
CA LYS D 340 44.67 36.50 24.77
C LYS D 340 46.05 36.45 24.13
N LEU D 341 46.40 35.32 23.48
CA LEU D 341 47.67 35.11 22.81
C LEU D 341 47.75 35.88 21.50
N GLY D 342 46.64 35.92 20.77
CA GLY D 342 46.60 36.53 19.46
C GLY D 342 46.40 35.47 18.39
N ARG D 343 46.79 35.77 17.17
CA ARG D 343 46.66 34.85 16.06
C ARG D 343 48.02 34.26 15.72
N LYS D 344 49.07 35.09 15.73
CA LYS D 344 50.43 34.65 15.44
C LYS D 344 50.98 33.76 16.55
N THR D 345 50.62 34.05 17.80
CA THR D 345 51.08 33.24 18.94
C THR D 345 50.47 31.85 18.91
N LEU D 346 49.20 31.76 18.55
CA LEU D 346 48.51 30.49 18.46
C LEU D 346 49.00 29.66 17.29
N LEU D 347 49.20 30.30 16.13
CA LEU D 347 49.68 29.62 14.91
C LEU D 347 50.99 28.87 15.17
N LEU D 348 51.95 29.52 15.85
CA LEU D 348 53.25 28.95 16.15
C LEU D 348 53.14 27.73 17.06
N TRP D 349 52.24 27.79 18.07
CA TRP D 349 52.02 26.69 18.99
C TRP D 349 51.44 25.45 18.29
N GLY D 350 50.62 25.66 17.27
CA GLY D 350 50.07 24.58 16.47
C GLY D 350 51.12 23.88 15.64
N CYS D 351 52.10 24.63 15.16
CA CYS D 351 53.23 24.08 14.42
C CYS D 351 54.21 23.34 15.35
N VAL D 352 54.19 23.62 16.66
CA VAL D 352 55.03 22.95 17.63
C VAL D 352 54.43 21.58 17.93
N GLY D 353 53.15 21.55 18.26
CA GLY D 353 52.43 20.32 18.60
C GLY D 353 52.37 19.31 17.47
N VAL D 354 52.39 19.79 16.22
CA VAL D 354 52.36 18.92 15.05
C VAL D 354 53.73 18.25 14.83
N LEU D 355 54.83 18.90 15.26
CA LEU D 355 56.17 18.32 15.19
C LEU D 355 56.29 17.21 16.23
N VAL D 356 55.67 17.39 17.40
CA VAL D 356 55.65 16.39 18.47
C VAL D 356 54.70 15.22 18.10
N ALA D 357 53.80 15.40 17.13
CA ALA D 357 52.90 14.36 16.69
C ALA D 357 53.47 13.59 15.49
N TYR D 358 54.24 14.26 14.61
CA TYR D 358 54.78 13.64 13.40
C TYR D 358 56.18 13.06 13.53
N LEU D 359 57.18 13.86 13.97
CA LEU D 359 58.56 13.42 14.09
C LEU D 359 58.79 12.22 15.03
N PRO D 360 58.19 12.14 16.25
CA PRO D 360 58.36 10.94 17.08
C PRO D 360 57.73 9.69 16.46
N THR D 361 56.73 9.89 15.60
CA THR D 361 56.02 8.84 14.88
C THR D 361 56.75 8.43 13.58
N ALA D 362 57.60 9.32 13.04
CA ALA D 362 58.40 9.06 11.85
C ALA D 362 59.54 8.10 12.21
N ILE D 363 60.18 8.31 13.38
CA ILE D 363 61.26 7.44 13.88
C ILE D 363 60.73 6.13 14.51
N ALA D 364 59.44 6.11 14.91
CA ALA D 364 58.72 4.94 15.44
C ALA D 364 58.30 3.97 14.32
N ASN D 365 58.25 4.47 13.05
CA ASN D 365 57.86 3.69 11.87
C ASN D 365 59.03 2.91 11.28
N GLU D 366 60.26 3.42 11.41
CA GLU D 366 61.44 2.75 10.87
C GLU D 366 61.82 1.56 11.76
N ASN D 372 55.46 -3.34 19.03
CA ASN D 372 54.06 -2.97 19.27
C ASN D 372 53.91 -1.87 20.33
N PHE D 373 54.90 -1.75 21.25
CA PHE D 373 54.91 -0.78 22.36
C PHE D 373 54.89 0.66 21.85
N VAL D 374 55.63 0.92 20.77
CA VAL D 374 55.71 2.25 20.17
C VAL D 374 54.69 2.39 18.99
N LYS D 375 54.20 1.26 18.44
CA LYS D 375 53.17 1.22 17.40
C LYS D 375 51.81 1.69 17.95
N ILE D 376 51.54 1.45 19.23
CA ILE D 376 50.33 1.92 19.91
C ILE D 376 50.46 3.43 20.15
N LEU D 377 51.65 3.88 20.58
CA LEU D 377 51.99 5.28 20.83
C LEU D 377 51.95 6.13 19.55
N SER D 378 51.99 5.49 18.37
CA SER D 378 51.87 6.11 17.05
C SER D 378 50.42 6.60 16.84
N ILE D 379 49.43 5.80 17.26
CA ILE D 379 48.00 6.13 17.21
C ILE D 379 47.65 7.19 18.25
N VAL D 380 48.34 7.16 19.41
CA VAL D 380 48.18 8.15 20.47
C VAL D 380 48.66 9.51 19.92
N ALA D 381 49.79 9.52 19.18
CA ALA D 381 50.33 10.72 18.54
C ALA D 381 49.39 11.27 17.47
N THR D 382 48.52 10.42 16.88
CA THR D 382 47.50 10.86 15.92
C THR D 382 46.46 11.74 16.65
N PHE D 383 46.23 11.52 17.95
CA PHE D 383 45.38 12.33 18.80
C PHE D 383 46.07 13.67 19.15
N VAL D 384 47.40 13.69 19.24
CA VAL D 384 48.17 14.92 19.49
C VAL D 384 47.97 15.89 18.31
N MET D 385 47.94 15.35 17.08
CA MET D 385 47.76 16.11 15.84
C MET D 385 46.37 16.75 15.78
N ILE D 386 45.35 16.03 16.26
CA ILE D 386 43.97 16.50 16.30
C ILE D 386 43.80 17.58 17.37
N ILE D 387 44.42 17.36 18.55
CA ILE D 387 44.39 18.28 19.69
C ILE D 387 45.06 19.61 19.34
N SER D 388 46.26 19.56 18.76
CA SER D 388 46.98 20.77 18.37
C SER D 388 46.35 21.48 17.16
N PHE D 389 45.70 20.74 16.24
CA PHE D 389 45.10 21.36 15.07
C PHE D 389 43.84 22.17 15.41
N ALA D 390 42.90 21.57 16.12
CA ALA D 390 41.61 22.18 16.45
C ALA D 390 41.70 23.42 17.34
N VAL D 391 42.79 23.58 18.10
CA VAL D 391 42.98 24.76 18.95
C VAL D 391 43.77 25.83 18.20
N SER D 392 44.65 25.45 17.26
CA SER D 392 45.48 26.40 16.55
C SER D 392 45.10 26.62 15.07
N TYR D 393 45.87 26.05 14.13
CA TYR D 393 45.72 26.21 12.69
C TYR D 393 44.29 26.06 12.19
N GLY D 394 43.51 25.23 12.86
CA GLY D 394 42.12 25.01 12.51
C GLY D 394 41.30 26.28 12.42
N PRO D 395 40.96 26.87 13.58
CA PRO D 395 40.15 28.09 13.55
C PRO D 395 40.85 29.36 13.10
N VAL D 396 42.13 29.58 13.52
CA VAL D 396 42.87 30.82 13.28
C VAL D 396 43.03 31.19 11.80
N LEU D 397 43.08 30.21 10.88
CA LEU D 397 43.18 30.55 9.45
C LEU D 397 41.93 31.25 8.95
N TRP D 398 40.77 30.86 9.46
CA TRP D 398 39.54 31.45 8.99
C TRP D 398 39.32 32.86 9.55
N ILE D 399 39.90 33.19 10.71
CA ILE D 399 39.78 34.54 11.26
C ILE D 399 40.90 35.43 10.74
N TYR D 400 42.15 34.94 10.83
CA TYR D 400 43.33 35.68 10.42
C TYR D 400 43.30 36.02 8.92
N LEU D 401 42.65 35.18 8.12
CA LEU D 401 42.55 35.42 6.69
C LEU D 401 41.66 36.62 6.38
N HIS D 402 40.64 36.87 7.20
CA HIS D 402 39.76 38.01 6.98
C HIS D 402 40.21 39.30 7.69
N GLU D 403 41.43 39.28 8.25
CA GLU D 403 42.01 40.43 8.88
C GLU D 403 43.21 40.89 8.06
N MET D 404 44.02 39.95 7.59
CA MET D 404 45.28 40.19 6.90
C MET D 404 45.23 40.84 5.51
N PHE D 405 44.05 41.31 5.07
CA PHE D 405 43.93 41.91 3.75
C PHE D 405 43.49 43.37 3.79
N PRO D 406 43.99 44.19 2.85
CA PRO D 406 43.60 45.60 2.84
C PRO D 406 42.12 45.84 2.59
N SER D 407 41.63 47.00 3.05
CA SER D 407 40.22 47.41 2.96
C SER D 407 39.54 47.14 1.62
N GLU D 408 40.15 47.59 0.50
CA GLU D 408 39.59 47.38 -0.84
C GLU D 408 39.49 45.86 -1.19
N ILE D 409 40.63 45.18 -1.19
CA ILE D 409 40.68 43.78 -1.58
C ILE D 409 40.42 42.83 -0.38
N LYS D 410 39.60 43.28 0.58
CA LYS D 410 39.27 42.49 1.77
C LYS D 410 38.48 41.23 1.41
N ASP D 411 37.44 41.39 0.60
CA ASP D 411 36.56 40.29 0.16
C ASP D 411 37.15 39.49 -1.00
N SER D 412 37.79 40.18 -1.93
CA SER D 412 38.32 39.59 -3.15
C SER D 412 39.50 38.65 -2.94
N ALA D 413 40.52 39.10 -2.18
CA ALA D 413 41.72 38.31 -1.93
C ALA D 413 41.44 37.12 -1.04
N ALA D 414 40.63 37.30 0.00
CA ALA D 414 40.25 36.22 0.89
C ALA D 414 39.54 35.08 0.12
N SER D 415 38.91 35.38 -1.03
CA SER D 415 38.24 34.40 -1.87
C SER D 415 39.28 33.51 -2.55
N LEU D 416 40.32 34.13 -3.09
CA LEU D 416 41.40 33.42 -3.75
C LEU D 416 42.31 32.70 -2.79
N ALA D 417 42.43 33.20 -1.56
CA ALA D 417 43.26 32.55 -0.55
C ALA D 417 42.56 31.26 -0.10
N SER D 418 41.24 31.31 0.13
CA SER D 418 40.48 30.12 0.51
C SER D 418 40.39 29.11 -0.63
N LEU D 419 40.55 29.57 -1.87
CA LEU D 419 40.58 28.72 -3.06
C LEU D 419 41.82 27.82 -2.97
N VAL D 420 42.98 28.42 -2.70
CA VAL D 420 44.24 27.70 -2.54
C VAL D 420 44.14 26.61 -1.49
N ASN D 421 43.38 26.84 -0.39
CA ASN D 421 43.16 25.84 0.67
C ASN D 421 42.51 24.58 0.08
N TRP D 422 41.56 24.74 -0.84
CA TRP D 422 40.91 23.62 -1.47
C TRP D 422 41.71 23.02 -2.62
N VAL D 423 42.61 23.81 -3.21
CA VAL D 423 43.51 23.30 -4.23
C VAL D 423 44.52 22.37 -3.57
N CYS D 424 45.06 22.81 -2.41
CA CYS D 424 46.01 22.06 -1.59
C CYS D 424 45.42 20.80 -1.01
N ALA D 425 44.10 20.76 -0.79
CA ALA D 425 43.44 19.55 -0.29
C ALA D 425 43.63 18.38 -1.28
N ILE D 426 43.63 18.68 -2.59
CA ILE D 426 43.87 17.69 -3.64
C ILE D 426 45.37 17.33 -3.64
N ILE D 427 46.23 18.35 -3.53
CA ILE D 427 47.70 18.27 -3.51
C ILE D 427 48.23 17.48 -2.31
N VAL D 428 47.49 17.46 -1.20
CA VAL D 428 47.95 16.77 -0.01
C VAL D 428 47.30 15.38 0.15
N VAL D 429 45.97 15.29 0.17
CA VAL D 429 45.25 14.02 0.38
C VAL D 429 45.61 12.93 -0.64
N PHE D 430 45.50 13.25 -1.93
CA PHE D 430 45.78 12.31 -3.01
C PHE D 430 47.17 11.63 -2.92
N PRO D 431 48.32 12.35 -2.89
CA PRO D 431 49.62 11.66 -2.79
C PRO D 431 49.82 10.99 -1.44
N SER D 432 49.26 11.55 -0.36
CA SER D 432 49.39 11.00 0.99
C SER D 432 48.97 9.56 1.07
N ASP D 433 47.82 9.20 0.49
CA ASP D 433 47.36 7.82 0.51
C ASP D 433 48.20 6.88 -0.32
N ILE D 434 48.86 7.39 -1.37
CA ILE D 434 49.75 6.59 -2.21
C ILE D 434 51.06 6.33 -1.44
N ILE D 435 51.59 7.38 -0.78
CA ILE D 435 52.83 7.31 -0.01
C ILE D 435 52.66 6.56 1.31
N ILE D 436 51.45 6.56 1.90
CA ILE D 436 51.19 5.79 3.12
C ILE D 436 51.26 4.28 2.82
N LYS D 437 50.78 3.87 1.64
CA LYS D 437 50.79 2.48 1.19
C LYS D 437 52.21 1.98 0.92
N LYS D 438 53.08 2.83 0.34
CA LYS D 438 54.46 2.41 0.04
C LYS D 438 55.43 2.58 1.24
N SER D 439 55.66 3.83 1.70
CA SER D 439 56.60 4.08 2.79
C SER D 439 56.07 5.14 3.78
N PRO D 440 55.56 4.71 4.95
CA PRO D 440 55.03 5.70 5.91
C PRO D 440 56.13 6.54 6.57
N SER D 441 57.37 6.00 6.63
CA SER D 441 58.49 6.71 7.23
C SER D 441 58.77 8.01 6.48
N ILE D 442 58.87 7.96 5.14
CA ILE D 442 59.12 9.15 4.32
C ILE D 442 58.00 10.16 4.46
N LEU D 443 56.76 9.69 4.56
CA LEU D 443 55.59 10.56 4.71
C LEU D 443 55.64 11.42 5.98
N PHE D 444 55.79 10.79 7.15
CA PHE D 444 55.87 11.52 8.41
C PHE D 444 57.11 12.42 8.51
N ILE D 445 58.17 12.10 7.75
CA ILE D 445 59.39 12.91 7.67
C ILE D 445 59.10 14.18 6.86
N VAL D 446 58.48 14.04 5.68
CA VAL D 446 58.12 15.19 4.83
C VAL D 446 57.12 16.10 5.54
N PHE D 447 56.17 15.50 6.28
CA PHE D 447 55.22 16.27 7.05
C PHE D 447 55.90 17.03 8.20
N SER D 448 56.99 16.48 8.76
CA SER D 448 57.78 17.15 9.82
C SER D 448 58.65 18.28 9.25
N VAL D 449 59.06 18.17 7.98
CA VAL D 449 59.80 19.22 7.27
C VAL D 449 58.85 20.40 7.06
N MET D 450 57.59 20.12 6.64
CA MET D 450 56.55 21.15 6.48
C MET D 450 56.14 21.76 7.81
N SER D 451 56.16 20.97 8.89
CA SER D 451 55.87 21.41 10.24
C SER D 451 56.95 22.38 10.75
N ILE D 452 58.20 22.22 10.27
CA ILE D 452 59.31 23.12 10.59
C ILE D 452 59.19 24.37 9.69
N LEU D 453 58.90 24.16 8.40
CA LEU D 453 58.76 25.22 7.41
C LEU D 453 57.65 26.20 7.74
N THR D 454 56.50 25.71 8.20
CA THR D 454 55.36 26.54 8.57
C THR D 454 55.64 27.38 9.80
N PHE D 455 56.27 26.78 10.82
CA PHE D 455 56.62 27.48 12.06
C PHE D 455 57.54 28.66 11.76
N PHE D 456 58.60 28.42 10.98
CA PHE D 456 59.54 29.47 10.61
C PHE D 456 58.97 30.43 9.56
N PHE D 457 57.89 30.06 8.89
CA PHE D 457 57.21 30.92 7.95
C PHE D 457 56.37 31.94 8.74
N ILE D 458 55.66 31.47 9.77
CA ILE D 458 54.83 32.34 10.61
C ILE D 458 55.70 33.29 11.45
N PHE D 459 56.80 32.76 11.97
CA PHE D 459 57.75 33.50 12.79
C PHE D 459 58.48 34.61 12.02
N PHE D 460 58.71 34.41 10.71
CA PHE D 460 59.41 35.41 9.90
C PHE D 460 58.50 36.33 9.07
N PHE D 461 57.34 35.85 8.62
CA PHE D 461 56.49 36.65 7.72
C PHE D 461 55.11 37.04 8.24
N ILE D 462 54.40 36.10 8.86
CA ILE D 462 53.03 36.31 9.32
C ILE D 462 52.92 37.38 10.43
N LYS D 463 52.11 38.41 10.15
CA LYS D 463 51.81 39.54 11.06
C LYS D 463 50.93 39.07 12.24
N GLU D 464 50.61 39.98 13.17
CA GLU D 464 49.71 39.67 14.28
C GLU D 464 48.58 40.70 14.26
N THR D 465 47.32 40.24 14.21
CA THR D 465 46.17 41.13 14.19
C THR D 465 45.22 40.83 15.35
N LYS D 466 44.79 41.86 16.09
CA LYS D 466 43.86 41.67 17.21
C LYS D 466 42.66 42.63 17.14
C1 GLC E . -35.00 -21.98 -11.98
C2 GLC E . -33.56 -21.50 -12.24
C3 GLC E . -33.21 -20.36 -11.30
C4 GLC E . -34.25 -19.25 -11.38
C5 GLC E . -35.64 -19.81 -11.10
C6 GLC E . -36.75 -18.79 -11.24
O1 GLC E . -35.08 -22.68 -10.76
O2 GLC E . -32.63 -22.55 -12.03
O3 GLC E . -31.91 -19.89 -11.62
O4 GLC E . -33.96 -18.22 -10.43
O5 GLC E . -35.92 -20.87 -12.03
O6 GLC E . -38.04 -19.38 -11.03
C2 BGC F . -33.46 -21.63 -11.94
C3 BGC F . -33.23 -20.31 -11.22
C4 BGC F . -34.38 -19.34 -11.48
C5 BGC F . -35.72 -19.98 -11.11
C6 BGC F . -36.91 -19.11 -11.45
C1 BGC F . -34.85 -22.18 -11.57
O1 BGC F . -35.09 -23.33 -12.30
O2 BGC F . -32.47 -22.56 -11.55
O3 BGC F . -32.00 -19.75 -11.65
O4 BGC F . -34.20 -18.15 -10.70
O5 BGC F . -35.86 -21.20 -11.83
O6 BGC F . -38.14 -19.76 -11.11
C1 GLC G . -6.15 -28.21 29.50
C2 GLC G . -7.58 -27.82 29.92
C3 GLC G . -7.91 -26.43 29.38
C4 GLC G . -6.85 -25.42 29.77
C5 GLC G . -5.47 -25.88 29.31
C6 GLC G . -4.35 -24.97 29.75
O1 GLC G . -6.09 -28.52 28.13
O2 GLC G . -8.53 -28.76 29.44
O3 GLC G . -9.19 -26.04 29.87
O4 GLC G . -7.12 -24.14 29.21
O5 GLC G . -5.21 -27.18 29.86
O6 GLC G . -3.06 -25.49 29.43
C2 BGC H . -7.67 -27.84 29.60
C3 BGC H . -7.89 -26.36 29.31
C4 BGC H . -6.73 -25.52 29.82
C5 BGC H . -5.40 -26.05 29.26
C6 BGC H . -4.20 -25.35 29.84
C1 BGC H . -6.32 -28.27 29.06
O1 BGC H . -6.09 -29.60 29.41
O2 BGC H . -8.70 -28.60 28.97
O3 BGC H . -9.11 -25.93 29.91
O4 BGC H . -6.88 -24.16 29.44
O5 BGC H . -5.28 -27.44 29.59
O6 BGC H . -2.98 -25.89 29.34
C1 GLC I . 2.13 27.12 -25.72
C2 GLC I . 1.57 26.57 -24.39
C3 GLC I . 2.25 25.26 -24.04
C4 GLC I . 2.14 24.27 -25.19
C5 GLC I . 2.70 24.88 -26.48
C6 GLC I . 2.55 23.99 -27.68
O1 GLC I . 3.43 27.58 -25.56
O2 GLC I . 1.78 27.49 -23.33
O3 GLC I . 1.64 24.73 -22.86
O4 GLC I . 2.86 23.06 -24.90
O5 GLC I . 2.02 26.12 -26.74
O6 GLC I . 3.09 24.58 -28.86
C2 BGC J . 1.86 26.63 -24.24
C3 BGC J . 2.32 25.18 -24.06
C4 BGC J . 2.09 24.37 -25.32
C5 BGC J . 2.74 25.06 -26.53
C6 BGC J . 2.44 24.37 -27.84
C1 BGC J . 2.53 27.22 -25.48
O1 BGC J . 2.05 28.51 -25.68
O2 BGC J . 2.23 27.38 -23.08
O3 BGC J . 1.61 24.61 -22.97
O4 BGC J . 2.64 23.06 -25.17
O5 BGC J . 2.25 26.40 -26.63
O6 BGC J . 3.06 25.02 -28.93
C1 GLC K . 39.40 23.15 8.72
C2 GLC K . 39.92 22.86 7.30
C3 GLC K . 39.23 21.65 6.71
C4 GLC K . 39.33 20.46 7.67
C5 GLC K . 38.74 20.83 9.03
C6 GLC K . 38.86 19.73 10.06
O1 GLC K . 38.11 23.69 8.66
O2 GLC K . 39.73 23.99 6.45
O3 GLC K . 39.78 21.34 5.44
O4 GLC K . 38.64 19.33 7.15
O5 GLC K . 39.46 21.97 9.53
O6 GLC K . 38.35 20.14 11.32
C2 BGC L . 39.63 22.96 7.17
C3 BGC L . 39.15 21.58 6.72
C4 BGC L . 39.37 20.54 7.81
C5 BGC L . 38.71 20.99 9.11
C6 BGC L . 38.97 20.06 10.27
C1 BGC L . 39.00 23.31 8.51
O1 BGC L . 39.55 24.51 8.97
O2 BGC L . 39.30 23.93 6.20
O3 BGC L . 39.84 21.21 5.53
O4 BGC L . 38.83 19.28 7.43
O5 BGC L . 39.23 22.28 9.48
O6 BGC L . 38.36 20.54 11.47
#